data_4BXK
#
_entry.id   4BXK
#
_cell.length_a   73.142
_cell.length_b   77.255
_cell.length_c   82.866
_cell.angle_alpha   88.43
_cell.angle_beta   64.28
_cell.angle_gamma   75.29
#
_symmetry.space_group_name_H-M   'P 1'
#
loop_
_entity.id
_entity.type
_entity.pdbx_description
1 polymer 'ANGIOTENSIN-CONVERTING ENZYME'
2 branched alpha-L-fucopyranose-(1-6)-2-acetamido-2-deoxy-beta-D-glucopyranose
3 branched 2-acetamido-2-deoxy-beta-D-glucopyranose-(1-4)-2-acetamido-2-deoxy-beta-D-glucopyranose
4 branched beta-D-mannopyranose-(1-4)-2-acetamido-2-deoxy-beta-D-glucopyranose-(1-4)-[alpha-L-fucopyranose-(1-6)]2-acetamido-2-deoxy-beta-D-glucopyranose
5 branched beta-D-mannopyranose-(1-4)-2-acetamido-2-deoxy-beta-D-glucopyranose-(1-4)-2-acetamido-2-deoxy-beta-D-glucopyranose
6 non-polymer DI(HYDROXYETHYL)ETHER
7 non-polymer 'HEXAETHYLENE GLYCOL'
8 non-polymer '[3-[[(2S)-1-azanyl-1-oxidanylidene-propan-2-yl]amino]-2-methyl-3-oxidanylidene-propyl]-[(1R)-1-[[(2R)-2-azanyl-3-(1H-1,2,3,4-tetrazol-5-yl)propanoyl]amino]-2-phenyl-ethyl]phosphinic acid'
9 non-polymer 'ZINC ION'
10 non-polymer 'CHLORIDE ION'
11 non-polymer 'TETRAETHYLENE GLYCOL'
12 non-polymer 2-acetamido-2-deoxy-beta-D-glucopyranose
13 water water
#
_entity_poly.entity_id   1
_entity_poly.type   'polypeptide(L)'
_entity_poly.pdbx_seq_one_letter_code
;LDPGLQPGQFSADEAGAQLFAQSYQSSAEQVLFQSVAASWAHDTNITAENARRQEEAALLSQEFAEAWGQKAKELYEPIW
QQFTDPQLRRIIGAVRTLGSANLPLAKRQQYNALLSQMSRIYSTAKVCLPQKTATCWSLDPDLTNILASSRSYAMLLFAW
EGWHNAAGIPLKPLYEDFTALSNEAYKQDGFTDTGAYWRSWYNSPTFEDDLEHLYQQLEPLYLNLHAFVRRALHRRYGDR
YINLRGPIPAHLLGDMWAQSWENIYDMVVPFPDKPNLDVTSTMLQQGWQATHMFRVAEEFFTSLELSPMPPEFWEGSMLE
KPADGREVVCHASAWDFYNRKDFRIKQCTRVTMDQLSTVHHEMGHIQYYLQYKDLPVSLRRGANPGFHEAIGDVLALSVS
TPEHLHKIGLLDRVTNDTESDINYLLKMALEKIAFLPFGYLVDQWRWGVFSGRTPPSRYNFDWWYLRTKYQGICPPVTRN
ETHFDAGAKFHVPNVTPYIRYFVSFVLQFQFHEALCKEAGYEGPLHQCDIYRSTKAGAKLRKVLRAGSSRPWQEVLKDMV
GLDALDAQPLLKYFQLVTQWLQEQNQQNGEVLGWPEYQWHPPLPDNYPEGIDLVTDEAEASKFVEEYDL
;
_entity_poly.pdbx_strand_id   A,B
#
loop_
_chem_comp.id
_chem_comp.type
_chem_comp.name
_chem_comp.formula
1IU non-polymer '[3-[[(2S)-1-azanyl-1-oxidanylidene-propan-2-yl]amino]-2-methyl-3-oxidanylidene-propyl]-[(1R)-1-[[(2R)-2-azanyl-3-(1H-1,2,3,4-tetrazol-5-yl)propanoyl]amino]-2-phenyl-ethyl]phosphinic acid' 'C19 H29 N8 O5 P'
BMA D-saccharide, beta linking beta-D-mannopyranose 'C6 H12 O6'
CL non-polymer 'CHLORIDE ION' 'Cl -1'
FUC L-saccharide, alpha linking alpha-L-fucopyranose 'C6 H12 O5'
NAG D-saccharide, beta linking 2-acetamido-2-deoxy-beta-D-glucopyranose 'C8 H15 N O6'
P6G non-polymer 'HEXAETHYLENE GLYCOL' 'C12 H26 O7'
PEG non-polymer DI(HYDROXYETHYL)ETHER 'C4 H10 O3'
PG4 non-polymer 'TETRAETHYLENE GLYCOL' 'C8 H18 O5'
ZN non-polymer 'ZINC ION' 'Zn 2'
#
# COMPACT_ATOMS: atom_id res chain seq x y z
N LEU A 1 0.22 21.65 -39.59
CA LEU A 1 1.50 22.27 -39.12
C LEU A 1 2.10 23.16 -40.20
N ASP A 2 2.40 24.41 -39.84
CA ASP A 2 2.99 25.37 -40.77
C ASP A 2 4.32 24.83 -41.29
N PRO A 3 4.58 24.98 -42.61
CA PRO A 3 5.78 24.41 -43.23
C PRO A 3 7.10 24.74 -42.56
N GLY A 4 7.28 26.00 -42.16
CA GLY A 4 8.47 26.42 -41.40
C GLY A 4 8.71 25.63 -40.12
N LEU A 5 7.62 25.17 -39.49
CA LEU A 5 7.68 24.47 -38.21
C LEU A 5 7.89 22.96 -38.35
N GLN A 6 7.91 22.47 -39.59
CA GLN A 6 8.10 21.05 -39.86
C GLN A 6 9.59 20.73 -40.00
N PRO A 7 10.00 19.49 -39.72
CA PRO A 7 11.40 19.09 -39.83
C PRO A 7 11.83 18.73 -41.25
N GLY A 8 13.06 19.12 -41.59
CA GLY A 8 13.68 18.75 -42.86
C GLY A 8 14.41 17.44 -42.74
N GLN A 9 15.55 17.33 -43.43
CA GLN A 9 16.28 16.06 -43.46
C GLN A 9 17.62 16.13 -42.72
N PHE A 10 18.06 14.97 -42.21
CA PHE A 10 19.28 14.83 -41.41
C PHE A 10 19.82 13.43 -41.57
N SER A 11 21.11 13.24 -41.37
CA SER A 11 21.70 11.91 -41.55
C SER A 11 21.38 11.02 -40.34
N ALA A 12 21.27 9.72 -40.60
CA ALA A 12 20.90 8.75 -39.58
C ALA A 12 22.14 8.27 -38.82
N ASP A 13 22.82 9.22 -38.19
CA ASP A 13 23.97 8.90 -37.35
C ASP A 13 24.14 10.01 -36.32
N GLU A 14 25.02 9.80 -35.35
CA GLU A 14 25.24 10.76 -34.26
C GLU A 14 25.48 12.21 -34.74
N ALA A 15 26.30 12.38 -35.76
CA ALA A 15 26.58 13.72 -36.31
C ALA A 15 25.30 14.37 -36.91
N GLY A 16 24.43 13.54 -37.48
CA GLY A 16 23.13 14.01 -37.96
C GLY A 16 22.20 14.33 -36.80
N ALA A 17 22.22 13.45 -35.80
CA ALA A 17 21.48 13.66 -34.56
C ALA A 17 21.79 15.02 -33.94
N GLN A 18 23.03 15.47 -34.03
CA GLN A 18 23.43 16.78 -33.49
C GLN A 18 22.72 17.91 -34.24
N LEU A 19 22.66 17.81 -35.57
CA LEU A 19 22.00 18.84 -36.39
C LEU A 19 20.46 18.80 -36.25
N PHE A 20 19.90 17.59 -36.26
CA PHE A 20 18.49 17.42 -35.93
C PHE A 20 18.15 18.14 -34.64
N ALA A 21 18.99 17.95 -33.62
CA ALA A 21 18.74 18.49 -32.29
C ALA A 21 18.77 20.01 -32.31
N GLN A 22 19.73 20.58 -33.03
CA GLN A 22 19.87 22.03 -33.13
C GLN A 22 18.66 22.67 -33.80
N SER A 23 18.21 22.10 -34.92
CA SER A 23 17.07 22.63 -35.68
C SER A 23 15.73 22.48 -34.92
N TYR A 24 15.57 21.35 -34.24
CA TYR A 24 14.38 21.13 -33.41
C TYR A 24 14.16 22.28 -32.43
N GLN A 25 15.24 22.68 -31.78
CA GLN A 25 15.21 23.73 -30.75
C GLN A 25 14.86 25.10 -31.32
N SER A 26 15.32 25.37 -32.53
CA SER A 26 15.02 26.64 -33.20
C SER A 26 13.52 26.81 -33.45
N SER A 27 12.87 25.77 -33.97
CA SER A 27 11.44 25.79 -34.25
C SER A 27 10.58 25.80 -33.00
N ALA A 28 11.02 25.05 -31.98
CA ALA A 28 10.22 24.84 -30.77
C ALA A 28 9.83 26.12 -30.02
N GLU A 29 10.65 27.17 -30.13
CA GLU A 29 10.40 28.39 -29.35
C GLU A 29 9.07 29.06 -29.64
N GLN A 30 8.71 29.12 -30.92
CA GLN A 30 7.47 29.75 -31.36
C GLN A 30 6.25 28.96 -30.90
N VAL A 31 6.36 27.64 -30.95
CA VAL A 31 5.28 26.73 -30.59
C VAL A 31 5.05 26.77 -29.06
N LEU A 32 6.13 26.75 -28.29
CA LEU A 32 6.07 27.03 -26.86
C LEU A 32 5.49 28.41 -26.57
N PHE A 33 5.91 29.42 -27.33
CA PHE A 33 5.40 30.76 -27.10
C PHE A 33 3.87 30.85 -27.26
N GLN A 34 3.33 30.42 -28.40
CA GLN A 34 1.88 30.52 -28.68
C GLN A 34 1.05 29.71 -27.69
N SER A 35 1.55 28.54 -27.33
CA SER A 35 0.97 27.74 -26.27
C SER A 35 0.87 28.48 -24.93
N VAL A 36 2.00 29.00 -24.45
CA VAL A 36 2.04 29.67 -23.14
C VAL A 36 1.17 30.92 -23.15
N ALA A 37 1.20 31.63 -24.27
CA ALA A 37 0.41 32.85 -24.46
C ALA A 37 -1.08 32.56 -24.42
N ALA A 38 -1.48 31.50 -25.09
CA ALA A 38 -2.88 31.08 -25.07
C ALA A 38 -3.29 30.62 -23.67
N SER A 39 -2.39 29.96 -22.94
CA SER A 39 -2.67 29.59 -21.54
C SER A 39 -2.84 30.82 -20.65
N TRP A 40 -2.00 31.83 -20.85
CA TRP A 40 -2.05 33.05 -20.06
C TRP A 40 -3.38 33.76 -20.24
N ALA A 41 -3.81 33.87 -21.50
CA ALA A 41 -5.05 34.57 -21.84
C ALA A 41 -6.21 33.92 -21.14
N HIS A 42 -6.20 32.60 -21.09
CA HIS A 42 -7.27 31.88 -20.41
C HIS A 42 -7.17 32.00 -18.87
N ASP A 43 -5.99 31.74 -18.31
CA ASP A 43 -5.88 31.69 -16.83
C ASP A 43 -6.07 33.06 -16.14
N THR A 44 -5.86 34.15 -16.87
CA THR A 44 -6.11 35.51 -16.36
C THR A 44 -7.48 36.08 -16.77
N ASN A 45 -8.31 35.27 -17.42
CA ASN A 45 -9.60 35.72 -17.96
C ASN A 45 -10.34 34.47 -18.45
N ILE A 46 -10.96 33.76 -17.52
CA ILE A 46 -11.52 32.46 -17.83
C ILE A 46 -12.84 32.64 -18.56
N THR A 47 -12.83 32.33 -19.85
CA THR A 47 -14.02 32.34 -20.69
C THR A 47 -13.97 31.15 -21.63
N ALA A 48 -15.12 30.76 -22.16
CA ALA A 48 -15.21 29.62 -23.09
C ALA A 48 -14.41 29.87 -24.37
N GLU A 49 -14.41 31.10 -24.85
CA GLU A 49 -13.67 31.43 -26.07
C GLU A 49 -12.17 31.35 -25.83
N ASN A 50 -11.69 31.79 -24.68
CA ASN A 50 -10.26 31.62 -24.35
C ASN A 50 -9.90 30.15 -24.13
N ALA A 51 -10.79 29.37 -23.53
CA ALA A 51 -10.56 27.93 -23.36
C ALA A 51 -10.40 27.23 -24.73
N ARG A 52 -11.20 27.66 -25.71
CA ARG A 52 -11.18 27.06 -27.04
C ARG A 52 -9.87 27.35 -27.75
N ARG A 53 -9.41 28.59 -27.63
CA ARG A 53 -8.11 29.01 -28.18
C ARG A 53 -6.96 28.24 -27.56
N GLN A 54 -7.06 27.95 -26.27
CA GLN A 54 -6.04 27.19 -25.56
C GLN A 54 -6.04 25.72 -26.01
N GLU A 55 -7.22 25.16 -26.25
CA GLU A 55 -7.31 23.80 -26.77
C GLU A 55 -6.75 23.71 -28.17
N GLU A 56 -7.02 24.73 -28.99
CA GLU A 56 -6.43 24.80 -30.35
C GLU A 56 -4.90 24.92 -30.27
N ALA A 57 -4.41 25.69 -29.30
CA ALA A 57 -2.96 25.88 -29.16
C ALA A 57 -2.26 24.59 -28.74
N ALA A 58 -2.92 23.83 -27.87
CA ALA A 58 -2.41 22.54 -27.41
C ALA A 58 -2.36 21.52 -28.54
N LEU A 59 -3.42 21.49 -29.36
CA LEU A 59 -3.45 20.65 -30.57
C LEU A 59 -2.25 20.93 -31.47
N LEU A 60 -1.95 22.21 -31.66
CA LEU A 60 -0.83 22.58 -32.52
C LEU A 60 0.49 22.07 -31.94
N SER A 61 0.67 22.19 -30.62
CA SER A 61 1.87 21.69 -29.96
C SER A 61 2.00 20.17 -30.10
N GLN A 62 0.87 19.47 -30.10
CA GLN A 62 0.88 18.01 -30.29
C GLN A 62 1.26 17.65 -31.72
N GLU A 63 0.75 18.41 -32.69
CA GLU A 63 1.17 18.28 -34.10
C GLU A 63 2.68 18.38 -34.24
N PHE A 64 3.23 19.43 -33.63
CA PHE A 64 4.67 19.69 -33.62
C PHE A 64 5.44 18.55 -33.02
N ALA A 65 5.04 18.15 -31.81
CA ALA A 65 5.70 17.08 -31.11
C ALA A 65 5.61 15.77 -31.87
N GLU A 66 4.51 15.58 -32.60
CA GLU A 66 4.37 14.42 -33.47
C GLU A 66 5.38 14.43 -34.61
N ALA A 67 5.42 15.52 -35.37
CA ALA A 67 6.30 15.60 -36.55
C ALA A 67 7.78 15.33 -36.18
N TRP A 68 8.28 16.05 -35.19
CA TRP A 68 9.68 15.93 -34.77
C TRP A 68 9.94 14.63 -34.01
N GLY A 69 8.97 14.22 -33.20
CA GLY A 69 9.06 12.95 -32.47
C GLY A 69 9.25 11.78 -33.39
N GLN A 70 8.35 11.64 -34.36
CA GLN A 70 8.42 10.55 -35.33
C GLN A 70 9.67 10.62 -36.17
N LYS A 71 10.17 11.83 -36.39
CA LYS A 71 11.37 12.02 -37.18
C LYS A 71 12.58 11.45 -36.41
N ALA A 72 12.71 11.80 -35.14
CA ALA A 72 13.77 11.26 -34.27
C ALA A 72 13.77 9.74 -34.21
N LYS A 73 12.59 9.15 -34.13
CA LYS A 73 12.47 7.69 -34.11
C LYS A 73 12.74 7.07 -35.48
N GLU A 74 12.38 7.78 -36.55
CA GLU A 74 12.71 7.35 -37.90
C GLU A 74 14.23 7.23 -38.06
N LEU A 75 14.97 8.21 -37.56
CA LEU A 75 16.40 8.27 -37.78
C LEU A 75 17.21 7.53 -36.70
N TYR A 76 16.80 7.65 -35.43
CA TYR A 76 17.70 7.34 -34.30
C TYR A 76 17.23 6.28 -33.28
N GLU A 77 16.05 5.71 -33.45
CA GLU A 77 15.49 4.85 -32.41
C GLU A 77 16.41 3.68 -32.04
N PRO A 78 16.85 2.89 -33.03
CA PRO A 78 17.70 1.77 -32.66
C PRO A 78 19.15 2.13 -32.26
N ILE A 79 19.52 3.41 -32.30
CA ILE A 79 20.91 3.82 -32.15
C ILE A 79 21.21 4.97 -31.19
N TRP A 80 20.19 5.67 -30.69
CA TRP A 80 20.43 6.88 -29.90
C TRP A 80 20.94 6.59 -28.47
N GLN A 81 20.65 5.39 -27.97
CA GLN A 81 21.05 5.00 -26.61
C GLN A 81 22.53 4.68 -26.47
N GLN A 82 23.21 4.39 -27.59
CA GLN A 82 24.66 4.18 -27.60
C GLN A 82 25.41 5.38 -28.19
N PHE A 83 24.75 6.55 -28.22
CA PHE A 83 25.39 7.78 -28.67
C PHE A 83 26.44 8.22 -27.65
N THR A 84 27.57 8.74 -28.12
CA THR A 84 28.69 9.10 -27.23
C THR A 84 28.42 10.36 -26.39
N ASP A 85 27.70 11.33 -26.96
CA ASP A 85 27.43 12.60 -26.25
C ASP A 85 26.21 12.41 -25.32
N PRO A 86 26.42 12.38 -23.99
CA PRO A 86 25.27 12.17 -23.07
C PRO A 86 24.21 13.29 -23.07
N GLN A 87 24.64 14.54 -23.34
N GLN A 87 24.64 14.54 -23.34
CA GLN A 87 23.71 15.68 -23.44
CA GLN A 87 23.72 15.67 -23.45
C GLN A 87 22.78 15.54 -24.65
C GLN A 87 22.77 15.53 -24.64
N LEU A 88 23.26 14.88 -25.71
CA LEU A 88 22.45 14.59 -26.89
C LEU A 88 21.42 13.54 -26.52
N ARG A 89 21.89 12.46 -25.89
CA ARG A 89 20.99 11.35 -25.51
C ARG A 89 19.79 11.84 -24.70
N ARG A 90 19.97 12.95 -23.99
CA ARG A 90 18.91 13.56 -23.19
C ARG A 90 17.83 14.23 -24.02
N ILE A 91 18.22 14.90 -25.11
CA ILE A 91 17.25 15.61 -25.97
C ILE A 91 16.58 14.66 -26.95
N ILE A 92 17.39 13.85 -27.61
CA ILE A 92 16.84 12.85 -28.49
C ILE A 92 16.01 11.85 -27.69
N GLY A 93 16.44 11.55 -26.47
CA GLY A 93 15.63 10.81 -25.52
C GLY A 93 14.27 11.46 -25.28
N ALA A 94 14.29 12.78 -25.06
CA ALA A 94 13.06 13.57 -24.92
C ALA A 94 12.24 13.61 -26.22
N VAL A 95 12.84 14.09 -27.30
CA VAL A 95 12.10 14.32 -28.56
C VAL A 95 11.41 13.05 -29.03
N ARG A 96 12.01 11.89 -28.79
CA ARG A 96 11.36 10.60 -29.12
C ARG A 96 10.20 10.22 -28.18
N THR A 97 9.96 11.03 -27.15
CA THR A 97 8.87 10.82 -26.17
C THR A 97 7.72 11.77 -26.53
N LEU A 98 6.66 11.21 -27.12
CA LEU A 98 5.59 12.04 -27.69
C LEU A 98 4.53 12.46 -26.68
N GLY A 99 4.29 11.63 -25.66
CA GLY A 99 3.28 11.93 -24.67
C GLY A 99 1.92 11.88 -25.32
N SER A 100 1.06 12.85 -25.00
CA SER A 100 -0.30 12.90 -25.53
C SER A 100 -0.36 12.93 -27.06
N ALA A 101 0.72 13.40 -27.69
CA ALA A 101 0.81 13.39 -29.14
C ALA A 101 0.86 11.97 -29.73
N ASN A 102 1.00 10.94 -28.89
CA ASN A 102 0.79 9.54 -29.33
C ASN A 102 -0.66 9.19 -29.55
N LEU A 103 -1.56 10.00 -29.01
CA LEU A 103 -2.98 9.74 -29.15
C LEU A 103 -3.45 10.09 -30.54
N PRO A 104 -4.37 9.27 -31.10
CA PRO A 104 -4.96 9.71 -32.36
C PRO A 104 -5.74 11.01 -32.14
N LEU A 105 -6.06 11.69 -33.23
CA LEU A 105 -6.65 13.03 -33.17
C LEU A 105 -7.87 13.16 -32.23
N ALA A 106 -8.85 12.27 -32.37
CA ALA A 106 -10.07 12.37 -31.58
C ALA A 106 -9.76 12.31 -30.08
N LYS A 107 -8.80 11.46 -29.70
CA LYS A 107 -8.43 11.35 -28.31
C LYS A 107 -7.56 12.51 -27.86
N ARG A 108 -6.77 13.09 -28.76
CA ARG A 108 -6.03 14.32 -28.42
C ARG A 108 -7.00 15.41 -28.02
N GLN A 109 -8.04 15.58 -28.82
CA GLN A 109 -9.07 16.58 -28.56
C GLN A 109 -9.80 16.27 -27.24
N GLN A 110 -10.10 15.01 -26.99
CA GLN A 110 -10.69 14.58 -25.73
C GLN A 110 -9.77 14.88 -24.53
N TYR A 111 -8.47 14.64 -24.69
CA TYR A 111 -7.48 14.89 -23.65
C TYR A 111 -7.40 16.37 -23.30
N ASN A 112 -7.28 17.19 -24.35
CA ASN A 112 -7.19 18.63 -24.20
C ASN A 112 -8.44 19.22 -23.57
N ALA A 113 -9.61 18.74 -23.99
CA ALA A 113 -10.87 19.23 -23.41
C ALA A 113 -10.99 18.85 -21.94
N LEU A 114 -10.52 17.66 -21.58
CA LEU A 114 -10.56 17.24 -20.17
C LEU A 114 -9.69 18.15 -19.28
N LEU A 115 -8.44 18.41 -19.67
CA LEU A 115 -7.58 19.32 -18.89
C LEU A 115 -8.23 20.69 -18.73
N SER A 116 -8.84 21.17 -19.82
CA SER A 116 -9.52 22.46 -19.82
C SER A 116 -10.69 22.47 -18.86
N GLN A 117 -11.55 21.45 -18.93
CA GLN A 117 -12.73 21.35 -18.05
C GLN A 117 -12.37 21.18 -16.57
N MET A 118 -11.37 20.34 -16.28
CA MET A 118 -10.95 20.09 -14.87
C MET A 118 -10.40 21.36 -14.22
N SER A 119 -9.54 22.04 -14.95
CA SER A 119 -8.98 23.32 -14.53
C SER A 119 -10.07 24.39 -14.26
N ARG A 120 -11.05 24.49 -15.17
CA ARG A 120 -12.17 25.43 -15.00
C ARG A 120 -13.00 25.08 -13.79
N ILE A 121 -13.26 23.80 -13.59
CA ILE A 121 -14.04 23.37 -12.43
C ILE A 121 -13.33 23.76 -11.14
N TYR A 122 -12.05 23.45 -11.01
CA TYR A 122 -11.33 23.77 -9.79
C TYR A 122 -11.31 25.28 -9.54
N SER A 123 -11.04 26.08 -10.57
CA SER A 123 -10.83 27.51 -10.39
C SER A 123 -12.11 28.36 -10.35
N THR A 124 -13.27 27.81 -10.72
CA THR A 124 -14.52 28.57 -10.67
C THR A 124 -15.50 28.03 -9.64
N ALA A 125 -15.13 26.97 -8.92
CA ALA A 125 -16.00 26.40 -7.90
C ALA A 125 -16.19 27.38 -6.75
N LYS A 126 -17.38 27.35 -6.18
CA LYS A 126 -17.78 28.28 -5.15
C LYS A 126 -18.59 27.55 -4.09
N VAL A 127 -18.55 28.06 -2.86
CA VAL A 127 -19.40 27.61 -1.77
C VAL A 127 -20.44 28.69 -1.47
N CYS A 128 -21.73 28.38 -1.62
CA CYS A 128 -22.79 29.37 -1.46
C CYS A 128 -23.49 29.22 -0.10
N LEU A 129 -23.85 30.35 0.51
CA LEU A 129 -24.32 30.38 1.91
C LEU A 129 -25.83 30.15 2.02
N THR A 133 -28.58 30.92 0.74
CA THR A 133 -28.98 32.27 0.32
C THR A 133 -28.34 32.63 -1.03
N ALA A 134 -28.29 33.92 -1.33
CA ALA A 134 -27.86 34.40 -2.66
C ALA A 134 -26.36 34.25 -2.95
N THR A 135 -25.53 34.57 -1.97
CA THR A 135 -24.10 34.85 -2.19
C THR A 135 -23.17 33.65 -2.02
N CYS A 136 -21.99 33.73 -2.67
CA CYS A 136 -21.05 32.60 -2.72
C CYS A 136 -19.59 32.99 -2.47
N TRP A 137 -18.85 32.09 -1.82
CA TRP A 137 -17.45 32.31 -1.52
C TRP A 137 -16.55 31.53 -2.48
N SER A 138 -15.48 32.18 -2.94
CA SER A 138 -14.45 31.52 -3.74
C SER A 138 -13.36 31.03 -2.81
N LEU A 139 -12.49 30.15 -3.31
CA LEU A 139 -11.40 29.63 -2.49
C LEU A 139 -10.46 30.73 -2.04
N ASP A 140 -10.06 31.57 -2.98
CA ASP A 140 -9.09 32.60 -2.70
C ASP A 140 -9.74 33.91 -3.14
N PRO A 141 -9.98 34.86 -2.19
CA PRO A 141 -9.56 34.92 -0.79
C PRO A 141 -10.50 34.34 0.28
N ASP A 142 -11.78 34.14 -0.02
CA ASP A 142 -12.78 33.95 1.04
C ASP A 142 -12.57 32.71 1.94
N LEU A 143 -12.55 31.52 1.35
CA LEU A 143 -12.41 30.28 2.16
C LEU A 143 -11.01 30.18 2.81
N THR A 144 -10.00 30.68 2.10
CA THR A 144 -8.65 30.76 2.63
C THR A 144 -8.56 31.55 3.92
N ASN A 145 -9.21 32.72 3.93
CA ASN A 145 -9.24 33.58 5.11
C ASN A 145 -10.05 32.98 6.27
N ILE A 146 -11.13 32.27 5.95
CA ILE A 146 -11.88 31.52 6.97
C ILE A 146 -11.00 30.43 7.62
N LEU A 147 -10.39 29.58 6.81
CA LEU A 147 -9.53 28.51 7.36
C LEU A 147 -8.38 29.09 8.20
N ALA A 148 -7.89 30.26 7.81
CA ALA A 148 -6.74 30.91 8.45
C ALA A 148 -7.04 31.63 9.78
N SER A 149 -8.23 32.22 9.91
CA SER A 149 -8.53 33.14 11.01
C SER A 149 -9.85 32.89 11.75
N SER A 150 -10.70 32.02 11.24
CA SER A 150 -11.82 31.55 12.05
C SER A 150 -11.27 30.52 13.05
N ARG A 151 -11.79 30.58 14.28
CA ARG A 151 -11.49 29.60 15.31
C ARG A 151 -12.78 28.95 15.78
N SER A 152 -13.80 29.07 14.95
CA SER A 152 -15.12 28.52 15.21
C SER A 152 -15.20 27.16 14.53
N TYR A 153 -15.36 26.10 15.32
CA TYR A 153 -15.32 24.73 14.79
C TYR A 153 -16.32 24.55 13.65
N ALA A 154 -17.56 25.02 13.84
CA ALA A 154 -18.64 24.89 12.84
C ALA A 154 -18.39 25.67 11.56
N MET A 155 -17.88 26.88 11.70
CA MET A 155 -17.60 27.72 10.53
C MET A 155 -16.51 27.09 9.66
N LEU A 156 -15.41 26.69 10.30
CA LEU A 156 -14.30 26.02 9.61
C LEU A 156 -14.78 24.75 8.90
N LEU A 157 -15.68 24.01 9.56
CA LEU A 157 -16.24 22.79 8.98
C LEU A 157 -17.12 23.07 7.77
N PHE A 158 -17.90 24.15 7.82
CA PHE A 158 -18.73 24.54 6.69
C PHE A 158 -17.85 24.91 5.49
N ALA A 159 -16.74 25.60 5.73
CA ALA A 159 -15.81 25.94 4.65
C ALA A 159 -15.08 24.70 4.12
N TRP A 160 -14.62 23.84 5.01
CA TRP A 160 -13.87 22.62 4.59
C TRP A 160 -14.75 21.71 3.77
N GLU A 161 -15.92 21.40 4.32
CA GLU A 161 -16.86 20.51 3.66
C GLU A 161 -17.36 21.08 2.35
N GLY A 162 -17.70 22.36 2.37
CA GLY A 162 -18.21 23.05 1.19
C GLY A 162 -17.23 22.98 0.03
N TRP A 163 -15.99 23.36 0.28
CA TRP A 163 -14.98 23.35 -0.78
C TRP A 163 -14.71 21.92 -1.33
N HIS A 164 -14.53 20.94 -0.45
CA HIS A 164 -14.22 19.58 -0.88
C HIS A 164 -15.36 19.00 -1.72
N ASN A 165 -16.60 19.23 -1.30
CA ASN A 165 -17.76 18.87 -2.13
C ASN A 165 -17.89 19.65 -3.46
N ALA A 166 -17.70 20.97 -3.42
CA ALA A 166 -17.85 21.79 -4.62
C ALA A 166 -16.84 21.39 -5.69
N ALA A 167 -15.57 21.31 -5.31
CA ALA A 167 -14.50 20.98 -6.25
C ALA A 167 -14.40 19.49 -6.54
N GLY A 168 -14.38 18.67 -5.49
CA GLY A 168 -14.15 17.23 -5.63
C GLY A 168 -15.19 16.48 -6.43
N ILE A 169 -16.47 16.64 -6.08
CA ILE A 169 -17.48 15.74 -6.62
C ILE A 169 -17.59 15.81 -8.16
N PRO A 170 -17.75 17.01 -8.74
CA PRO A 170 -17.80 17.06 -10.23
C PRO A 170 -16.52 16.69 -10.98
N LEU A 171 -15.37 16.69 -10.31
CA LEU A 171 -14.12 16.36 -10.97
C LEU A 171 -13.94 14.87 -11.26
N LYS A 172 -14.57 14.03 -10.46
CA LYS A 172 -14.20 12.62 -10.43
C LYS A 172 -14.37 11.92 -11.79
N PRO A 173 -15.55 12.05 -12.43
CA PRO A 173 -15.68 11.34 -13.72
C PRO A 173 -14.66 11.80 -14.77
N LEU A 174 -14.29 13.08 -14.75
CA LEU A 174 -13.30 13.59 -15.68
C LEU A 174 -11.90 13.06 -15.37
N TYR A 175 -11.59 12.92 -14.08
CA TYR A 175 -10.26 12.49 -13.67
C TYR A 175 -9.97 11.06 -14.08
N GLU A 176 -11.01 10.22 -14.06
CA GLU A 176 -10.90 8.84 -14.52
C GLU A 176 -10.56 8.78 -16.01
N ASP A 177 -11.26 9.58 -16.81
CA ASP A 177 -11.04 9.59 -18.25
C ASP A 177 -9.64 10.09 -18.59
N PHE A 178 -9.23 11.16 -17.90
CA PHE A 178 -7.89 11.68 -18.04
C PHE A 178 -6.83 10.63 -17.76
N THR A 179 -6.98 9.88 -16.66
CA THR A 179 -5.96 8.90 -16.26
C THR A 179 -5.77 7.81 -17.30
N ALA A 180 -6.87 7.31 -17.84
CA ALA A 180 -6.83 6.30 -18.91
C ALA A 180 -6.19 6.82 -20.21
N LEU A 181 -6.55 8.03 -20.61
CA LEU A 181 -5.95 8.64 -21.80
C LEU A 181 -4.47 8.98 -21.54
N SER A 182 -4.14 9.44 -20.34
CA SER A 182 -2.75 9.76 -20.01
C SER A 182 -1.86 8.52 -20.10
N ASN A 183 -2.33 7.42 -19.50
CA ASN A 183 -1.58 6.16 -19.50
C ASN A 183 -1.44 5.62 -20.91
N GLU A 184 -2.54 5.63 -21.66
CA GLU A 184 -2.51 5.15 -23.02
C GLU A 184 -1.41 5.87 -23.82
N ALA A 185 -1.33 7.19 -23.66
CA ALA A 185 -0.32 8.00 -24.35
C ALA A 185 1.12 7.61 -23.96
N TYR A 186 1.41 7.59 -22.67
CA TYR A 186 2.78 7.29 -22.21
C TYR A 186 3.17 5.81 -22.31
N LYS A 187 2.18 4.92 -22.38
CA LYS A 187 2.47 3.51 -22.59
C LYS A 187 3.13 3.28 -23.95
N GLN A 188 2.79 4.11 -24.93
CA GLN A 188 3.39 4.02 -26.25
C GLN A 188 4.78 4.66 -26.33
N ASP A 189 5.22 5.35 -25.30
CA ASP A 189 6.59 5.84 -25.20
C ASP A 189 7.50 4.84 -24.49
N GLY A 190 6.92 3.75 -23.97
CA GLY A 190 7.68 2.68 -23.29
C GLY A 190 7.54 2.62 -21.77
N PHE A 191 6.88 3.61 -21.17
CA PHE A 191 6.63 3.61 -19.74
C PHE A 191 5.43 2.72 -19.43
N THR A 192 5.49 2.01 -18.30
CA THR A 192 4.35 1.21 -17.84
C THR A 192 3.12 2.10 -17.58
N ASP A 193 3.34 3.31 -17.05
CA ASP A 193 2.26 4.27 -16.82
C ASP A 193 2.82 5.67 -16.65
N THR A 194 1.94 6.66 -16.67
CA THR A 194 2.32 8.06 -16.50
C THR A 194 3.17 8.27 -15.24
N GLY A 195 2.85 7.60 -14.15
CA GLY A 195 3.63 7.72 -12.91
C GLY A 195 5.10 7.33 -13.07
N ALA A 196 5.36 6.26 -13.82
CA ALA A 196 6.72 5.91 -14.15
C ALA A 196 7.41 7.03 -14.94
N TYR A 197 6.69 7.63 -15.87
CA TYR A 197 7.26 8.73 -16.66
C TYR A 197 7.64 9.90 -15.76
N TRP A 198 6.74 10.29 -14.86
CA TRP A 198 6.99 11.41 -13.94
C TRP A 198 8.22 11.16 -13.05
N ARG A 199 8.38 9.93 -12.55
CA ARG A 199 9.52 9.56 -11.73
C ARG A 199 10.86 9.60 -12.47
N SER A 200 10.85 9.26 -13.76
CA SER A 200 12.09 9.21 -14.55
C SER A 200 12.78 10.57 -14.71
N TRP A 201 12.09 11.66 -14.40
CA TRP A 201 12.72 12.98 -14.39
C TRP A 201 13.85 13.09 -13.37
N TYR A 202 13.77 12.32 -12.29
CA TYR A 202 14.80 12.36 -11.24
C TYR A 202 15.99 11.47 -11.55
N ASN A 203 15.89 10.72 -12.65
CA ASN A 203 16.93 9.80 -13.09
CA ASN A 203 16.90 9.75 -13.08
C ASN A 203 17.74 9.23 -11.93
N SER A 204 17.05 8.47 -11.08
CA SER A 204 17.65 7.72 -9.98
C SER A 204 16.98 6.36 -10.06
N PRO A 205 17.76 5.30 -10.27
CA PRO A 205 17.09 3.98 -10.36
C PRO A 205 16.47 3.54 -9.04
N THR A 206 16.81 4.22 -7.95
CA THR A 206 16.36 3.84 -6.62
C THR A 206 15.53 4.96 -5.91
N PHE A 207 14.92 5.84 -6.71
CA PHE A 207 14.21 7.03 -6.23
C PHE A 207 13.23 6.78 -5.07
N GLU A 208 12.36 5.78 -5.22
CA GLU A 208 11.33 5.52 -4.21
C GLU A 208 11.89 5.06 -2.86
N ASP A 209 12.94 4.25 -2.88
CA ASP A 209 13.62 3.85 -1.66
C ASP A 209 14.41 4.99 -1.00
N ASP A 210 14.99 5.86 -1.80
CA ASP A 210 15.70 7.04 -1.28
C ASP A 210 14.75 7.98 -0.58
N LEU A 211 13.56 8.16 -1.16
CA LEU A 211 12.53 9.01 -0.59
C LEU A 211 12.04 8.47 0.76
N GLU A 212 11.81 7.16 0.82
CA GLU A 212 11.34 6.50 2.04
C GLU A 212 12.38 6.57 3.17
N HIS A 213 13.66 6.34 2.84
CA HIS A 213 14.73 6.46 3.84
CA HIS A 213 14.78 6.48 3.79
C HIS A 213 14.85 7.90 4.34
N LEU A 214 14.59 8.88 3.48
CA LEU A 214 14.54 10.28 3.92
C LEU A 214 13.37 10.50 4.85
N TYR A 215 12.19 10.08 4.43
CA TYR A 215 11.03 10.29 5.28
C TYR A 215 11.21 9.65 6.69
N GLN A 216 11.85 8.49 6.79
CA GLN A 216 12.06 7.83 8.08
C GLN A 216 12.89 8.64 9.07
N GLN A 217 13.85 9.40 8.56
CA GLN A 217 14.63 10.32 9.38
C GLN A 217 13.81 11.51 9.88
N LEU A 218 12.85 11.94 9.07
CA LEU A 218 12.10 13.18 9.34
C LEU A 218 10.89 12.94 10.19
N GLU A 219 10.35 11.73 10.13
CA GLU A 219 9.06 11.41 10.75
C GLU A 219 9.03 11.64 12.27
N PRO A 220 10.12 11.31 12.99
CA PRO A 220 10.08 11.66 14.41
C PRO A 220 9.88 13.18 14.66
N LEU A 221 10.39 14.04 13.77
CA LEU A 221 10.21 15.48 13.96
C LEU A 221 8.75 15.87 13.80
N TYR A 222 8.08 15.22 12.85
CA TYR A 222 6.65 15.48 12.64
C TYR A 222 5.79 14.95 13.77
N LEU A 223 6.06 13.72 14.21
CA LEU A 223 5.26 13.13 15.29
C LEU A 223 5.27 14.02 16.53
N ASN A 224 6.44 14.52 16.90
CA ASN A 224 6.53 15.42 18.05
C ASN A 224 5.86 16.77 17.84
N LEU A 225 5.95 17.34 16.61
CA LEU A 225 5.27 18.60 16.32
C LEU A 225 3.77 18.39 16.39
N HIS A 226 3.32 17.30 15.77
CA HIS A 226 1.92 16.88 15.76
C HIS A 226 1.33 16.77 17.16
N ALA A 227 2.05 16.12 18.07
CA ALA A 227 1.53 15.89 19.43
C ALA A 227 1.41 17.18 20.21
N PHE A 228 2.43 18.01 20.11
CA PHE A 228 2.44 19.31 20.76
C PHE A 228 1.28 20.16 20.26
N VAL A 229 1.10 20.19 18.94
CA VAL A 229 0.02 20.95 18.35
C VAL A 229 -1.35 20.39 18.75
N ARG A 230 -1.50 19.08 18.70
CA ARG A 230 -2.77 18.44 19.09
C ARG A 230 -3.17 18.86 20.52
N ARG A 231 -2.19 18.88 21.41
CA ARG A 231 -2.40 19.32 22.79
C ARG A 231 -2.87 20.78 22.85
N ALA A 232 -2.30 21.65 22.01
CA ALA A 232 -2.67 23.07 22.03
C ALA A 232 -4.11 23.25 21.59
N LEU A 233 -4.49 22.53 20.54
CA LEU A 233 -5.87 22.51 20.04
C LEU A 233 -6.87 21.98 21.08
N HIS A 234 -6.49 20.92 21.78
CA HIS A 234 -7.35 20.34 22.81
C HIS A 234 -7.74 21.39 23.85
N ARG A 235 -6.79 22.26 24.19
CA ARG A 235 -7.04 23.35 25.14
C ARG A 235 -8.01 24.41 24.62
N ARG A 236 -8.10 24.60 23.31
CA ARG A 236 -9.06 25.56 22.73
C ARG A 236 -10.41 24.94 22.40
N TYR A 237 -10.39 23.70 21.91
CA TYR A 237 -11.59 23.09 21.34
C TYR A 237 -12.28 22.10 22.29
N GLY A 238 -11.51 21.52 23.20
CA GLY A 238 -12.06 20.66 24.22
C GLY A 238 -11.99 19.18 23.91
N ASP A 239 -12.39 18.39 24.89
CA ASP A 239 -12.25 16.95 24.90
C ASP A 239 -13.21 16.25 23.92
N ARG A 240 -14.23 16.96 23.47
CA ARG A 240 -15.22 16.42 22.55
C ARG A 240 -14.73 16.42 21.10
N TYR A 241 -14.15 17.53 20.65
CA TYR A 241 -13.70 17.70 19.27
C TYR A 241 -12.23 17.32 18.98
N ILE A 242 -11.44 17.12 20.04
CA ILE A 242 -10.03 16.73 19.90
C ILE A 242 -9.74 15.51 20.78
N ASN A 243 -9.17 14.49 20.18
CA ASN A 243 -8.79 13.26 20.86
C ASN A 243 -7.28 13.22 21.03
N LEU A 244 -6.80 13.26 22.27
CA LEU A 244 -5.35 13.32 22.51
C LEU A 244 -4.59 12.07 22.10
N ARG A 245 -5.31 11.01 21.75
CA ARG A 245 -4.67 9.79 21.28
C ARG A 245 -5.10 9.41 19.87
N GLY A 246 -5.81 10.32 19.20
CA GLY A 246 -6.33 10.08 17.87
C GLY A 246 -5.81 11.10 16.86
N PRO A 247 -6.27 11.01 15.62
CA PRO A 247 -5.89 11.99 14.60
C PRO A 247 -6.59 13.35 14.80
N ILE A 248 -6.00 14.41 14.26
CA ILE A 248 -6.56 15.76 14.36
C ILE A 248 -7.56 15.98 13.21
N PRO A 249 -8.73 16.56 13.50
CA PRO A 249 -9.65 16.92 12.42
C PRO A 249 -8.98 17.86 11.40
N ALA A 250 -9.14 17.53 10.11
CA ALA A 250 -8.34 18.14 9.03
C ALA A 250 -8.59 19.63 8.75
N HIS A 251 -9.54 20.22 9.45
CA HIS A 251 -9.96 21.59 9.21
C HIS A 251 -9.50 22.59 10.27
N LEU A 252 -8.79 22.13 11.30
CA LEU A 252 -8.41 22.97 12.44
C LEU A 252 -6.94 23.47 12.42
N LEU A 253 -6.22 23.25 11.33
CA LEU A 253 -4.79 23.53 11.29
C LEU A 253 -4.42 24.80 10.53
N GLY A 254 -5.42 25.59 10.13
CA GLY A 254 -5.18 26.92 9.54
C GLY A 254 -5.19 26.96 8.01
N ASP A 255 -5.33 25.78 7.41
CA ASP A 255 -5.10 25.57 5.97
C ASP A 255 -6.11 24.54 5.47
N MET A 256 -6.64 24.77 4.27
CA MET A 256 -7.67 23.90 3.69
C MET A 256 -7.18 22.45 3.53
N TRP A 257 -5.87 22.27 3.33
CA TRP A 257 -5.28 20.93 3.14
C TRP A 257 -4.48 20.47 4.36
N ALA A 258 -4.49 21.29 5.41
CA ALA A 258 -3.64 21.09 6.58
C ALA A 258 -2.18 20.86 6.18
N GLN A 259 -1.74 21.59 5.15
CA GLN A 259 -0.42 21.39 4.58
C GLN A 259 0.61 22.35 5.14
N SER A 260 0.16 23.50 5.61
CA SER A 260 0.99 24.43 6.38
C SER A 260 0.23 24.81 7.65
N TRP A 261 0.91 24.80 8.78
CA TRP A 261 0.24 25.13 10.04
C TRP A 261 0.58 26.55 10.60
N GLU A 262 1.17 27.40 9.77
CA GLU A 262 1.58 28.75 10.20
C GLU A 262 0.47 29.62 10.81
N ASN A 263 -0.77 29.44 10.37
CA ASN A 263 -1.88 30.29 10.80
C ASN A 263 -2.34 30.05 12.22
N ILE A 264 -1.99 28.89 12.78
CA ILE A 264 -2.31 28.64 14.18
C ILE A 264 -1.11 28.87 15.11
N TYR A 265 -0.09 29.59 14.63
CA TYR A 265 1.06 29.96 15.46
C TYR A 265 0.67 30.56 16.84
N ASP A 266 -0.33 31.43 16.87
CA ASP A 266 -0.72 32.09 18.12
C ASP A 266 -1.25 31.14 19.19
N MET A 267 -1.78 29.99 18.77
CA MET A 267 -2.25 28.98 19.72
C MET A 267 -1.14 28.09 20.27
N VAL A 268 -0.01 28.03 19.56
CA VAL A 268 1.06 27.10 19.90
C VAL A 268 2.36 27.79 20.33
N VAL A 269 2.47 29.10 20.17
CA VAL A 269 3.70 29.81 20.48
C VAL A 269 4.08 29.61 21.95
N PRO A 270 5.22 28.98 22.24
CA PRO A 270 5.55 28.62 23.62
C PRO A 270 5.82 29.77 24.57
N PHE A 271 6.35 30.88 24.07
CA PHE A 271 6.70 32.00 24.93
C PHE A 271 6.09 33.29 24.39
N PRO A 272 4.77 33.50 24.61
CA PRO A 272 4.04 34.67 24.06
C PRO A 272 4.52 36.04 24.50
N ASP A 273 5.34 36.12 25.54
CA ASP A 273 5.83 37.40 26.05
C ASP A 273 7.02 37.94 25.25
N LYS A 274 7.58 37.15 24.33
CA LYS A 274 8.73 37.59 23.51
C LYS A 274 8.20 38.32 22.28
N PRO A 275 9.08 38.82 21.40
CA PRO A 275 8.56 39.52 20.23
C PRO A 275 7.64 38.64 19.38
N ASN A 276 6.60 39.24 18.83
CA ASN A 276 5.64 38.51 18.02
C ASN A 276 6.20 38.28 16.63
N LEU A 277 6.58 37.03 16.34
CA LEU A 277 7.29 36.71 15.10
C LEU A 277 6.40 36.69 13.87
N ASP A 278 5.09 36.59 14.09
CA ASP A 278 4.12 36.76 13.00
C ASP A 278 3.87 38.25 12.83
N VAL A 279 4.13 38.70 11.61
CA VAL A 279 4.43 40.07 11.30
C VAL A 279 3.33 40.66 10.42
N THR A 280 2.37 39.81 10.06
CA THR A 280 1.18 40.16 9.28
C THR A 280 0.46 41.41 9.78
N SER A 281 0.23 41.49 11.10
CA SER A 281 -0.51 42.62 11.65
C SER A 281 0.30 43.92 11.52
N THR A 282 1.61 43.86 11.65
CA THR A 282 2.45 45.00 11.36
C THR A 282 2.41 45.38 9.87
N MET A 283 2.35 44.39 8.98
CA MET A 283 2.26 44.67 7.55
C MET A 283 0.96 45.44 7.23
N LEU A 284 -0.16 44.93 7.75
CA LEU A 284 -1.44 45.62 7.61
C LEU A 284 -1.42 47.02 8.22
N GLN A 285 -0.94 47.15 9.46
CA GLN A 285 -0.82 48.47 10.09
C GLN A 285 0.01 49.45 9.24
N GLN A 286 1.10 48.99 8.66
CA GLN A 286 1.97 49.86 7.84
C GLN A 286 1.40 50.16 6.46
N GLY A 287 0.37 49.42 6.04
CA GLY A 287 -0.25 49.60 4.74
C GLY A 287 0.51 49.01 3.57
N TRP A 288 1.16 47.86 3.79
CA TRP A 288 1.82 47.13 2.69
C TRP A 288 0.79 46.65 1.69
N GLN A 289 1.10 46.78 0.41
CA GLN A 289 0.29 46.25 -0.67
C GLN A 289 1.11 45.26 -1.49
N ALA A 290 0.46 44.58 -2.43
CA ALA A 290 1.14 43.64 -3.33
C ALA A 290 2.40 44.21 -3.96
N THR A 291 2.30 45.40 -4.55
CA THR A 291 3.47 45.98 -5.21
C THR A 291 4.66 46.13 -4.26
N HIS A 292 4.41 46.53 -3.02
CA HIS A 292 5.49 46.64 -2.04
C HIS A 292 6.16 45.29 -1.80
N MET A 293 5.36 44.24 -1.71
CA MET A 293 5.87 42.90 -1.40
C MET A 293 6.79 42.41 -2.52
N PHE A 294 6.35 42.60 -3.77
CA PHE A 294 7.15 42.21 -4.94
C PHE A 294 8.44 43.02 -5.07
N ARG A 295 8.37 44.32 -4.83
CA ARG A 295 9.56 45.19 -4.87
C ARG A 295 10.57 44.83 -3.80
N VAL A 296 10.07 44.46 -2.62
CA VAL A 296 10.94 44.07 -1.53
C VAL A 296 11.59 42.73 -1.83
N ALA A 297 10.83 41.79 -2.40
CA ALA A 297 11.40 40.55 -2.92
C ALA A 297 12.51 40.81 -3.92
N GLU A 298 12.21 41.57 -4.97
CA GLU A 298 13.19 41.95 -5.99
C GLU A 298 14.51 42.45 -5.41
N GLU A 299 14.40 43.31 -4.40
CA GLU A 299 15.57 43.96 -3.83
C GLU A 299 16.47 42.98 -3.07
N PHE A 300 15.90 41.90 -2.52
CA PHE A 300 16.72 40.84 -1.92
C PHE A 300 17.55 40.18 -3.03
N PHE A 301 16.89 39.86 -4.14
CA PHE A 301 17.57 39.26 -5.29
C PHE A 301 18.70 40.14 -5.79
N THR A 302 18.43 41.43 -6.00
CA THR A 302 19.47 42.35 -6.50
C THR A 302 20.59 42.56 -5.45
N SER A 303 20.30 42.38 -4.17
CA SER A 303 21.36 42.47 -3.15
C SER A 303 22.45 41.40 -3.36
N LEU A 304 22.03 40.25 -3.87
CA LEU A 304 22.93 39.15 -4.15
C LEU A 304 23.61 39.29 -5.52
N GLU A 305 23.38 40.42 -6.20
CA GLU A 305 23.86 40.64 -7.55
C GLU A 305 23.25 39.66 -8.56
N LEU A 306 22.01 39.28 -8.30
CA LEU A 306 21.18 38.59 -9.28
C LEU A 306 20.33 39.64 -10.03
N SER A 307 19.57 39.20 -11.03
CA SER A 307 18.90 40.11 -11.94
C SER A 307 17.63 40.69 -11.36
N PRO A 308 17.32 41.95 -11.70
CA PRO A 308 16.03 42.50 -11.30
C PRO A 308 14.97 41.99 -12.23
N MET A 309 13.70 42.24 -11.92
CA MET A 309 12.64 41.94 -12.85
C MET A 309 12.67 42.94 -14.00
N PRO A 310 12.58 42.45 -15.25
CA PRO A 310 12.57 43.36 -16.39
C PRO A 310 11.25 44.12 -16.54
N PRO A 311 11.25 45.18 -17.36
CA PRO A 311 10.02 45.96 -17.62
C PRO A 311 8.84 45.11 -18.08
N GLU A 312 9.11 44.15 -18.97
CA GLU A 312 8.11 43.18 -19.41
C GLU A 312 7.38 42.44 -18.25
N PHE A 313 8.08 42.13 -17.17
CA PHE A 313 7.45 41.50 -15.96
C PHE A 313 6.48 42.43 -15.26
N TRP A 314 6.89 43.68 -15.02
CA TRP A 314 6.02 44.66 -14.35
C TRP A 314 4.82 45.06 -15.22
N GLU A 315 5.03 45.20 -16.54
CA GLU A 315 3.93 45.52 -17.46
C GLU A 315 2.97 44.35 -17.64
N GLY A 316 3.49 43.13 -17.56
CA GLY A 316 2.71 41.93 -17.89
C GLY A 316 2.06 41.18 -16.73
N SER A 317 2.68 41.22 -15.56
CA SER A 317 2.24 40.35 -14.46
C SER A 317 0.86 40.71 -13.90
N MET A 318 0.21 39.72 -13.28
CA MET A 318 -1.02 39.94 -12.51
C MET A 318 -0.74 39.69 -11.01
N LEU A 319 -0.68 40.78 -10.23
CA LEU A 319 -0.20 40.75 -8.85
C LEU A 319 -1.32 40.86 -7.82
N GLU A 320 -2.55 41.07 -8.28
CA GLU A 320 -3.73 41.11 -7.43
C GLU A 320 -4.87 40.39 -8.14
N LYS A 321 -5.79 39.79 -7.38
CA LYS A 321 -7.04 39.34 -7.98
C LYS A 321 -7.78 40.49 -8.66
N PRO A 322 -8.13 40.34 -9.96
CA PRO A 322 -8.85 41.39 -10.68
C PRO A 322 -10.11 41.89 -9.99
N ALA A 323 -10.31 43.20 -10.01
CA ALA A 323 -11.46 43.84 -9.39
C ALA A 323 -12.63 44.00 -10.35
N ASP A 324 -12.36 43.97 -11.66
CA ASP A 324 -13.43 44.03 -12.67
C ASP A 324 -14.29 42.76 -12.61
N GLY A 325 -15.22 42.60 -13.56
CA GLY A 325 -16.03 41.39 -13.63
C GLY A 325 -15.33 40.29 -14.44
N ARG A 326 -14.41 39.59 -13.78
CA ARG A 326 -13.52 38.68 -14.48
C ARG A 326 -13.10 37.51 -13.59
N GLU A 327 -13.18 36.29 -14.12
CA GLU A 327 -12.72 35.13 -13.38
C GLU A 327 -11.32 34.72 -13.80
N VAL A 328 -10.54 34.29 -12.81
CA VAL A 328 -9.13 33.94 -13.00
C VAL A 328 -8.73 32.69 -12.21
N VAL A 329 -7.65 32.06 -12.65
CA VAL A 329 -7.00 31.04 -11.85
C VAL A 329 -6.16 31.75 -10.77
N CYS A 330 -6.56 31.61 -9.51
CA CYS A 330 -5.91 32.36 -8.43
C CYS A 330 -4.70 31.66 -7.81
N HIS A 331 -4.50 30.38 -8.10
CA HIS A 331 -3.33 29.67 -7.58
C HIS A 331 -2.05 30.23 -8.15
N ALA A 332 -1.15 30.68 -7.28
CA ALA A 332 0.08 31.36 -7.73
C ALA A 332 0.87 30.56 -8.77
N SER A 333 1.48 31.26 -9.71
CA SER A 333 2.27 30.62 -10.76
C SER A 333 3.25 31.59 -11.44
N ALA A 334 4.38 31.05 -11.88
CA ALA A 334 5.42 31.78 -12.59
C ALA A 334 5.49 31.31 -14.06
N TRP A 335 5.77 32.24 -14.97
CA TRP A 335 5.57 32.02 -16.40
C TRP A 335 6.78 32.39 -17.23
N ASP A 336 7.25 31.45 -18.04
CA ASP A 336 8.27 31.68 -19.07
C ASP A 336 7.60 31.48 -20.44
N PHE A 337 7.66 32.51 -21.28
CA PHE A 337 7.04 32.50 -22.60
C PHE A 337 7.98 31.98 -23.70
N TYR A 338 9.21 31.63 -23.34
CA TYR A 338 10.16 31.01 -24.27
C TYR A 338 10.52 31.90 -25.47
N ASN A 339 10.50 33.21 -25.25
CA ASN A 339 10.98 34.18 -26.23
C ASN A 339 12.15 35.00 -25.68
N ARG A 340 12.63 34.64 -24.49
CA ARG A 340 13.74 35.33 -23.82
C ARG A 340 13.47 36.80 -23.39
N LYS A 341 12.22 37.23 -23.47
CA LYS A 341 11.83 38.61 -23.12
C LYS A 341 10.70 38.67 -22.09
N ASP A 342 9.70 37.81 -22.26
CA ASP A 342 8.50 37.84 -21.45
C ASP A 342 8.52 36.75 -20.38
N PHE A 343 8.47 37.22 -19.15
CA PHE A 343 8.41 36.41 -17.95
C PHE A 343 7.40 37.09 -17.02
N ARG A 344 6.52 36.32 -16.40
CA ARG A 344 5.44 36.87 -15.60
C ARG A 344 5.08 36.05 -14.36
N ILE A 345 4.59 36.74 -13.33
CA ILE A 345 3.91 36.04 -12.23
C ILE A 345 2.41 36.35 -12.29
N LYS A 346 1.61 35.35 -11.98
CA LYS A 346 0.18 35.50 -11.75
C LYS A 346 -0.15 35.07 -10.33
N GLN A 347 -0.36 36.03 -9.44
CA GLN A 347 -0.68 35.76 -8.05
C GLN A 347 -1.81 36.69 -7.58
N CYS A 348 -2.81 36.11 -6.91
CA CYS A 348 -3.87 36.88 -6.28
C CYS A 348 -3.36 37.26 -4.89
N THR A 349 -2.40 38.17 -4.86
CA THR A 349 -1.64 38.45 -3.65
C THR A 349 -2.49 38.99 -2.49
N ARG A 350 -2.35 38.35 -1.33
CA ARG A 350 -2.93 38.87 -0.10
C ARG A 350 -1.80 39.44 0.79
N VAL A 351 -2.11 40.46 1.58
CA VAL A 351 -1.10 41.09 2.44
C VAL A 351 -0.96 40.30 3.75
N THR A 352 -0.07 39.31 3.74
CA THR A 352 0.25 38.49 4.91
C THR A 352 1.72 38.07 4.81
N MET A 353 2.25 37.62 5.95
CA MET A 353 3.64 37.13 6.04
C MET A 353 3.89 35.89 5.17
N ASP A 354 2.98 34.92 5.18
CA ASP A 354 3.12 33.71 4.32
C ASP A 354 3.05 34.05 2.83
N GLN A 355 2.21 35.03 2.48
CA GLN A 355 2.14 35.52 1.11
C GLN A 355 3.45 36.18 0.70
N LEU A 356 4.10 36.84 1.65
CA LEU A 356 5.42 37.39 1.40
C LEU A 356 6.41 36.30 1.01
N SER A 357 6.41 35.19 1.77
CA SER A 357 7.22 34.04 1.44
C SER A 357 6.85 33.47 0.07
N THR A 358 5.56 33.41 -0.24
CA THR A 358 5.09 32.93 -1.54
C THR A 358 5.54 33.85 -2.69
N VAL A 359 5.54 35.17 -2.47
CA VAL A 359 6.07 36.11 -3.47
C VAL A 359 7.53 35.75 -3.82
N HIS A 360 8.34 35.57 -2.78
CA HIS A 360 9.73 35.11 -2.94
C HIS A 360 9.80 33.75 -3.64
N HIS A 361 8.96 32.81 -3.22
CA HIS A 361 8.87 31.51 -3.90
C HIS A 361 8.71 31.64 -5.42
N GLU A 362 7.72 32.42 -5.85
CA GLU A 362 7.45 32.64 -7.29
C GLU A 362 8.55 33.41 -8.01
N MET A 363 9.07 34.45 -7.37
CA MET A 363 10.17 35.22 -7.94
C MET A 363 11.41 34.35 -8.13
N GLY A 364 11.55 33.30 -7.33
CA GLY A 364 12.63 32.32 -7.50
C GLY A 364 12.56 31.61 -8.84
N HIS A 365 11.35 31.19 -9.21
CA HIS A 365 11.09 30.58 -10.51
C HIS A 365 11.52 31.54 -11.65
N ILE A 366 11.08 32.80 -11.54
CA ILE A 366 11.42 33.82 -12.54
C ILE A 366 12.93 34.06 -12.65
N GLN A 367 13.63 34.09 -11.51
CA GLN A 367 15.07 34.35 -11.51
C GLN A 367 15.80 33.23 -12.25
N TYR A 368 15.36 32.00 -12.01
CA TYR A 368 15.82 30.85 -12.78
C TYR A 368 15.63 31.12 -14.29
N TYR A 369 14.43 31.53 -14.69
CA TYR A 369 14.17 31.81 -16.12
C TYR A 369 15.12 32.86 -16.67
N LEU A 370 15.37 33.92 -15.90
CA LEU A 370 16.23 35.02 -16.33
C LEU A 370 17.68 34.58 -16.52
N GLN A 371 18.12 33.61 -15.75
CA GLN A 371 19.52 33.18 -15.78
C GLN A 371 19.83 32.13 -16.84
N TYR A 372 18.88 31.28 -17.18
CA TYR A 372 19.14 30.25 -18.21
C TYR A 372 18.49 30.51 -19.58
N LYS A 373 18.10 31.76 -19.84
CA LYS A 373 17.29 32.08 -21.03
C LYS A 373 18.07 32.01 -22.33
N ASP A 374 19.39 32.07 -22.27
CA ASP A 374 20.23 31.98 -23.46
C ASP A 374 20.62 30.52 -23.82
N LEU A 375 20.20 29.56 -22.99
CA LEU A 375 20.46 28.15 -23.28
C LEU A 375 19.44 27.66 -24.29
N PRO A 376 19.77 26.58 -25.02
CA PRO A 376 18.81 25.87 -25.86
C PRO A 376 17.54 25.54 -25.10
N VAL A 377 16.40 25.81 -25.73
CA VAL A 377 15.10 25.73 -25.08
C VAL A 377 14.87 24.43 -24.27
N SER A 378 15.42 23.30 -24.73
CA SER A 378 15.27 22.02 -24.02
C SER A 378 16.02 21.99 -22.69
N LEU A 379 17.09 22.78 -22.58
CA LEU A 379 17.86 22.88 -21.35
C LEU A 379 17.37 23.96 -20.38
N ARG A 380 16.23 24.61 -20.69
CA ARG A 380 15.63 25.63 -19.81
C ARG A 380 14.67 25.01 -18.82
N ARG A 381 15.24 24.26 -17.88
CA ARG A 381 14.50 23.65 -16.78
C ARG A 381 15.41 23.65 -15.58
N GLY A 382 14.88 23.26 -14.42
CA GLY A 382 15.71 23.04 -13.24
C GLY A 382 16.60 21.83 -13.45
N ALA A 383 17.66 21.71 -12.66
CA ALA A 383 18.51 20.51 -12.68
C ALA A 383 17.63 19.28 -12.40
N ASN A 384 16.71 19.41 -11.46
CA ASN A 384 15.50 18.60 -11.41
C ASN A 384 14.38 19.51 -10.92
N PRO A 385 13.11 19.07 -10.99
CA PRO A 385 12.02 20.00 -10.64
C PRO A 385 12.06 20.49 -9.19
N GLY A 386 12.70 19.72 -8.31
CA GLY A 386 12.92 20.12 -6.92
C GLY A 386 13.85 21.31 -6.78
N PHE A 387 14.80 21.47 -7.70
CA PHE A 387 15.70 22.64 -7.70
C PHE A 387 14.93 23.93 -7.91
N HIS A 388 14.01 23.91 -8.88
CA HIS A 388 13.21 25.08 -9.25
C HIS A 388 12.34 25.50 -8.10
N GLU A 389 11.74 24.52 -7.42
CA GLU A 389 10.89 24.80 -6.26
C GLU A 389 11.66 25.31 -5.02
N ALA A 390 12.95 25.09 -4.93
CA ALA A 390 13.71 25.45 -3.73
C ALA A 390 14.31 26.87 -3.76
N ILE A 391 14.50 27.43 -4.96
CA ILE A 391 15.23 28.68 -5.12
C ILE A 391 14.63 29.81 -4.28
N GLY A 392 13.34 30.08 -4.49
CA GLY A 392 12.68 31.14 -3.75
C GLY A 392 12.56 30.87 -2.26
N ASP A 393 12.40 29.60 -1.88
CA ASP A 393 12.28 29.22 -0.46
C ASP A 393 13.59 29.47 0.29
N VAL A 394 14.72 29.21 -0.38
CA VAL A 394 16.04 29.46 0.19
C VAL A 394 16.16 30.91 0.68
N LEU A 395 15.85 31.86 -0.19
CA LEU A 395 15.89 33.28 0.16
C LEU A 395 14.88 33.63 1.27
N ALA A 396 13.67 33.10 1.15
CA ALA A 396 12.63 33.29 2.19
C ALA A 396 13.10 32.81 3.56
N LEU A 397 13.99 31.81 3.62
CA LEU A 397 14.58 31.45 4.91
C LEU A 397 15.36 32.59 5.57
N SER A 398 16.12 33.36 4.78
CA SER A 398 16.86 34.50 5.32
C SER A 398 15.92 35.67 5.65
N VAL A 399 14.88 35.82 4.85
CA VAL A 399 13.94 36.95 5.00
C VAL A 399 13.10 36.82 6.26
N SER A 400 12.73 35.59 6.61
CA SER A 400 11.90 35.35 7.80
C SER A 400 12.67 35.46 9.14
N THR A 401 13.99 35.58 9.10
CA THR A 401 14.75 35.72 10.36
C THR A 401 14.40 37.04 11.04
N PRO A 402 14.28 37.04 12.38
CA PRO A 402 13.97 38.26 13.13
C PRO A 402 14.96 39.40 12.87
N GLU A 403 16.21 39.06 12.62
CA GLU A 403 17.23 40.04 12.31
C GLU A 403 16.93 40.70 10.96
N HIS A 404 16.55 39.90 9.96
CA HIS A 404 16.19 40.48 8.68
C HIS A 404 14.87 41.26 8.72
N LEU A 405 13.88 40.75 9.43
CA LEU A 405 12.60 41.45 9.58
C LEU A 405 12.79 42.83 10.22
N HIS A 406 13.73 42.92 11.15
CA HIS A 406 14.11 44.20 11.73
C HIS A 406 14.70 45.15 10.69
N LYS A 407 15.63 44.67 9.88
CA LYS A 407 16.25 45.48 8.83
C LYS A 407 15.18 46.07 7.92
N ILE A 408 14.18 45.29 7.57
CA ILE A 408 13.14 45.79 6.65
C ILE A 408 11.94 46.45 7.33
N GLY A 409 12.09 46.81 8.60
CA GLY A 409 11.08 47.61 9.30
C GLY A 409 9.83 46.88 9.78
N LEU A 410 9.88 45.55 9.83
CA LEU A 410 8.70 44.77 10.20
C LEU A 410 8.74 44.25 11.65
N LEU A 411 9.81 44.56 12.38
CA LEU A 411 9.97 44.04 13.73
C LEU A 411 10.91 45.00 14.47
N ASP A 412 10.41 45.70 15.48
CA ASP A 412 11.25 46.71 16.18
C ASP A 412 12.19 46.06 17.21
N ARG A 413 11.66 45.16 18.05
CA ARG A 413 12.52 44.40 18.97
C ARG A 413 13.41 43.45 18.17
N VAL A 414 14.58 43.15 18.72
CA VAL A 414 15.45 42.13 18.16
C VAL A 414 16.24 41.48 19.30
N THR A 415 15.74 40.34 19.79
CA THR A 415 16.28 39.65 20.98
C THR A 415 17.04 38.38 20.57
N ASN A 416 18.12 38.03 21.28
CA ASN A 416 18.86 36.80 20.95
C ASN A 416 18.96 35.86 22.15
N ASP A 417 17.85 35.25 22.52
CA ASP A 417 17.83 34.32 23.65
C ASP A 417 17.17 33.03 23.26
N THR A 418 17.35 32.01 24.11
CA THR A 418 16.89 30.68 23.78
C THR A 418 15.37 30.58 23.65
N GLU A 419 14.62 31.38 24.41
CA GLU A 419 13.15 31.39 24.26
C GLU A 419 12.72 31.91 22.91
N SER A 420 13.39 32.94 22.43
CA SER A 420 13.10 33.51 21.11
C SER A 420 13.45 32.54 19.98
N ASP A 421 14.56 31.80 20.14
CA ASP A 421 14.97 30.77 19.15
C ASP A 421 13.93 29.68 18.99
N ILE A 422 13.42 29.22 20.13
CA ILE A 422 12.41 28.18 20.17
C ILE A 422 11.11 28.69 19.55
N ASN A 423 10.76 29.93 19.84
CA ASN A 423 9.59 30.53 19.18
C ASN A 423 9.79 30.54 17.64
N TYR A 424 10.96 30.98 17.21
CA TYR A 424 11.21 31.09 15.77
C TYR A 424 11.24 29.73 15.10
N LEU A 425 12.02 28.81 15.65
CA LEU A 425 12.12 27.45 15.11
C LEU A 425 10.77 26.73 15.10
N LEU A 426 9.94 26.96 16.12
CA LEU A 426 8.62 26.35 16.14
C LEU A 426 7.75 26.91 15.02
N LYS A 427 7.77 28.23 14.85
CA LYS A 427 7.04 28.87 13.77
C LYS A 427 7.45 28.30 12.40
N MET A 428 8.75 28.12 12.18
CA MET A 428 9.26 27.57 10.92
C MET A 428 8.93 26.09 10.74
N ALA A 429 8.85 25.34 11.82
CA ALA A 429 8.45 23.94 11.77
C ALA A 429 6.97 23.82 11.33
N LEU A 430 6.12 24.71 11.82
CA LEU A 430 4.71 24.77 11.40
C LEU A 430 4.57 24.90 9.88
N GLU A 431 5.54 25.58 9.27
CA GLU A 431 5.58 25.78 7.83
C GLU A 431 6.34 24.66 7.09
N LYS A 432 7.43 24.19 7.67
CA LYS A 432 8.34 23.31 6.96
C LYS A 432 8.22 21.85 7.37
N ILE A 433 8.08 21.57 8.66
CA ILE A 433 7.99 20.18 9.15
C ILE A 433 6.58 19.64 8.91
N ALA A 434 5.57 20.46 9.16
CA ALA A 434 4.17 20.06 9.00
C ALA A 434 3.83 19.71 7.55
N PHE A 435 4.51 20.34 6.60
CA PHE A 435 4.30 20.07 5.18
C PHE A 435 4.83 18.68 4.75
N LEU A 436 5.91 18.22 5.38
CA LEU A 436 6.62 17.04 4.88
C LEU A 436 5.73 15.82 4.54
N PRO A 437 4.90 15.35 5.49
CA PRO A 437 4.00 14.22 5.22
C PRO A 437 3.09 14.43 4.01
N PHE A 438 2.51 15.62 3.92
CA PHE A 438 1.64 15.94 2.79
C PHE A 438 2.39 15.94 1.48
N GLY A 439 3.56 16.59 1.47
CA GLY A 439 4.43 16.63 0.29
C GLY A 439 4.83 15.25 -0.22
N TYR A 440 4.93 14.29 0.70
CA TYR A 440 5.33 12.91 0.39
C TYR A 440 4.17 12.10 -0.18
N LEU A 441 2.99 12.27 0.42
CA LEU A 441 1.83 11.44 0.11
C LEU A 441 1.06 11.74 -1.20
N VAL A 442 1.05 12.98 -1.67
CA VAL A 442 0.20 13.30 -2.82
C VAL A 442 0.52 12.43 -4.04
N ASP A 443 1.78 12.34 -4.40
CA ASP A 443 2.16 11.53 -5.55
C ASP A 443 2.26 10.04 -5.22
N GLN A 444 2.35 9.65 -3.96
CA GLN A 444 2.12 8.24 -3.62
C GLN A 444 0.68 7.86 -4.01
N TRP A 445 -0.29 8.72 -3.68
CA TRP A 445 -1.68 8.50 -4.08
C TRP A 445 -1.79 8.40 -5.59
N ARG A 446 -1.20 9.36 -6.27
CA ARG A 446 -1.34 9.52 -7.71
C ARG A 446 -0.58 8.46 -8.50
N TRP A 447 0.56 8.01 -7.97
CA TRP A 447 1.29 6.89 -8.58
C TRP A 447 0.47 5.59 -8.54
N GLY A 448 -0.18 5.32 -7.41
CA GLY A 448 -1.09 4.18 -7.30
C GLY A 448 -2.27 4.25 -8.26
N VAL A 449 -2.76 5.46 -8.53
CA VAL A 449 -3.87 5.64 -9.45
C VAL A 449 -3.40 5.36 -10.88
N PHE A 450 -2.25 5.92 -11.24
CA PHE A 450 -1.69 5.70 -12.58
C PHE A 450 -1.33 4.23 -12.82
N SER A 451 -0.85 3.55 -11.79
CA SER A 451 -0.48 2.12 -11.94
C SER A 451 -1.70 1.21 -12.06
N GLY A 452 -2.86 1.68 -11.58
CA GLY A 452 -4.05 0.83 -11.48
C GLY A 452 -4.25 0.23 -10.09
N ARG A 453 -3.30 0.44 -9.19
CA ARG A 453 -3.44 -0.08 -7.83
C ARG A 453 -4.64 0.54 -7.12
N THR A 454 -4.90 1.81 -7.41
CA THR A 454 -6.05 2.53 -6.87
C THR A 454 -7.01 2.84 -8.02
N PRO A 455 -8.01 1.98 -8.24
CA PRO A 455 -9.04 2.25 -9.23
C PRO A 455 -10.06 3.28 -8.72
N PRO A 456 -10.91 3.82 -9.62
CA PRO A 456 -11.92 4.81 -9.23
C PRO A 456 -12.74 4.45 -7.99
N SER A 457 -13.05 3.17 -7.83
CA SER A 457 -13.78 2.69 -6.65
C SER A 457 -13.02 2.83 -5.31
N ARG A 458 -11.73 3.16 -5.36
CA ARG A 458 -10.96 3.40 -4.14
C ARG A 458 -10.25 4.77 -4.03
N TYR A 459 -10.55 5.72 -4.94
CA TYR A 459 -9.89 7.04 -4.93
C TYR A 459 -9.88 7.67 -3.53
N ASN A 460 -11.05 7.77 -2.91
CA ASN A 460 -11.16 8.42 -1.61
C ASN A 460 -10.70 7.53 -0.46
N PHE A 461 -10.99 6.23 -0.55
CA PHE A 461 -10.49 5.24 0.41
C PHE A 461 -8.96 5.37 0.54
N ASP A 462 -8.28 5.37 -0.59
CA ASP A 462 -6.83 5.38 -0.57
C ASP A 462 -6.25 6.75 -0.27
N TRP A 463 -6.97 7.82 -0.58
CA TRP A 463 -6.54 9.16 -0.20
C TRP A 463 -6.47 9.30 1.31
N TRP A 464 -7.54 8.91 1.98
CA TRP A 464 -7.65 9.12 3.42
C TRP A 464 -6.80 8.15 4.20
N TYR A 465 -6.58 6.94 3.68
CA TYR A 465 -5.61 6.03 4.27
C TYR A 465 -4.26 6.73 4.40
N LEU A 466 -3.77 7.29 3.29
CA LEU A 466 -2.51 8.02 3.24
C LEU A 466 -2.53 9.32 4.10
N ARG A 467 -3.65 10.02 4.10
CA ARG A 467 -3.78 11.25 4.88
C ARG A 467 -3.66 10.96 6.38
N THR A 468 -4.29 9.88 6.82
CA THR A 468 -4.21 9.46 8.21
C THR A 468 -2.85 8.82 8.51
N LYS A 469 -2.34 8.04 7.56
CA LYS A 469 -1.07 7.34 7.78
C LYS A 469 0.09 8.31 8.00
N TYR A 470 0.16 9.33 7.16
CA TYR A 470 1.30 10.24 7.15
C TYR A 470 1.06 11.50 7.95
N GLN A 471 -0.08 12.16 7.79
CA GLN A 471 -0.34 13.39 8.54
C GLN A 471 -1.00 13.19 9.88
N GLY A 472 -1.66 12.06 10.08
CA GLY A 472 -2.40 11.82 11.30
C GLY A 472 -3.55 12.79 11.44
N ILE A 473 -4.27 12.99 10.36
CA ILE A 473 -5.52 13.74 10.37
C ILE A 473 -6.69 12.87 9.89
N CYS A 474 -7.90 13.32 10.21
CA CYS A 474 -9.13 12.63 9.81
C CYS A 474 -10.12 13.65 9.30
N PRO A 475 -10.99 13.27 8.36
CA PRO A 475 -11.98 14.22 7.85
C PRO A 475 -12.99 14.49 8.96
N PRO A 476 -13.48 15.74 9.08
CA PRO A 476 -14.42 16.09 10.16
C PRO A 476 -15.88 15.69 9.95
N VAL A 477 -16.22 15.33 8.71
CA VAL A 477 -17.50 14.68 8.38
C VAL A 477 -17.22 13.37 7.66
N THR A 478 -18.22 12.49 7.63
CA THR A 478 -18.13 11.22 6.93
C THR A 478 -17.92 11.45 5.44
N ARG A 479 -17.05 10.66 4.83
CA ARG A 479 -16.81 10.70 3.39
C ARG A 479 -17.09 9.34 2.78
N ASN A 480 -17.35 9.31 1.47
CA ASN A 480 -17.61 8.07 0.74
C ASN A 480 -17.06 8.22 -0.67
N GLU A 481 -17.25 7.22 -1.53
CA GLU A 481 -16.60 7.21 -2.84
C GLU A 481 -17.21 8.13 -3.88
N THR A 482 -18.31 8.78 -3.53
CA THR A 482 -18.87 9.88 -4.33
C THR A 482 -18.02 11.14 -4.18
N HIS A 483 -17.43 11.31 -3.01
CA HIS A 483 -16.43 12.37 -2.80
C HIS A 483 -15.11 11.99 -3.45
N PHE A 484 -14.40 13.02 -3.88
CA PHE A 484 -13.12 12.88 -4.54
C PHE A 484 -12.23 13.98 -3.96
N ASP A 485 -11.85 13.78 -2.71
CA ASP A 485 -11.20 14.82 -1.93
C ASP A 485 -9.83 15.24 -2.47
N ALA A 486 -9.12 14.32 -3.11
CA ALA A 486 -7.86 14.62 -3.78
C ALA A 486 -8.02 15.67 -4.87
N GLY A 487 -9.18 15.68 -5.52
CA GLY A 487 -9.49 16.60 -6.61
C GLY A 487 -9.65 18.03 -6.14
N ALA A 488 -9.83 18.20 -4.83
CA ALA A 488 -9.97 19.51 -4.19
C ALA A 488 -8.63 20.19 -3.92
N LYS A 489 -7.54 19.51 -4.30
CA LYS A 489 -6.19 20.06 -4.23
C LYS A 489 -5.75 20.42 -5.65
N PHE A 490 -5.31 21.68 -5.84
CA PHE A 490 -5.08 22.28 -7.17
C PHE A 490 -4.34 21.40 -8.15
N HIS A 491 -3.24 20.81 -7.69
CA HIS A 491 -2.29 20.16 -8.56
C HIS A 491 -2.85 18.90 -9.19
N VAL A 492 -3.88 18.33 -8.56
CA VAL A 492 -4.49 17.10 -9.05
C VAL A 492 -5.27 17.33 -10.34
N PRO A 493 -6.33 18.16 -10.34
CA PRO A 493 -7.00 18.51 -11.59
C PRO A 493 -6.15 19.29 -12.62
N ASN A 494 -5.10 19.97 -12.16
CA ASN A 494 -4.22 20.68 -13.09
C ASN A 494 -3.04 19.83 -13.53
N VAL A 495 -3.08 18.55 -13.16
CA VAL A 495 -2.23 17.50 -13.69
C VAL A 495 -0.75 17.83 -13.65
N THR A 496 -0.31 18.33 -12.50
CA THR A 496 1.07 18.75 -12.34
C THR A 496 1.63 18.03 -11.11
N PRO A 497 2.89 17.53 -11.20
CA PRO A 497 3.40 16.63 -10.16
C PRO A 497 3.73 17.34 -8.85
N TYR A 498 3.87 16.53 -7.80
CA TYR A 498 3.93 17.04 -6.43
C TYR A 498 5.19 16.65 -5.68
N ILE A 499 5.78 15.51 -6.00
CA ILE A 499 6.94 15.03 -5.25
C ILE A 499 8.06 16.08 -5.21
N ARG A 500 8.12 16.91 -6.25
CA ARG A 500 9.04 18.07 -6.30
C ARG A 500 9.03 18.95 -5.04
N TYR A 501 7.87 19.10 -4.41
CA TYR A 501 7.75 19.91 -3.21
C TYR A 501 8.40 19.23 -1.99
N PHE A 502 8.24 17.92 -1.88
CA PHE A 502 8.95 17.16 -0.84
C PHE A 502 10.47 17.26 -1.02
N VAL A 503 10.94 17.08 -2.24
CA VAL A 503 12.36 17.19 -2.53
C VAL A 503 12.88 18.59 -2.21
N SER A 504 12.07 19.61 -2.48
CA SER A 504 12.50 20.99 -2.26
C SER A 504 12.58 21.35 -0.77
N PHE A 505 11.72 20.77 0.06
CA PHE A 505 11.71 21.13 1.49
C PHE A 505 12.95 20.56 2.19
N VAL A 506 13.58 19.54 1.59
CA VAL A 506 14.84 18.98 2.07
C VAL A 506 16.03 19.72 1.45
N LEU A 507 15.98 19.82 0.14
CA LEU A 507 17.02 20.47 -0.65
C LEU A 507 17.29 21.91 -0.21
N GLN A 508 16.23 22.64 0.13
CA GLN A 508 16.41 24.05 0.46
C GLN A 508 17.31 24.28 1.68
N PHE A 509 17.28 23.36 2.66
CA PHE A 509 18.19 23.42 3.82
C PHE A 509 19.63 23.06 3.45
N GLN A 510 19.78 22.16 2.48
CA GLN A 510 21.11 21.90 1.91
C GLN A 510 21.69 23.11 1.19
N PHE A 511 20.84 23.82 0.45
CA PHE A 511 21.23 25.08 -0.21
C PHE A 511 21.57 26.17 0.82
N HIS A 512 20.70 26.30 1.82
CA HIS A 512 20.83 27.32 2.84
C HIS A 512 22.17 27.16 3.55
N GLU A 513 22.44 25.95 4.02
CA GLU A 513 23.71 25.67 4.68
C GLU A 513 24.91 26.06 3.81
N ALA A 514 24.89 25.71 2.53
CA ALA A 514 26.03 26.02 1.64
C ALA A 514 26.20 27.53 1.35
N LEU A 515 25.09 28.23 1.13
CA LEU A 515 25.14 29.67 0.85
C LEU A 515 25.55 30.48 2.10
N CYS A 516 25.11 30.03 3.27
CA CYS A 516 25.52 30.65 4.53
C CYS A 516 27.01 30.48 4.78
N LYS A 517 27.52 29.28 4.52
CA LYS A 517 28.96 29.04 4.63
C LYS A 517 29.74 29.91 3.62
N GLU A 518 29.24 30.01 2.39
CA GLU A 518 29.91 30.80 1.37
C GLU A 518 29.83 32.29 1.71
N ALA A 519 28.75 32.69 2.39
CA ALA A 519 28.61 34.08 2.83
C ALA A 519 29.57 34.44 3.97
N GLY A 520 30.25 33.45 4.55
CA GLY A 520 31.18 33.65 5.65
C GLY A 520 30.50 33.70 7.01
N TYR A 521 29.26 33.22 7.07
CA TYR A 521 28.49 33.31 8.29
C TYR A 521 28.85 32.14 9.23
N GLU A 522 29.00 32.46 10.51
CA GLU A 522 29.62 31.55 11.50
C GLU A 522 28.70 30.99 12.59
N GLY A 523 27.63 31.70 12.94
CA GLY A 523 26.72 31.28 14.01
C GLY A 523 25.73 30.17 13.65
N PRO A 524 24.68 29.97 14.49
CA PRO A 524 23.60 29.02 14.26
C PRO A 524 22.97 29.17 12.87
N LEU A 525 22.77 28.05 12.19
CA LEU A 525 22.24 28.05 10.82
C LEU A 525 20.86 28.72 10.67
N HIS A 526 20.03 28.62 11.71
CA HIS A 526 18.68 29.20 11.67
C HIS A 526 18.68 30.73 11.92
N GLN A 527 19.84 31.30 12.25
CA GLN A 527 19.97 32.76 12.38
C GLN A 527 20.67 33.39 11.18
N CYS A 528 21.04 32.59 10.21
CA CYS A 528 21.72 33.11 9.01
C CYS A 528 20.80 33.96 8.12
N ASP A 529 21.32 35.11 7.71
CA ASP A 529 20.71 35.94 6.69
C ASP A 529 21.74 36.24 5.59
N ILE A 530 21.50 35.78 4.38
CA ILE A 530 22.48 35.97 3.29
C ILE A 530 22.31 37.27 2.52
N TYR A 531 21.46 38.16 3.03
CA TYR A 531 21.20 39.47 2.41
C TYR A 531 22.50 40.24 2.18
N ARG A 532 22.67 40.71 0.96
CA ARG A 532 23.82 41.50 0.52
C ARG A 532 25.14 40.71 0.35
N SER A 533 25.06 39.39 0.34
CA SER A 533 26.24 38.57 0.12
C SER A 533 26.38 38.30 -1.37
N THR A 534 27.31 39.01 -2.00
CA THR A 534 27.59 38.82 -3.41
C THR A 534 28.22 37.45 -3.65
N LYS A 535 29.00 36.96 -2.68
CA LYS A 535 29.63 35.65 -2.80
C LYS A 535 28.60 34.52 -2.81
N ALA A 536 27.61 34.65 -1.93
CA ALA A 536 26.50 33.70 -1.90
C ALA A 536 25.70 33.79 -3.20
N GLY A 537 25.57 35.01 -3.71
CA GLY A 537 24.90 35.22 -4.98
C GLY A 537 25.59 34.53 -6.14
N ALA A 538 26.91 34.68 -6.22
CA ALA A 538 27.70 34.07 -7.30
C ALA A 538 27.55 32.54 -7.34
N LYS A 539 27.52 31.93 -6.16
CA LYS A 539 27.32 30.51 -6.01
C LYS A 539 25.90 30.07 -6.41
N LEU A 540 24.90 30.81 -5.99
CA LEU A 540 23.53 30.50 -6.39
C LEU A 540 23.40 30.67 -7.92
N ARG A 541 24.04 31.69 -8.45
CA ARG A 541 23.96 31.99 -9.88
C ARG A 541 24.51 30.87 -10.77
N LYS A 542 25.61 30.24 -10.34
CA LYS A 542 26.19 29.10 -11.07
C LYS A 542 25.18 27.99 -11.28
N VAL A 543 24.42 27.67 -10.23
CA VAL A 543 23.36 26.68 -10.32
C VAL A 543 22.27 27.12 -11.30
N LEU A 544 21.84 28.39 -11.20
CA LEU A 544 20.73 28.88 -12.02
C LEU A 544 21.04 28.93 -13.52
N ARG A 545 22.22 29.41 -13.88
CA ARG A 545 22.65 29.50 -15.29
C ARG A 545 22.87 28.13 -15.97
N ALA A 546 23.07 27.08 -15.18
CA ALA A 546 23.31 25.72 -15.69
C ALA A 546 22.07 25.07 -16.27
N GLY A 547 20.89 25.45 -15.77
CA GLY A 547 19.66 24.82 -16.22
C GLY A 547 19.75 23.32 -16.04
N SER A 548 19.20 22.58 -16.99
CA SER A 548 19.23 21.11 -16.96
C SER A 548 20.27 20.55 -17.91
N SER A 549 21.35 21.32 -18.12
CA SER A 549 22.38 20.90 -19.05
C SER A 549 23.31 19.83 -18.48
N ARG A 550 23.34 19.69 -17.16
CA ARG A 550 24.20 18.71 -16.49
C ARG A 550 23.34 17.91 -15.50
N PRO A 551 23.79 16.70 -15.12
CA PRO A 551 23.00 15.91 -14.17
C PRO A 551 22.88 16.63 -12.83
N TRP A 552 21.73 16.47 -12.17
CA TRP A 552 21.46 17.21 -10.95
C TRP A 552 22.36 16.76 -9.78
N GLN A 553 22.81 15.51 -9.85
CA GLN A 553 23.75 15.00 -8.86
C GLN A 553 25.08 15.76 -8.88
N GLU A 554 25.56 16.13 -10.08
CA GLU A 554 26.81 16.88 -10.21
C GLU A 554 26.65 18.36 -9.86
N VAL A 555 25.51 18.93 -10.23
CA VAL A 555 25.23 20.33 -9.92
C VAL A 555 25.20 20.48 -8.39
N LEU A 556 24.51 19.57 -7.72
CA LEU A 556 24.41 19.58 -6.26
C LEU A 556 25.77 19.48 -5.61
N LYS A 557 26.58 18.51 -6.05
CA LYS A 557 27.95 18.30 -5.53
C LYS A 557 28.80 19.57 -5.54
N ASP A 558 28.80 20.26 -6.67
CA ASP A 558 29.56 21.49 -6.84
C ASP A 558 29.10 22.62 -5.92
N MET A 559 27.81 22.63 -5.59
CA MET A 559 27.25 23.69 -4.77
C MET A 559 27.38 23.37 -3.28
N VAL A 560 27.14 22.11 -2.93
CA VAL A 560 26.96 21.73 -1.54
C VAL A 560 28.05 20.81 -1.01
N GLY A 561 28.79 20.14 -1.91
CA GLY A 561 29.80 19.16 -1.52
C GLY A 561 29.27 17.73 -1.45
N LEU A 562 28.02 17.52 -1.80
CA LEU A 562 27.40 16.21 -1.73
C LEU A 562 26.64 15.95 -3.02
N ASP A 563 26.54 14.69 -3.43
CA ASP A 563 25.83 14.35 -4.68
C ASP A 563 24.47 13.69 -4.45
N ALA A 564 23.87 13.88 -3.28
CA ALA A 564 22.59 13.24 -2.98
C ALA A 564 21.73 14.16 -2.11
N LEU A 565 20.43 13.89 -2.06
CA LEU A 565 19.57 14.55 -1.09
C LEU A 565 19.98 14.08 0.27
N ASP A 566 19.96 14.99 1.23
CA ASP A 566 20.40 14.70 2.58
C ASP A 566 19.56 15.49 3.58
N ALA A 567 19.02 14.78 4.56
CA ALA A 567 18.18 15.37 5.60
C ALA A 567 18.98 16.08 6.71
N GLN A 568 20.29 15.83 6.78
CA GLN A 568 21.11 16.32 7.88
C GLN A 568 21.08 17.84 8.12
N PRO A 569 21.19 18.67 7.07
CA PRO A 569 21.07 20.11 7.26
C PRO A 569 19.71 20.57 7.80
N LEU A 570 18.64 19.94 7.35
CA LEU A 570 17.33 20.22 7.89
C LEU A 570 17.28 19.83 9.40
N LEU A 571 17.84 18.69 9.75
CA LEU A 571 17.86 18.26 11.17
C LEU A 571 18.68 19.24 12.01
N LYS A 572 19.84 19.62 11.50
CA LYS A 572 20.73 20.55 12.19
C LYS A 572 20.06 21.92 12.40
N TYR A 573 19.42 22.43 11.36
CA TYR A 573 18.66 23.67 11.43
C TYR A 573 17.65 23.67 12.58
N PHE A 574 16.94 22.55 12.75
CA PHE A 574 15.83 22.45 13.72
C PHE A 574 16.20 21.81 15.06
N GLN A 575 17.45 21.43 15.21
CA GLN A 575 17.92 20.63 16.33
C GLN A 575 17.43 21.09 17.71
N LEU A 576 17.50 22.39 17.96
CA LEU A 576 17.05 22.96 19.24
C LEU A 576 15.58 22.70 19.55
N VAL A 577 14.69 22.95 18.58
CA VAL A 577 13.27 22.76 18.81
C VAL A 577 12.89 21.28 18.76
N THR A 578 13.68 20.47 18.04
CA THR A 578 13.46 19.04 18.00
C THR A 578 13.68 18.48 19.42
N GLN A 579 14.78 18.90 20.05
CA GLN A 579 15.10 18.45 21.40
C GLN A 579 14.07 18.98 22.42
N TRP A 580 13.70 20.24 22.26
CA TRP A 580 12.74 20.87 23.14
C TRP A 580 11.35 20.22 23.09
N LEU A 581 10.85 19.95 21.88
CA LEU A 581 9.51 19.34 21.73
C LEU A 581 9.42 17.92 22.33
N GLN A 582 10.45 17.11 22.10
CA GLN A 582 10.54 15.79 22.74
C GLN A 582 10.40 15.91 24.23
N GLU A 583 11.21 16.80 24.81
CA GLU A 583 11.21 17.02 26.25
C GLU A 583 9.83 17.41 26.75
N GLN A 584 9.24 18.40 26.10
CA GLN A 584 7.92 18.90 26.49
C GLN A 584 6.82 17.83 26.42
N ASN A 585 6.87 16.96 25.39
CA ASN A 585 5.86 15.92 25.21
C ASN A 585 5.99 14.82 26.26
N GLN A 586 7.23 14.44 26.59
CA GLN A 586 7.47 13.52 27.71
C GLN A 586 6.90 14.10 28.98
N GLN A 587 7.34 15.31 29.32
CA GLN A 587 6.88 15.98 30.55
C GLN A 587 5.36 16.14 30.61
N ASN A 588 4.69 16.26 29.47
CA ASN A 588 3.24 16.37 29.45
C ASN A 588 2.57 15.00 29.30
N GLY A 589 3.35 13.94 29.21
CA GLY A 589 2.81 12.59 29.10
C GLY A 589 2.10 12.30 27.78
N GLU A 590 2.51 12.96 26.71
CA GLU A 590 1.84 12.80 25.43
C GLU A 590 2.03 11.41 24.85
N VAL A 591 1.13 11.02 23.96
CA VAL A 591 1.33 9.83 23.16
C VAL A 591 1.72 10.29 21.75
N LEU A 592 2.86 9.84 21.26
CA LEU A 592 3.32 10.14 19.90
C LEU A 592 2.58 9.25 18.93
N GLY A 593 1.82 9.85 18.04
CA GLY A 593 1.07 9.08 17.06
C GLY A 593 -0.41 9.17 17.34
N TRP A 594 -1.18 8.38 16.59
CA TRP A 594 -2.64 8.37 16.68
C TRP A 594 -3.13 6.92 16.68
N PRO A 595 -2.91 6.23 17.80
CA PRO A 595 -3.28 4.81 17.87
C PRO A 595 -4.80 4.56 17.82
N GLU A 596 -5.61 5.58 18.13
CA GLU A 596 -7.06 5.50 17.90
C GLU A 596 -7.35 5.99 16.49
N TYR A 597 -6.79 5.25 15.54
CA TYR A 597 -6.79 5.57 14.12
C TYR A 597 -8.19 5.64 13.49
N GLN A 598 -9.18 5.05 14.16
CA GLN A 598 -10.54 4.95 13.63
C GLN A 598 -11.40 6.13 14.10
N TRP A 599 -10.84 6.98 14.96
CA TRP A 599 -11.61 8.02 15.60
C TRP A 599 -11.92 9.18 14.65
N HIS A 600 -13.17 9.65 14.70
CA HIS A 600 -13.62 10.86 13.99
C HIS A 600 -14.40 11.72 14.97
N PRO A 601 -14.35 13.05 14.80
CA PRO A 601 -15.08 13.89 15.72
C PRO A 601 -16.58 13.80 15.45
N PRO A 602 -17.41 14.12 16.45
CA PRO A 602 -18.84 14.22 16.17
C PRO A 602 -19.13 15.49 15.39
N LEU A 603 -20.35 15.60 14.84
CA LEU A 603 -20.81 16.84 14.24
C LEU A 603 -21.22 17.83 15.34
N PRO A 604 -21.16 19.14 15.05
CA PRO A 604 -21.78 20.15 15.96
C PRO A 604 -23.29 19.94 16.06
N ASP A 605 -23.88 20.29 17.19
CA ASP A 605 -25.29 19.99 17.45
C ASP A 605 -26.23 20.55 16.37
N ASN A 606 -25.93 21.75 15.88
CA ASN A 606 -26.80 22.42 14.90
C ASN A 606 -26.31 22.32 13.45
N TYR A 607 -25.47 21.33 13.16
CA TYR A 607 -24.95 21.10 11.81
C TYR A 607 -26.08 20.95 10.79
N PRO A 608 -25.98 21.62 9.63
CA PRO A 608 -24.95 22.57 9.20
C PRO A 608 -25.38 24.03 9.32
N GLU A 609 -26.35 24.33 10.19
CA GLU A 609 -26.94 25.67 10.26
C GLU A 609 -26.08 26.64 11.08
N GLY A 610 -26.53 27.88 11.18
CA GLY A 610 -25.79 28.92 11.90
C GLY A 610 -26.38 30.30 11.67
N LEU B 1 25.82 -30.62 19.83
CA LEU B 1 25.37 -31.63 18.82
C LEU B 1 26.19 -32.92 18.93
N ASP B 2 25.49 -34.05 18.83
CA ASP B 2 26.12 -35.36 18.76
C ASP B 2 27.09 -35.42 17.57
N PRO B 3 28.34 -35.87 17.81
CA PRO B 3 29.37 -36.06 16.78
C PRO B 3 28.90 -36.84 15.55
N GLY B 4 28.12 -37.90 15.77
CA GLY B 4 27.51 -38.67 14.68
C GLY B 4 26.58 -37.90 13.76
N LEU B 5 26.13 -36.72 14.18
CA LEU B 5 25.30 -35.82 13.34
C LEU B 5 26.12 -34.74 12.60
N GLN B 6 27.39 -34.60 12.95
CA GLN B 6 28.24 -33.54 12.35
C GLN B 6 28.87 -33.98 11.03
N PRO B 7 29.13 -33.01 10.13
CA PRO B 7 29.55 -33.34 8.76
C PRO B 7 31.02 -33.71 8.64
N GLY B 8 31.31 -34.73 7.83
CA GLY B 8 32.69 -35.09 7.53
C GLY B 8 33.23 -34.22 6.41
N GLN B 9 34.33 -34.66 5.81
CA GLN B 9 34.91 -33.91 4.70
C GLN B 9 34.47 -34.52 3.36
N PHE B 10 34.34 -33.63 2.37
CA PHE B 10 33.89 -34.00 1.04
C PHE B 10 34.65 -33.12 0.06
N SER B 11 34.91 -33.65 -1.13
CA SER B 11 35.63 -32.90 -2.16
C SER B 11 34.77 -31.75 -2.69
N ALA B 12 35.44 -30.69 -3.14
CA ALA B 12 34.80 -29.44 -3.53
C ALA B 12 34.40 -29.43 -5.01
N ASP B 13 33.71 -30.50 -5.43
CA ASP B 13 33.22 -30.63 -6.81
C ASP B 13 31.81 -31.22 -6.77
N GLU B 14 31.18 -31.34 -7.94
CA GLU B 14 29.80 -31.82 -8.02
C GLU B 14 29.70 -33.26 -7.50
N ALA B 15 30.67 -34.09 -7.85
CA ALA B 15 30.74 -35.46 -7.38
C ALA B 15 30.74 -35.53 -5.84
N GLY B 16 31.64 -34.76 -5.23
CA GLY B 16 31.72 -34.66 -3.78
C GLY B 16 30.42 -34.17 -3.18
N ALA B 17 29.81 -33.17 -3.83
CA ALA B 17 28.58 -32.56 -3.32
C ALA B 17 27.39 -33.53 -3.30
N GLN B 18 27.41 -34.55 -4.15
CA GLN B 18 26.36 -35.57 -4.14
C GLN B 18 26.48 -36.42 -2.88
N LEU B 19 27.71 -36.81 -2.53
CA LEU B 19 27.96 -37.55 -1.29
C LEU B 19 27.63 -36.71 -0.06
N PHE B 20 27.94 -35.41 -0.11
CA PHE B 20 27.61 -34.47 0.95
C PHE B 20 26.09 -34.45 1.20
N ALA B 21 25.32 -34.37 0.14
CA ALA B 21 23.86 -34.31 0.25
C ALA B 21 23.26 -35.62 0.82
N GLN B 22 23.81 -36.76 0.42
CA GLN B 22 23.38 -38.06 0.96
C GLN B 22 23.66 -38.12 2.45
N SER B 23 24.85 -37.69 2.84
CA SER B 23 25.25 -37.66 4.24
C SER B 23 24.40 -36.67 5.03
N TYR B 24 24.10 -35.52 4.43
CA TYR B 24 23.22 -34.51 5.05
C TYR B 24 21.83 -35.06 5.39
N GLN B 25 21.14 -35.55 4.37
CA GLN B 25 19.75 -36.01 4.49
C GLN B 25 19.60 -37.29 5.34
N SER B 26 20.67 -38.07 5.40
CA SER B 26 20.74 -39.22 6.29
C SER B 26 20.70 -38.81 7.77
N SER B 27 21.53 -37.84 8.15
CA SER B 27 21.60 -37.39 9.54
C SER B 27 20.41 -36.52 9.92
N ALA B 28 19.89 -35.76 8.95
CA ALA B 28 18.80 -34.83 9.21
C ALA B 28 17.49 -35.55 9.60
N GLU B 29 17.31 -36.78 9.13
CA GLU B 29 16.13 -37.58 9.49
C GLU B 29 15.98 -37.75 11.00
N GLN B 30 17.09 -37.91 11.71
CA GLN B 30 17.05 -38.12 13.16
C GLN B 30 16.71 -36.81 13.88
N VAL B 31 17.19 -35.70 13.32
CA VAL B 31 17.01 -34.38 13.94
C VAL B 31 15.59 -33.90 13.72
N LEU B 32 15.08 -34.10 12.50
CA LEU B 32 13.68 -33.81 12.19
C LEU B 32 12.76 -34.65 13.08
N PHE B 33 13.05 -35.93 13.22
CA PHE B 33 12.19 -36.80 14.01
C PHE B 33 12.03 -36.34 15.46
N GLN B 34 13.15 -36.11 16.15
CA GLN B 34 13.09 -35.67 17.55
C GLN B 34 12.41 -34.30 17.69
N SER B 35 12.54 -33.48 16.66
CA SER B 35 11.90 -32.16 16.65
C SER B 35 10.37 -32.28 16.49
N VAL B 36 9.92 -33.05 15.51
CA VAL B 36 8.49 -33.24 15.26
C VAL B 36 7.86 -33.95 16.46
N ALA B 37 8.54 -34.98 16.96
CA ALA B 37 8.14 -35.70 18.18
C ALA B 37 7.86 -34.77 19.37
N ALA B 38 8.75 -33.83 19.61
CA ALA B 38 8.64 -32.93 20.76
C ALA B 38 7.46 -31.94 20.62
N SER B 39 7.22 -31.44 19.41
CA SER B 39 6.08 -30.56 19.13
C SER B 39 4.74 -31.28 19.33
N TRP B 40 4.70 -32.55 18.91
CA TRP B 40 3.52 -33.37 19.03
C TRP B 40 3.19 -33.55 20.50
N ALA B 41 4.20 -33.95 21.27
CA ALA B 41 4.04 -34.09 22.72
C ALA B 41 3.57 -32.77 23.32
N HIS B 42 3.99 -31.65 22.77
CA HIS B 42 3.50 -30.35 23.22
C HIS B 42 2.05 -30.02 22.76
N ASP B 43 1.80 -30.14 21.46
CA ASP B 43 0.53 -29.68 20.88
C ASP B 43 -0.68 -30.53 21.28
N THR B 44 -0.41 -31.78 21.63
CA THR B 44 -1.47 -32.66 22.12
C THR B 44 -1.60 -32.62 23.63
N ASN B 45 -0.84 -31.74 24.29
CA ASN B 45 -0.72 -31.71 25.74
C ASN B 45 0.13 -30.50 26.14
N ILE B 46 -0.47 -29.32 26.14
CA ILE B 46 0.26 -28.07 26.33
C ILE B 46 0.60 -27.87 27.82
N THR B 47 1.89 -27.99 28.15
CA THR B 47 2.46 -27.72 29.47
C THR B 47 3.80 -26.99 29.35
N ALA B 48 4.21 -26.35 30.45
CA ALA B 48 5.51 -25.69 30.54
C ALA B 48 6.65 -26.66 30.27
N GLU B 49 6.52 -27.88 30.80
CA GLU B 49 7.56 -28.89 30.67
C GLU B 49 7.69 -29.42 29.24
N ASN B 50 6.57 -29.49 28.53
CA ASN B 50 6.61 -29.91 27.14
C ASN B 50 7.08 -28.80 26.22
N ALA B 51 6.75 -27.56 26.58
CA ALA B 51 7.29 -26.37 25.89
C ALA B 51 8.82 -26.31 26.00
N ARG B 52 9.32 -26.64 27.18
CA ARG B 52 10.75 -26.68 27.46
C ARG B 52 11.48 -27.73 26.63
N ARG B 53 10.95 -28.94 26.57
CA ARG B 53 11.55 -30.03 25.78
C ARG B 53 11.52 -29.72 24.29
N GLN B 54 10.45 -29.09 23.86
CA GLN B 54 10.30 -28.70 22.47
C GLN B 54 11.33 -27.61 22.13
N GLU B 55 11.58 -26.70 23.06
CA GLU B 55 12.60 -25.66 22.90
C GLU B 55 14.02 -26.23 22.83
N GLU B 56 14.30 -27.24 23.65
CA GLU B 56 15.57 -27.96 23.60
C GLU B 56 15.77 -28.63 22.23
N ALA B 57 14.69 -29.23 21.71
CA ALA B 57 14.76 -29.88 20.40
C ALA B 57 15.03 -28.87 19.31
N ALA B 58 14.43 -27.69 19.45
CA ALA B 58 14.62 -26.61 18.50
C ALA B 58 16.08 -26.18 18.44
N LEU B 59 16.71 -26.07 19.61
CA LEU B 59 18.14 -25.72 19.67
C LEU B 59 19.03 -26.73 18.94
N LEU B 60 18.81 -28.01 19.23
CA LEU B 60 19.50 -29.09 18.53
C LEU B 60 19.44 -28.88 17.02
N SER B 61 18.22 -28.72 16.49
CA SER B 61 18.01 -28.49 15.06
C SER B 61 18.85 -27.33 14.56
N GLN B 62 18.80 -26.22 15.29
CA GLN B 62 19.59 -25.05 14.95
C GLN B 62 21.11 -25.34 14.93
N GLU B 63 21.60 -26.07 15.92
CA GLU B 63 23.01 -26.53 15.92
C GLU B 63 23.31 -27.36 14.67
N PHE B 64 22.38 -28.26 14.32
CA PHE B 64 22.53 -29.10 13.15
C PHE B 64 22.58 -28.25 11.87
N ALA B 65 21.68 -27.29 11.75
CA ALA B 65 21.60 -26.47 10.54
C ALA B 65 22.81 -25.55 10.43
N GLU B 66 23.33 -25.09 11.56
CA GLU B 66 24.55 -24.28 11.59
C GLU B 66 25.77 -25.07 11.09
N ALA B 67 25.99 -26.26 11.67
CA ALA B 67 27.15 -27.08 11.32
C ALA B 67 27.18 -27.46 9.84
N TRP B 68 26.03 -27.86 9.31
CA TRP B 68 25.93 -28.32 7.93
C TRP B 68 25.85 -27.17 6.92
N GLY B 69 25.21 -26.07 7.32
CA GLY B 69 25.18 -24.86 6.50
C GLY B 69 26.55 -24.23 6.29
N GLN B 70 27.30 -24.07 7.37
CA GLN B 70 28.66 -23.57 7.29
C GLN B 70 29.54 -24.43 6.40
N LYS B 71 29.46 -25.74 6.57
CA LYS B 71 30.24 -26.66 5.76
C LYS B 71 29.89 -26.56 4.25
N ALA B 72 28.61 -26.36 3.92
CA ALA B 72 28.21 -26.26 2.50
C ALA B 72 28.79 -25.01 1.83
N LYS B 73 28.96 -23.95 2.63
CA LYS B 73 29.48 -22.69 2.13
C LYS B 73 31.00 -22.71 2.05
N GLU B 74 31.66 -23.34 3.01
CA GLU B 74 33.12 -23.58 2.93
C GLU B 74 33.49 -24.39 1.70
N LEU B 75 32.65 -25.36 1.36
CA LEU B 75 32.95 -26.30 0.28
C LEU B 75 32.45 -25.81 -1.07
N TYR B 76 31.18 -25.41 -1.12
CA TYR B 76 30.50 -25.26 -2.41
C TYR B 76 29.96 -23.86 -2.77
N GLU B 77 30.16 -22.85 -1.90
CA GLU B 77 29.54 -21.53 -2.15
C GLU B 77 29.89 -20.92 -3.52
N PRO B 78 31.16 -20.98 -3.93
CA PRO B 78 31.51 -20.40 -5.23
C PRO B 78 30.99 -21.20 -6.45
N ILE B 79 30.70 -22.48 -6.28
CA ILE B 79 30.50 -23.40 -7.40
C ILE B 79 29.12 -24.06 -7.51
N TRP B 80 28.34 -24.10 -6.43
CA TRP B 80 27.12 -24.91 -6.39
C TRP B 80 26.08 -24.46 -7.41
N GLN B 81 26.08 -23.18 -7.73
CA GLN B 81 25.14 -22.62 -8.71
C GLN B 81 25.55 -22.97 -10.15
N GLN B 82 26.66 -23.70 -10.31
CA GLN B 82 27.16 -24.09 -11.62
C GLN B 82 27.14 -25.62 -11.84
N PHE B 83 26.59 -26.37 -10.88
CA PHE B 83 26.45 -27.82 -11.04
C PHE B 83 25.44 -28.12 -12.15
N THR B 84 25.69 -29.19 -12.89
CA THR B 84 24.80 -29.56 -14.00
C THR B 84 23.48 -30.17 -13.52
N ASP B 85 23.52 -30.94 -12.43
CA ASP B 85 22.31 -31.51 -11.81
C ASP B 85 21.50 -30.41 -11.09
N PRO B 86 20.26 -30.12 -11.58
CA PRO B 86 19.44 -29.09 -10.94
C PRO B 86 18.90 -29.51 -9.57
N GLN B 87 18.60 -30.81 -9.43
CA GLN B 87 18.11 -31.41 -8.19
C GLN B 87 19.10 -31.19 -7.04
N LEU B 88 20.38 -31.40 -7.35
CA LEU B 88 21.46 -31.15 -6.41
C LEU B 88 21.56 -29.67 -6.08
N ARG B 89 21.50 -28.83 -7.12
CA ARG B 89 21.54 -27.38 -6.93
C ARG B 89 20.48 -26.91 -5.94
N ARG B 90 19.28 -27.47 -6.07
CA ARG B 90 18.15 -27.15 -5.20
C ARG B 90 18.44 -27.55 -3.75
N ILE B 91 19.00 -28.75 -3.56
CA ILE B 91 19.28 -29.26 -2.21
C ILE B 91 20.36 -28.44 -1.51
N ILE B 92 21.41 -28.10 -2.23
CA ILE B 92 22.55 -27.38 -1.63
C ILE B 92 22.22 -25.91 -1.37
N GLY B 93 21.37 -25.33 -2.23
CA GLY B 93 20.80 -24.01 -1.96
C GLY B 93 20.04 -23.98 -0.64
N ALA B 94 19.24 -25.01 -0.39
CA ALA B 94 18.48 -25.11 0.86
C ALA B 94 19.41 -25.20 2.06
N VAL B 95 20.42 -26.07 1.99
CA VAL B 95 21.34 -26.28 3.12
C VAL B 95 22.13 -25.03 3.50
N ARG B 96 22.58 -24.27 2.50
CA ARG B 96 23.36 -23.03 2.74
C ARG B 96 22.54 -21.88 3.35
N THR B 97 21.21 -22.03 3.34
CA THR B 97 20.30 -21.10 4.00
C THR B 97 20.04 -21.56 5.43
N LEU B 98 20.62 -20.85 6.40
CA LEU B 98 20.61 -21.27 7.81
C LEU B 98 19.39 -20.80 8.60
N GLY B 99 18.78 -19.69 8.21
CA GLY B 99 17.60 -19.19 8.90
C GLY B 99 17.92 -18.79 10.34
N SER B 100 17.09 -19.23 11.29
CA SER B 100 17.27 -18.88 12.69
C SER B 100 18.59 -19.42 13.28
N ALA B 101 19.25 -20.31 12.55
CA ALA B 101 20.60 -20.76 12.90
C ALA B 101 21.68 -19.72 12.57
N ASN B 102 21.33 -18.64 11.85
CA ASN B 102 22.22 -17.48 11.74
C ASN B 102 22.29 -16.69 13.04
N LEU B 103 21.31 -16.85 13.91
CA LEU B 103 21.27 -16.10 15.17
C LEU B 103 22.26 -16.65 16.18
N PRO B 104 22.75 -15.77 17.09
CA PRO B 104 23.57 -16.23 18.21
C PRO B 104 22.75 -17.08 19.18
N LEU B 105 23.40 -17.70 20.18
CA LEU B 105 22.72 -18.60 21.11
C LEU B 105 21.61 -17.92 21.91
N ALA B 106 21.91 -16.77 22.51
CA ALA B 106 20.93 -16.07 23.34
C ALA B 106 19.66 -15.75 22.57
N LYS B 107 19.83 -15.30 21.33
CA LYS B 107 18.71 -14.94 20.46
C LYS B 107 17.97 -16.16 19.93
N ARG B 108 18.69 -17.25 19.69
CA ARG B 108 18.06 -18.52 19.35
C ARG B 108 17.10 -18.96 20.44
N GLN B 109 17.50 -18.77 21.69
CA GLN B 109 16.68 -19.14 22.83
C GLN B 109 15.47 -18.22 22.94
N GLN B 110 15.65 -16.95 22.58
CA GLN B 110 14.56 -15.98 22.71
C GLN B 110 13.50 -16.25 21.64
N TYR B 111 13.96 -16.53 20.44
CA TYR B 111 13.11 -16.90 19.30
C TYR B 111 12.27 -18.13 19.61
N ASN B 112 12.92 -19.24 19.97
CA ASN B 112 12.24 -20.49 20.28
C ASN B 112 11.21 -20.32 21.40
N ALA B 113 11.56 -19.53 22.42
CA ALA B 113 10.66 -19.24 23.54
C ALA B 113 9.46 -18.39 23.12
N LEU B 114 9.68 -17.45 22.19
CA LEU B 114 8.58 -16.63 21.67
C LEU B 114 7.55 -17.45 20.89
N LEU B 115 8.01 -18.44 20.12
CA LEU B 115 7.08 -19.32 19.41
C LEU B 115 6.17 -20.08 20.38
N SER B 116 6.76 -20.60 21.44
CA SER B 116 6.02 -21.34 22.47
C SER B 116 4.97 -20.49 23.12
N GLN B 117 5.37 -19.28 23.52
CA GLN B 117 4.47 -18.35 24.22
CA GLN B 117 4.45 -18.37 24.23
C GLN B 117 3.29 -17.92 23.34
N MET B 118 3.59 -17.47 22.11
CA MET B 118 2.55 -17.08 21.15
C MET B 118 1.57 -18.23 20.91
N SER B 119 2.11 -19.43 20.72
CA SER B 119 1.32 -20.64 20.50
C SER B 119 0.41 -20.98 21.70
N ARG B 120 0.98 -20.91 22.91
CA ARG B 120 0.22 -21.21 24.13
C ARG B 120 -0.95 -20.25 24.33
N ILE B 121 -0.70 -18.96 24.11
CA ILE B 121 -1.72 -17.91 24.29
C ILE B 121 -2.89 -18.05 23.31
N TYR B 122 -2.59 -18.26 22.03
CA TYR B 122 -3.64 -18.50 21.04
C TYR B 122 -4.51 -19.69 21.43
N SER B 123 -3.86 -20.84 21.63
CA SER B 123 -4.55 -22.11 21.81
C SER B 123 -5.17 -22.29 23.18
N THR B 124 -4.81 -21.47 24.16
CA THR B 124 -5.40 -21.53 25.51
C THR B 124 -6.27 -20.32 25.85
N ALA B 125 -6.41 -19.36 24.94
CA ALA B 125 -7.24 -18.18 25.21
C ALA B 125 -8.70 -18.58 25.33
N LYS B 126 -9.43 -17.97 26.26
CA LYS B 126 -10.85 -18.25 26.45
C LYS B 126 -11.68 -16.98 26.58
N VAL B 127 -12.99 -17.12 26.41
CA VAL B 127 -13.93 -16.00 26.51
C VAL B 127 -14.92 -16.30 27.64
N CYS B 128 -14.74 -15.63 28.78
CA CYS B 128 -15.62 -15.86 29.94
C CYS B 128 -16.80 -14.91 29.92
N LEU B 129 -17.91 -15.33 30.54
CA LEU B 129 -19.13 -14.51 30.62
C LEU B 129 -19.16 -13.74 31.93
N THR B 133 -20.81 -15.37 35.37
CA THR B 133 -19.38 -15.35 35.12
C THR B 133 -18.73 -16.71 35.37
N ALA B 134 -19.51 -17.79 35.25
CA ALA B 134 -19.05 -19.14 35.57
C ALA B 134 -18.08 -19.73 34.52
N THR B 135 -18.62 -20.35 33.47
CA THR B 135 -17.81 -21.14 32.53
C THR B 135 -17.23 -20.27 31.41
N CYS B 136 -16.13 -20.72 30.82
CA CYS B 136 -15.42 -19.96 29.80
C CYS B 136 -15.38 -20.72 28.46
N TRP B 137 -15.69 -20.01 27.39
CA TRP B 137 -15.78 -20.61 26.06
C TRP B 137 -14.42 -20.71 25.38
N SER B 138 -14.15 -21.86 24.79
CA SER B 138 -12.97 -22.05 23.96
C SER B 138 -13.33 -21.73 22.51
N LEU B 139 -12.30 -21.43 21.71
CA LEU B 139 -12.50 -21.20 20.29
C LEU B 139 -13.18 -22.39 19.61
N ASP B 140 -12.66 -23.57 19.92
CA ASP B 140 -13.11 -24.80 19.29
C ASP B 140 -13.41 -25.79 20.42
N PRO B 141 -14.69 -26.18 20.59
CA PRO B 141 -15.85 -26.00 19.71
C PRO B 141 -16.75 -24.77 19.94
N ASP B 142 -16.62 -24.09 21.07
CA ASP B 142 -17.68 -23.22 21.56
C ASP B 142 -17.95 -21.98 20.71
N LEU B 143 -16.93 -21.14 20.52
CA LEU B 143 -17.07 -19.91 19.74
C LEU B 143 -17.29 -20.23 18.26
N THR B 144 -16.63 -21.28 17.79
CA THR B 144 -16.87 -21.77 16.43
C THR B 144 -18.33 -22.14 16.19
N ASN B 145 -18.94 -22.84 17.16
CA ASN B 145 -20.36 -23.22 17.05
C ASN B 145 -21.28 -21.99 17.13
N ILE B 146 -20.97 -21.08 18.04
CA ILE B 146 -21.75 -19.84 18.14
C ILE B 146 -21.73 -19.06 16.81
N LEU B 147 -20.55 -18.79 16.27
CA LEU B 147 -20.42 -18.06 14.99
C LEU B 147 -21.11 -18.78 13.83
N ALA B 148 -21.12 -20.12 13.88
CA ALA B 148 -21.72 -20.94 12.82
C ALA B 148 -23.24 -20.86 12.78
N SER B 149 -23.88 -20.89 13.95
CA SER B 149 -25.33 -21.10 14.05
C SER B 149 -26.14 -20.06 14.85
N SER B 150 -25.49 -19.14 15.56
CA SER B 150 -26.25 -18.08 16.20
C SER B 150 -26.71 -17.10 15.14
N ARG B 151 -27.97 -16.67 15.25
CA ARG B 151 -28.54 -15.63 14.39
C ARG B 151 -28.94 -14.41 15.23
N SER B 152 -28.32 -14.30 16.41
CA SER B 152 -28.53 -13.18 17.32
C SER B 152 -27.35 -12.23 17.23
N TYR B 153 -27.60 -11.04 16.69
CA TYR B 153 -26.54 -10.07 16.46
C TYR B 153 -25.64 -9.92 17.68
N ALA B 154 -26.26 -9.73 18.85
CA ALA B 154 -25.52 -9.40 20.08
C ALA B 154 -24.64 -10.55 20.55
N MET B 155 -25.13 -11.78 20.42
CA MET B 155 -24.39 -12.96 20.84
C MET B 155 -23.15 -13.15 19.96
N LEU B 156 -23.34 -12.97 18.64
CA LEU B 156 -22.26 -13.06 17.68
C LEU B 156 -21.19 -12.03 17.97
N LEU B 157 -21.62 -10.80 18.28
CA LEU B 157 -20.70 -9.73 18.62
C LEU B 157 -19.89 -10.06 19.86
N PHE B 158 -20.57 -10.54 20.91
CA PHE B 158 -19.88 -10.89 22.14
C PHE B 158 -18.80 -11.93 21.87
N ALA B 159 -19.15 -12.94 21.08
CA ALA B 159 -18.22 -14.00 20.71
C ALA B 159 -17.06 -13.48 19.84
N TRP B 160 -17.37 -12.64 18.86
CA TRP B 160 -16.34 -12.06 17.98
C TRP B 160 -15.38 -11.13 18.72
N GLU B 161 -15.96 -10.24 19.54
CA GLU B 161 -15.19 -9.27 20.32
C GLU B 161 -14.33 -9.93 21.38
N GLY B 162 -14.90 -10.90 22.09
CA GLY B 162 -14.18 -11.56 23.16
C GLY B 162 -13.00 -12.33 22.62
N TRP B 163 -13.19 -12.99 21.47
CA TRP B 163 -12.11 -13.75 20.89
C TRP B 163 -10.98 -12.83 20.48
N HIS B 164 -11.31 -11.79 19.73
CA HIS B 164 -10.28 -10.90 19.17
C HIS B 164 -9.49 -10.18 20.25
N ASN B 165 -10.18 -9.74 21.31
CA ASN B 165 -9.52 -9.17 22.48
C ASN B 165 -8.67 -10.15 23.29
N ALA B 166 -9.22 -11.35 23.54
CA ALA B 166 -8.54 -12.37 24.33
C ALA B 166 -7.24 -12.89 23.69
N ALA B 167 -7.29 -13.22 22.41
CA ALA B 167 -6.11 -13.73 21.72
C ALA B 167 -5.16 -12.62 21.28
N GLY B 168 -5.70 -11.57 20.67
CA GLY B 168 -4.90 -10.53 20.03
C GLY B 168 -4.07 -9.66 20.97
N ILE B 169 -4.70 -9.11 21.99
CA ILE B 169 -4.07 -8.10 22.85
C ILE B 169 -2.75 -8.55 23.48
N PRO B 170 -2.72 -9.71 24.17
CA PRO B 170 -1.45 -10.17 24.74
C PRO B 170 -0.41 -10.67 23.74
N LEU B 171 -0.82 -10.99 22.52
CA LEU B 171 0.13 -11.43 21.48
C LEU B 171 1.00 -10.33 20.88
N LYS B 172 0.51 -9.09 20.86
CA LYS B 172 1.20 -8.04 20.11
C LYS B 172 2.67 -7.83 20.51
N PRO B 173 2.95 -7.63 21.81
CA PRO B 173 4.35 -7.34 22.13
C PRO B 173 5.31 -8.51 21.80
N LEU B 174 4.81 -9.74 21.90
CA LEU B 174 5.62 -10.90 21.54
C LEU B 174 5.85 -10.93 20.02
N TYR B 175 4.80 -10.62 19.27
CA TYR B 175 4.90 -10.62 17.80
C TYR B 175 5.89 -9.58 17.26
N GLU B 176 6.00 -8.42 17.91
CA GLU B 176 6.97 -7.41 17.46
C GLU B 176 8.39 -7.97 17.60
N ASP B 177 8.64 -8.62 18.73
CA ASP B 177 9.95 -9.21 19.01
C ASP B 177 10.26 -10.35 18.06
N PHE B 178 9.27 -11.20 17.80
CA PHE B 178 9.46 -12.29 16.85
C PHE B 178 9.86 -11.76 15.47
N THR B 179 9.14 -10.74 15.01
CA THR B 179 9.40 -10.16 13.69
C THR B 179 10.84 -9.67 13.54
N ALA B 180 11.32 -8.95 14.54
CA ALA B 180 12.68 -8.39 14.53
C ALA B 180 13.75 -9.48 14.45
N LEU B 181 13.62 -10.50 15.29
CA LEU B 181 14.54 -11.65 15.29
C LEU B 181 14.49 -12.47 14.00
N SER B 182 13.30 -12.64 13.44
CA SER B 182 13.15 -13.40 12.21
C SER B 182 13.82 -12.70 11.02
N ASN B 183 13.69 -11.37 10.94
CA ASN B 183 14.32 -10.61 9.87
C ASN B 183 15.83 -10.62 9.98
N GLU B 184 16.32 -10.50 11.20
CA GLU B 184 17.75 -10.52 11.45
C GLU B 184 18.34 -11.86 10.99
N ALA B 185 17.68 -12.95 11.36
CA ALA B 185 18.08 -14.28 10.94
C ALA B 185 18.21 -14.41 9.42
N TYR B 186 17.15 -14.06 8.69
CA TYR B 186 17.10 -14.31 7.26
C TYR B 186 17.85 -13.28 6.41
N LYS B 187 18.15 -12.12 6.99
CA LYS B 187 19.00 -11.15 6.29
C LYS B 187 20.43 -11.65 6.13
N GLN B 188 20.91 -12.44 7.09
CA GLN B 188 22.24 -13.00 6.99
C GLN B 188 22.34 -14.07 5.89
N ASP B 189 21.21 -14.61 5.45
CA ASP B 189 21.18 -15.49 4.28
C ASP B 189 21.09 -14.73 2.95
N GLY B 190 21.02 -13.40 2.99
CA GLY B 190 20.92 -12.59 1.76
C GLY B 190 19.52 -12.14 1.35
N PHE B 191 18.53 -12.36 2.20
CA PHE B 191 17.15 -11.91 1.93
C PHE B 191 16.93 -10.53 2.53
N THR B 192 16.18 -9.67 1.83
CA THR B 192 15.88 -8.32 2.36
C THR B 192 15.00 -8.40 3.59
N ASP B 193 14.12 -9.41 3.64
CA ASP B 193 13.36 -9.73 4.84
C ASP B 193 12.77 -11.15 4.79
N THR B 194 12.17 -11.58 5.90
CA THR B 194 11.55 -12.92 5.99
C THR B 194 10.48 -13.16 4.94
N GLY B 195 9.70 -12.12 4.63
CA GLY B 195 8.71 -12.18 3.57
C GLY B 195 9.27 -12.59 2.23
N ALA B 196 10.39 -11.99 1.85
CA ALA B 196 11.11 -12.33 0.59
C ALA B 196 11.57 -13.80 0.57
N TYR B 197 12.03 -14.29 1.71
CA TYR B 197 12.39 -15.70 1.84
C TYR B 197 11.18 -16.59 1.59
N TRP B 198 10.08 -16.30 2.27
CA TRP B 198 8.83 -17.05 2.09
C TRP B 198 8.37 -17.05 0.64
N ARG B 199 8.40 -15.88 0.01
CA ARG B 199 7.99 -15.75 -1.38
C ARG B 199 8.85 -16.61 -2.32
N SER B 200 10.13 -16.78 -1.99
CA SER B 200 11.09 -17.49 -2.85
C SER B 200 10.75 -18.96 -3.11
N TRP B 201 10.04 -19.59 -2.17
CA TRP B 201 9.60 -20.98 -2.29
C TRP B 201 8.83 -21.26 -3.58
N TYR B 202 8.29 -20.21 -4.20
CA TYR B 202 7.52 -20.36 -5.43
C TYR B 202 8.35 -20.24 -6.71
N ASN B 203 9.60 -19.80 -6.59
CA ASN B 203 10.53 -19.69 -7.73
C ASN B 203 9.89 -19.05 -8.96
N SER B 204 9.29 -17.88 -8.74
CA SER B 204 8.76 -17.07 -9.83
C SER B 204 9.26 -15.66 -9.60
N PRO B 205 9.97 -15.09 -10.58
CA PRO B 205 10.44 -13.71 -10.41
C PRO B 205 9.27 -12.74 -10.43
N THR B 206 8.20 -13.12 -11.10
CA THR B 206 7.04 -12.26 -11.32
C THR B 206 5.82 -12.65 -10.42
N PHE B 207 6.10 -13.25 -9.26
CA PHE B 207 5.08 -13.84 -8.35
C PHE B 207 3.95 -12.89 -7.95
N GLU B 208 4.31 -11.75 -7.38
CA GLU B 208 3.31 -10.80 -6.86
C GLU B 208 2.41 -10.27 -7.95
N ASP B 209 2.98 -9.98 -9.12
CA ASP B 209 2.20 -9.51 -10.26
C ASP B 209 1.24 -10.60 -10.76
N ASP B 210 1.74 -11.85 -10.82
CA ASP B 210 0.92 -13.00 -11.22
C ASP B 210 -0.32 -13.16 -10.35
N LEU B 211 -0.12 -13.09 -9.03
CA LEU B 211 -1.21 -13.19 -8.07
C LEU B 211 -2.22 -12.06 -8.28
N GLU B 212 -1.74 -10.85 -8.50
CA GLU B 212 -2.66 -9.72 -8.67
C GLU B 212 -3.50 -9.85 -9.94
N HIS B 213 -2.90 -10.41 -11.00
CA HIS B 213 -3.62 -10.63 -12.24
CA HIS B 213 -3.59 -10.67 -12.26
C HIS B 213 -4.65 -11.76 -12.10
N LEU B 214 -4.37 -12.74 -11.24
CA LEU B 214 -5.37 -13.77 -10.92
C LEU B 214 -6.53 -13.13 -10.15
N TYR B 215 -6.19 -12.35 -9.11
CA TYR B 215 -7.23 -11.68 -8.31
C TYR B 215 -8.12 -10.75 -9.15
N GLN B 216 -7.55 -10.09 -10.17
CA GLN B 216 -8.34 -9.26 -11.10
C GLN B 216 -9.44 -10.04 -11.81
N GLN B 217 -9.17 -11.26 -12.22
CA GLN B 217 -10.19 -12.09 -12.88
C GLN B 217 -11.23 -12.64 -11.90
N LEU B 218 -10.84 -12.80 -10.64
CA LEU B 218 -11.70 -13.42 -9.64
C LEU B 218 -12.56 -12.40 -8.90
N GLU B 219 -12.10 -11.15 -8.81
CA GLU B 219 -12.81 -10.12 -8.04
C GLU B 219 -14.30 -9.89 -8.39
N PRO B 220 -14.64 -9.83 -9.70
CA PRO B 220 -16.06 -9.64 -10.05
C PRO B 220 -16.94 -10.71 -9.46
N LEU B 221 -16.42 -11.94 -9.40
CA LEU B 221 -17.15 -13.06 -8.81
C LEU B 221 -17.41 -12.85 -7.33
N TYR B 222 -16.39 -12.38 -6.61
CA TYR B 222 -16.57 -12.09 -5.18
C TYR B 222 -17.55 -10.95 -4.96
N LEU B 223 -17.43 -9.89 -5.77
CA LEU B 223 -18.27 -8.70 -5.61
C LEU B 223 -19.74 -9.04 -5.71
N ASN B 224 -20.10 -9.89 -6.68
CA ASN B 224 -21.50 -10.32 -6.82
C ASN B 224 -22.00 -11.20 -5.67
N LEU B 225 -21.16 -12.11 -5.22
CA LEU B 225 -21.50 -12.95 -4.08
C LEU B 225 -21.70 -12.07 -2.86
N HIS B 226 -20.72 -11.19 -2.63
CA HIS B 226 -20.76 -10.21 -1.54
C HIS B 226 -22.08 -9.47 -1.46
N ALA B 227 -22.51 -8.91 -2.58
CA ALA B 227 -23.73 -8.09 -2.64
C ALA B 227 -25.00 -8.90 -2.41
N PHE B 228 -25.05 -10.10 -2.98
CA PHE B 228 -26.20 -10.99 -2.80
C PHE B 228 -26.36 -11.34 -1.33
N VAL B 229 -25.25 -11.71 -0.69
CA VAL B 229 -25.26 -12.07 0.73
C VAL B 229 -25.57 -10.85 1.58
N ARG B 230 -25.06 -9.69 1.20
CA ARG B 230 -25.37 -8.45 1.94
C ARG B 230 -26.88 -8.19 1.97
N ARG B 231 -27.56 -8.41 0.85
CA ARG B 231 -29.01 -8.23 0.79
C ARG B 231 -29.73 -9.11 1.83
N ALA B 232 -29.40 -10.40 1.81
CA ALA B 232 -30.02 -11.37 2.72
C ALA B 232 -29.80 -11.00 4.18
N LEU B 233 -28.59 -10.55 4.51
CA LEU B 233 -28.28 -10.11 5.86
C LEU B 233 -29.07 -8.87 6.24
N HIS B 234 -29.31 -8.00 5.27
CA HIS B 234 -30.10 -6.79 5.50
C HIS B 234 -31.54 -7.15 5.88
N ARG B 235 -32.13 -8.06 5.11
CA ARG B 235 -33.47 -8.59 5.41
C ARG B 235 -33.56 -9.26 6.78
N ARG B 236 -32.44 -9.77 7.26
CA ARG B 236 -32.40 -10.49 8.52
C ARG B 236 -32.14 -9.59 9.73
N TYR B 237 -31.19 -8.67 9.62
CA TYR B 237 -30.77 -7.87 10.76
C TYR B 237 -31.33 -6.44 10.76
N GLY B 238 -31.62 -5.91 9.58
CA GLY B 238 -32.24 -4.60 9.48
C GLY B 238 -31.30 -3.49 9.04
N ASP B 239 -31.89 -2.32 8.81
CA ASP B 239 -31.18 -1.17 8.25
C ASP B 239 -30.14 -0.62 9.21
N ARG B 240 -30.38 -0.80 10.51
CA ARG B 240 -29.48 -0.31 11.55
C ARG B 240 -28.12 -1.02 11.58
N TYR B 241 -28.08 -2.29 11.15
CA TYR B 241 -26.86 -3.10 11.25
C TYR B 241 -26.24 -3.47 9.90
N ILE B 242 -27.00 -3.35 8.82
CA ILE B 242 -26.49 -3.62 7.48
C ILE B 242 -26.65 -2.37 6.63
N ASN B 243 -25.54 -1.90 6.08
CA ASN B 243 -25.53 -0.84 5.08
C ASN B 243 -25.38 -1.49 3.71
N LEU B 244 -26.39 -1.34 2.87
CA LEU B 244 -26.43 -1.96 1.54
C LEU B 244 -25.43 -1.36 0.56
N ARG B 245 -24.75 -0.29 0.96
CA ARG B 245 -23.68 0.31 0.16
C ARG B 245 -22.36 0.38 0.94
N GLY B 246 -22.32 -0.32 2.07
CA GLY B 246 -21.15 -0.36 2.93
C GLY B 246 -20.64 -1.78 3.14
N PRO B 247 -19.45 -1.92 3.75
CA PRO B 247 -18.94 -3.24 4.11
C PRO B 247 -19.83 -3.98 5.10
N ILE B 248 -19.76 -5.31 5.09
CA ILE B 248 -20.55 -6.15 5.96
C ILE B 248 -19.88 -6.26 7.35
N PRO B 249 -20.65 -6.19 8.45
CA PRO B 249 -20.06 -6.44 9.77
C PRO B 249 -19.43 -7.82 9.86
N ALA B 250 -18.21 -7.87 10.40
CA ALA B 250 -17.30 -9.03 10.23
C ALA B 250 -17.67 -10.31 10.99
N HIS B 251 -18.72 -10.23 11.80
CA HIS B 251 -19.11 -11.29 12.71
C HIS B 251 -20.36 -12.02 12.22
N LEU B 252 -20.86 -11.67 11.03
CA LEU B 252 -22.18 -12.12 10.58
C LEU B 252 -22.14 -13.17 9.46
N LEU B 253 -20.95 -13.61 9.07
CA LEU B 253 -20.79 -14.45 7.88
C LEU B 253 -20.52 -15.93 8.19
N GLY B 254 -20.77 -16.34 9.44
CA GLY B 254 -20.76 -17.75 9.82
C GLY B 254 -19.43 -18.27 10.33
N ASP B 255 -18.43 -17.40 10.38
CA ASP B 255 -17.05 -17.79 10.58
C ASP B 255 -16.31 -16.67 11.31
N MET B 256 -15.49 -17.03 12.29
CA MET B 256 -14.81 -16.04 13.14
C MET B 256 -13.96 -15.04 12.33
N TRP B 257 -13.44 -15.46 11.17
CA TRP B 257 -12.63 -14.60 10.27
C TRP B 257 -13.36 -14.19 9.01
N ALA B 258 -14.62 -14.60 8.90
CA ALA B 258 -15.43 -14.39 7.71
C ALA B 258 -14.72 -14.93 6.46
N GLN B 259 -13.98 -16.01 6.63
CA GLN B 259 -13.11 -16.52 5.56
C GLN B 259 -13.85 -17.51 4.68
N SER B 260 -14.82 -18.18 5.28
CA SER B 260 -15.70 -19.11 4.58
C SER B 260 -17.15 -18.86 5.03
N TRP B 261 -18.10 -18.86 4.08
CA TRP B 261 -19.48 -18.46 4.38
C TRP B 261 -20.53 -19.59 4.34
N GLU B 262 -20.11 -20.85 4.23
CA GLU B 262 -21.07 -21.97 4.16
C GLU B 262 -22.08 -22.02 5.32
N ASN B 263 -21.67 -21.58 6.51
CA ASN B 263 -22.54 -21.68 7.68
C ASN B 263 -23.78 -20.78 7.62
N ILE B 264 -23.78 -19.76 6.76
CA ILE B 264 -25.00 -18.96 6.56
C ILE B 264 -25.75 -19.35 5.30
N TYR B 265 -25.43 -20.51 4.73
CA TYR B 265 -26.14 -21.03 3.55
C TYR B 265 -27.66 -21.06 3.73
N ASP B 266 -28.11 -21.55 4.87
CA ASP B 266 -29.54 -21.62 5.17
C ASP B 266 -30.23 -20.25 5.29
N MET B 267 -29.47 -19.15 5.29
CA MET B 267 -30.07 -17.81 5.21
C MET B 267 -30.15 -17.30 3.78
N VAL B 268 -29.29 -17.82 2.90
CA VAL B 268 -29.19 -17.28 1.54
C VAL B 268 -29.62 -18.28 0.47
N VAL B 269 -29.88 -19.53 0.85
CA VAL B 269 -30.31 -20.56 -0.11
C VAL B 269 -31.60 -20.12 -0.80
N PRO B 270 -31.55 -19.89 -2.13
CA PRO B 270 -32.74 -19.38 -2.84
C PRO B 270 -33.98 -20.31 -2.82
N PHE B 271 -33.79 -21.62 -2.72
CA PHE B 271 -34.88 -22.57 -2.87
C PHE B 271 -34.93 -23.54 -1.68
N PRO B 272 -35.28 -23.02 -0.49
CA PRO B 272 -35.20 -23.80 0.76
C PRO B 272 -36.15 -24.99 0.85
N ASP B 273 -37.15 -25.05 -0.03
CA ASP B 273 -38.04 -26.18 -0.17
C ASP B 273 -37.36 -27.43 -0.81
N LYS B 274 -36.26 -27.21 -1.53
CA LYS B 274 -35.51 -28.30 -2.18
C LYS B 274 -34.72 -29.06 -1.14
N PRO B 275 -34.21 -30.26 -1.48
CA PRO B 275 -33.42 -31.01 -0.49
C PRO B 275 -32.23 -30.21 0.03
N ASN B 276 -32.01 -30.31 1.34
CA ASN B 276 -30.93 -29.60 2.03
C ASN B 276 -29.56 -30.16 1.64
N LEU B 277 -28.79 -29.39 0.85
CA LEU B 277 -27.45 -29.82 0.40
C LEU B 277 -26.40 -29.77 1.49
N ASP B 278 -26.75 -29.17 2.64
CA ASP B 278 -25.94 -29.29 3.85
C ASP B 278 -26.43 -30.53 4.59
N VAL B 279 -25.55 -31.51 4.64
CA VAL B 279 -25.88 -32.88 4.99
C VAL B 279 -25.60 -33.12 6.47
N THR B 280 -25.26 -32.05 7.18
CA THR B 280 -24.87 -32.14 8.59
C THR B 280 -25.93 -32.84 9.43
N SER B 281 -27.17 -32.36 9.36
CA SER B 281 -28.27 -32.92 10.17
C SER B 281 -28.50 -34.42 9.89
N THR B 282 -28.28 -34.83 8.63
CA THR B 282 -28.30 -36.25 8.28
C THR B 282 -27.12 -37.04 8.87
N MET B 283 -25.93 -36.45 8.91
CA MET B 283 -24.79 -37.12 9.55
C MET B 283 -25.11 -37.32 11.03
N LEU B 284 -25.58 -36.26 11.68
CA LEU B 284 -26.01 -36.36 13.07
C LEU B 284 -27.14 -37.38 13.24
N GLN B 285 -28.14 -37.36 12.36
CA GLN B 285 -29.24 -38.34 12.42
C GLN B 285 -28.73 -39.77 12.39
N GLN B 286 -27.78 -40.05 11.50
CA GLN B 286 -27.26 -41.41 11.31
C GLN B 286 -26.21 -41.83 12.34
N GLY B 287 -25.74 -40.87 13.14
CA GLY B 287 -24.78 -41.18 14.20
C GLY B 287 -23.34 -41.28 13.75
N TRP B 288 -22.97 -40.56 12.68
CA TRP B 288 -21.58 -40.49 12.23
C TRP B 288 -20.65 -39.95 13.32
N GLN B 289 -19.47 -40.55 13.46
CA GLN B 289 -18.44 -40.06 14.37
C GLN B 289 -17.16 -39.76 13.58
N ALA B 290 -16.19 -39.18 14.27
CA ALA B 290 -14.90 -38.88 13.69
C ALA B 290 -14.32 -40.08 12.95
N THR B 291 -14.30 -41.25 13.59
CA THR B 291 -13.78 -42.48 12.99
C THR B 291 -14.37 -42.74 11.59
N HIS B 292 -15.69 -42.64 11.50
CA HIS B 292 -16.40 -42.83 10.22
C HIS B 292 -15.97 -41.85 9.16
N MET B 293 -15.78 -40.60 9.57
CA MET B 293 -15.41 -39.52 8.66
C MET B 293 -14.03 -39.79 8.07
N PHE B 294 -13.11 -40.25 8.92
CA PHE B 294 -11.75 -40.59 8.48
C PHE B 294 -11.71 -41.87 7.61
N ARG B 295 -12.57 -42.84 7.90
CA ARG B 295 -12.63 -44.08 7.08
C ARG B 295 -13.27 -43.84 5.72
N VAL B 296 -14.28 -42.98 5.66
CA VAL B 296 -14.91 -42.64 4.39
C VAL B 296 -13.94 -41.87 3.49
N ALA B 297 -13.15 -40.97 4.08
CA ALA B 297 -12.12 -40.25 3.34
C ALA B 297 -11.03 -41.19 2.81
N GLU B 298 -10.53 -42.09 3.67
CA GLU B 298 -9.53 -43.09 3.27
C GLU B 298 -10.01 -43.90 2.07
N GLU B 299 -11.27 -44.31 2.12
CA GLU B 299 -11.81 -45.17 1.08
C GLU B 299 -11.81 -44.48 -0.28
N PHE B 300 -12.05 -43.15 -0.31
CA PHE B 300 -11.96 -42.39 -1.57
C PHE B 300 -10.55 -42.46 -2.15
N PHE B 301 -9.54 -42.28 -1.29
CA PHE B 301 -8.15 -42.40 -1.72
C PHE B 301 -7.85 -43.80 -2.30
N THR B 302 -8.23 -44.86 -1.58
CA THR B 302 -7.99 -46.23 -2.05
C THR B 302 -8.78 -46.56 -3.33
N SER B 303 -9.98 -46.00 -3.49
CA SER B 303 -10.74 -46.15 -4.76
C SER B 303 -9.97 -45.60 -5.98
N LEU B 304 -9.10 -44.61 -5.74
CA LEU B 304 -8.18 -44.10 -6.77
C LEU B 304 -6.87 -44.89 -6.86
N GLU B 305 -6.79 -46.00 -6.12
CA GLU B 305 -5.57 -46.80 -5.99
C GLU B 305 -4.37 -46.03 -5.44
N LEU B 306 -4.64 -45.04 -4.61
CA LEU B 306 -3.61 -44.46 -3.75
C LEU B 306 -3.59 -45.28 -2.46
N SER B 307 -2.72 -44.94 -1.53
CA SER B 307 -2.51 -45.77 -0.34
C SER B 307 -3.53 -45.52 0.77
N PRO B 308 -3.81 -46.57 1.56
CA PRO B 308 -4.58 -46.43 2.80
C PRO B 308 -3.70 -45.84 3.91
N MET B 309 -4.32 -45.38 4.99
CA MET B 309 -3.55 -44.93 6.15
C MET B 309 -2.92 -46.16 6.82
N PRO B 310 -1.61 -46.09 7.15
CA PRO B 310 -0.95 -47.25 7.77
C PRO B 310 -1.35 -47.41 9.25
N PRO B 311 -1.07 -48.59 9.85
CA PRO B 311 -1.39 -48.80 11.27
C PRO B 311 -0.91 -47.71 12.23
N GLU B 312 0.30 -47.19 12.01
CA GLU B 312 0.86 -46.13 12.86
C GLU B 312 0.01 -44.85 12.85
N PHE B 313 -0.68 -44.61 11.73
CA PHE B 313 -1.60 -43.47 11.64
C PHE B 313 -2.82 -43.60 12.56
N TRP B 314 -3.42 -44.79 12.61
CA TRP B 314 -4.64 -45.00 13.42
C TRP B 314 -4.29 -45.14 14.89
N GLU B 315 -3.11 -45.67 15.17
CA GLU B 315 -2.69 -45.83 16.55
C GLU B 315 -2.23 -44.51 17.16
N GLY B 316 -1.71 -43.62 16.33
CA GLY B 316 -1.06 -42.42 16.83
C GLY B 316 -1.87 -41.14 16.74
N SER B 317 -2.82 -41.09 15.82
CA SER B 317 -3.51 -39.82 15.55
C SER B 317 -4.42 -39.41 16.70
N MET B 318 -4.67 -38.12 16.81
CA MET B 318 -5.67 -37.55 17.72
C MET B 318 -6.80 -37.03 16.84
N LEU B 319 -7.93 -37.75 16.84
CA LEU B 319 -9.04 -37.45 15.91
C LEU B 319 -10.26 -36.84 16.58
N GLU B 320 -10.17 -36.64 17.89
CA GLU B 320 -11.20 -35.95 18.67
C GLU B 320 -10.52 -35.10 19.73
N LYS B 321 -11.22 -34.09 20.25
CA LYS B 321 -10.71 -33.29 21.36
C LYS B 321 -10.70 -34.14 22.65
N PRO B 322 -9.55 -34.18 23.36
CA PRO B 322 -9.46 -34.97 24.59
C PRO B 322 -10.49 -34.58 25.66
N ALA B 323 -11.07 -35.58 26.31
CA ALA B 323 -12.10 -35.40 27.32
C ALA B 323 -11.53 -35.19 28.73
N ASP B 324 -10.29 -35.64 28.98
CA ASP B 324 -9.59 -35.22 30.21
C ASP B 324 -9.42 -33.71 30.15
N GLY B 325 -9.11 -33.08 31.28
CA GLY B 325 -8.98 -31.62 31.32
C GLY B 325 -7.70 -31.09 30.68
N ARG B 326 -7.29 -31.69 29.57
CA ARG B 326 -5.97 -31.50 28.98
C ARG B 326 -6.02 -30.46 27.88
N GLU B 327 -5.09 -29.51 27.92
CA GLU B 327 -5.07 -28.43 26.97
C GLU B 327 -4.41 -28.93 25.67
N VAL B 328 -4.96 -28.50 24.52
CA VAL B 328 -4.46 -28.91 23.20
C VAL B 328 -4.54 -27.78 22.16
N VAL B 329 -3.69 -27.87 21.14
CA VAL B 329 -3.85 -27.04 19.95
C VAL B 329 -4.94 -27.70 19.11
N CYS B 330 -6.11 -27.09 19.04
CA CYS B 330 -7.22 -27.70 18.29
C CYS B 330 -7.15 -27.47 16.78
N HIS B 331 -6.44 -26.43 16.33
CA HIS B 331 -6.34 -26.17 14.90
C HIS B 331 -5.79 -27.42 14.19
N ALA B 332 -6.54 -27.91 13.21
CA ALA B 332 -6.23 -29.15 12.50
C ALA B 332 -4.83 -29.14 11.87
N SER B 333 -4.15 -30.29 11.93
CA SER B 333 -2.82 -30.42 11.33
C SER B 333 -2.45 -31.85 10.93
N ALA B 334 -1.57 -31.94 9.92
CA ALA B 334 -1.07 -33.22 9.39
C ALA B 334 0.42 -33.30 9.67
N TRP B 335 0.86 -34.47 10.17
CA TRP B 335 2.22 -34.63 10.74
C TRP B 335 3.07 -35.69 10.03
N ASP B 336 4.24 -35.29 9.53
CA ASP B 336 5.23 -36.20 8.92
C ASP B 336 6.44 -36.23 9.87
N PHE B 337 6.71 -37.39 10.45
CA PHE B 337 7.74 -37.47 11.48
C PHE B 337 9.13 -37.71 10.89
N TYR B 338 9.23 -37.81 9.57
CA TYR B 338 10.51 -37.99 8.87
C TYR B 338 11.28 -39.28 9.25
N ASN B 339 10.54 -40.38 9.35
CA ASN B 339 11.14 -41.72 9.47
C ASN B 339 10.53 -42.76 8.51
N ARG B 340 9.71 -42.30 7.56
CA ARG B 340 9.01 -43.18 6.60
C ARG B 340 8.03 -44.18 7.23
N LYS B 341 7.68 -44.00 8.50
CA LYS B 341 6.78 -44.92 9.22
C LYS B 341 5.62 -44.23 9.94
N ASP B 342 5.91 -43.15 10.66
CA ASP B 342 4.91 -42.43 11.46
C ASP B 342 4.34 -41.21 10.75
N PHE B 343 3.02 -41.23 10.59
CA PHE B 343 2.24 -40.16 9.99
C PHE B 343 0.96 -40.02 10.82
N ARG B 344 0.61 -38.79 11.20
CA ARG B 344 -0.54 -38.58 12.07
C ARG B 344 -1.32 -37.32 11.72
N ILE B 345 -2.60 -37.33 12.02
CA ILE B 345 -3.42 -36.11 12.02
C ILE B 345 -3.77 -35.78 13.46
N LYS B 346 -3.87 -34.47 13.72
CA LYS B 346 -4.37 -33.93 14.99
C LYS B 346 -5.52 -32.99 14.63
N GLN B 347 -6.75 -33.45 14.85
CA GLN B 347 -7.96 -32.69 14.53
C GLN B 347 -8.96 -32.85 15.64
N CYS B 348 -9.47 -31.73 16.16
CA CYS B 348 -10.57 -31.74 17.13
C CYS B 348 -11.89 -31.88 16.37
N THR B 349 -12.10 -33.05 15.79
CA THR B 349 -13.15 -33.27 14.81
C THR B 349 -14.56 -33.13 15.35
N ARG B 350 -15.37 -32.38 14.63
CA ARG B 350 -16.78 -32.25 14.90
C ARG B 350 -17.56 -32.80 13.70
N VAL B 351 -18.72 -33.37 13.98
CA VAL B 351 -19.56 -34.00 12.97
C VAL B 351 -20.38 -32.96 12.21
N THR B 352 -19.78 -32.41 11.15
CA THR B 352 -20.47 -31.51 10.23
C THR B 352 -19.97 -31.79 8.80
N MET B 353 -20.65 -31.21 7.82
CA MET B 353 -20.24 -31.37 6.43
C MET B 353 -18.91 -30.68 6.11
N ASP B 354 -18.72 -29.43 6.54
CA ASP B 354 -17.43 -28.75 6.29
C ASP B 354 -16.24 -29.43 6.99
N GLN B 355 -16.49 -30.05 8.14
CA GLN B 355 -15.47 -30.86 8.81
C GLN B 355 -15.14 -32.13 8.03
N LEU B 356 -16.13 -32.74 7.40
CA LEU B 356 -15.85 -33.85 6.52
C LEU B 356 -14.86 -33.43 5.43
N SER B 357 -15.08 -32.24 4.87
CA SER B 357 -14.16 -31.70 3.86
C SER B 357 -12.77 -31.44 4.43
N THR B 358 -12.72 -30.90 5.64
CA THR B 358 -11.46 -30.70 6.36
C THR B 358 -10.72 -32.03 6.60
N VAL B 359 -11.46 -33.10 6.86
CA VAL B 359 -10.84 -34.41 7.08
C VAL B 359 -10.13 -34.82 5.79
N HIS B 360 -10.80 -34.63 4.65
CA HIS B 360 -10.22 -34.90 3.34
C HIS B 360 -9.00 -33.99 3.11
N HIS B 361 -9.11 -32.72 3.52
CA HIS B 361 -8.00 -31.79 3.41
C HIS B 361 -6.78 -32.31 4.17
N GLU B 362 -6.95 -32.66 5.44
CA GLU B 362 -5.82 -33.18 6.24
C GLU B 362 -5.28 -34.51 5.69
N MET B 363 -6.18 -35.41 5.33
CA MET B 363 -5.78 -36.70 4.77
C MET B 363 -5.01 -36.54 3.45
N GLY B 364 -5.27 -35.47 2.71
CA GLY B 364 -4.49 -35.13 1.51
C GLY B 364 -3.02 -34.81 1.76
N HIS B 365 -2.73 -34.12 2.87
CA HIS B 365 -1.34 -33.93 3.29
C HIS B 365 -0.68 -35.28 3.58
N ILE B 366 -1.36 -36.14 4.35
CA ILE B 366 -0.84 -37.46 4.69
C ILE B 366 -0.56 -38.28 3.42
N GLN B 367 -1.52 -38.34 2.51
CA GLN B 367 -1.32 -39.06 1.26
C GLN B 367 -0.05 -38.59 0.55
N TYR B 368 0.18 -37.28 0.50
CA TYR B 368 1.43 -36.73 -0.06
C TYR B 368 2.64 -37.35 0.64
N TYR B 369 2.63 -37.37 1.98
CA TYR B 369 3.76 -37.91 2.75
C TYR B 369 4.00 -39.38 2.39
N LEU B 370 2.93 -40.15 2.29
CA LEU B 370 3.02 -41.59 2.01
C LEU B 370 3.61 -41.82 0.63
N GLN B 371 3.27 -40.97 -0.33
CA GLN B 371 3.71 -41.15 -1.71
C GLN B 371 5.15 -40.74 -1.96
N TYR B 372 5.69 -39.83 -1.17
CA TYR B 372 7.07 -39.38 -1.40
C TYR B 372 8.04 -39.72 -0.28
N LYS B 373 7.64 -40.60 0.65
CA LYS B 373 8.49 -40.94 1.79
C LYS B 373 9.82 -41.62 1.43
N ASP B 374 9.91 -42.19 0.23
CA ASP B 374 11.14 -42.83 -0.23
C ASP B 374 12.06 -41.86 -1.00
N LEU B 375 11.63 -40.62 -1.15
CA LEU B 375 12.54 -39.57 -1.63
C LEU B 375 13.46 -39.14 -0.47
N PRO B 376 14.62 -38.55 -0.82
CA PRO B 376 15.48 -37.89 0.16
C PRO B 376 14.81 -36.69 0.83
N VAL B 377 15.02 -36.58 2.14
CA VAL B 377 14.36 -35.60 3.02
C VAL B 377 14.03 -34.24 2.38
N SER B 378 15.04 -33.58 1.81
CA SER B 378 14.85 -32.24 1.24
C SER B 378 13.87 -32.21 0.06
N LEU B 379 13.60 -33.37 -0.54
CA LEU B 379 12.59 -33.47 -1.59
C LEU B 379 11.20 -33.87 -1.07
N ARG B 380 11.08 -34.10 0.25
CA ARG B 380 9.79 -34.45 0.87
C ARG B 380 9.01 -33.19 1.24
N ARG B 381 8.54 -32.50 0.20
CA ARG B 381 7.71 -31.32 0.31
C ARG B 381 6.89 -31.32 -0.97
N GLY B 382 5.88 -30.44 -1.09
CA GLY B 382 5.09 -30.35 -2.32
C GLY B 382 5.86 -29.65 -3.43
N ALA B 383 5.41 -29.77 -4.69
CA ALA B 383 6.06 -29.06 -5.80
C ALA B 383 6.15 -27.57 -5.47
N ASN B 384 5.07 -27.02 -4.91
CA ASN B 384 5.13 -25.84 -4.04
C ASN B 384 4.11 -26.01 -2.88
N PRO B 385 4.17 -25.11 -1.87
CA PRO B 385 3.33 -25.43 -0.70
C PRO B 385 1.81 -25.40 -1.03
N GLY B 386 1.45 -24.69 -2.11
CA GLY B 386 0.08 -24.70 -2.61
C GLY B 386 -0.39 -26.05 -3.13
N PHE B 387 0.51 -26.85 -3.69
CA PHE B 387 0.17 -28.19 -4.17
C PHE B 387 -0.28 -29.04 -2.99
N HIS B 388 0.50 -28.97 -1.91
CA HIS B 388 0.21 -29.73 -0.69
C HIS B 388 -1.18 -29.37 -0.19
N GLU B 389 -1.55 -28.09 -0.29
CA GLU B 389 -2.84 -27.62 0.22
C GLU B 389 -4.02 -27.98 -0.69
N ALA B 390 -3.75 -28.32 -1.95
CA ALA B 390 -4.81 -28.53 -2.93
C ALA B 390 -5.32 -29.96 -2.98
N ILE B 391 -4.50 -30.91 -2.52
CA ILE B 391 -4.74 -32.34 -2.78
C ILE B 391 -6.08 -32.83 -2.25
N GLY B 392 -6.25 -32.77 -0.93
CA GLY B 392 -7.49 -33.21 -0.33
C GLY B 392 -8.70 -32.39 -0.76
N ASP B 393 -8.46 -31.11 -1.06
CA ASP B 393 -9.52 -30.21 -1.54
C ASP B 393 -10.09 -30.69 -2.88
N VAL B 394 -9.24 -31.24 -3.73
CA VAL B 394 -9.68 -31.82 -5.01
C VAL B 394 -10.64 -32.98 -4.81
N LEU B 395 -10.28 -33.93 -3.97
CA LEU B 395 -11.18 -35.03 -3.62
C LEU B 395 -12.49 -34.50 -3.01
N ALA B 396 -12.41 -33.57 -2.06
CA ALA B 396 -13.63 -33.00 -1.43
C ALA B 396 -14.62 -32.40 -2.41
N LEU B 397 -14.10 -31.87 -3.52
CA LEU B 397 -14.96 -31.32 -4.59
C LEU B 397 -15.88 -32.40 -5.17
N SER B 398 -15.29 -33.54 -5.52
CA SER B 398 -16.04 -34.74 -5.93
C SER B 398 -17.00 -35.23 -4.84
N VAL B 399 -16.52 -35.28 -3.60
CA VAL B 399 -17.32 -35.78 -2.48
C VAL B 399 -18.56 -34.93 -2.23
N SER B 400 -18.42 -33.60 -2.32
CA SER B 400 -19.53 -32.69 -2.02
C SER B 400 -20.66 -32.68 -3.06
N THR B 401 -20.41 -33.24 -4.26
CA THR B 401 -21.44 -33.26 -5.30
C THR B 401 -22.66 -34.08 -4.86
N PRO B 402 -23.87 -33.64 -5.26
CA PRO B 402 -25.08 -34.31 -4.77
C PRO B 402 -25.19 -35.79 -5.18
N GLU B 403 -24.61 -36.16 -6.32
CA GLU B 403 -24.58 -37.56 -6.72
C GLU B 403 -23.70 -38.39 -5.78
N HIS B 404 -22.56 -37.85 -5.38
CA HIS B 404 -21.67 -38.58 -4.51
C HIS B 404 -22.25 -38.74 -3.12
N LEU B 405 -22.78 -37.66 -2.57
CA LEU B 405 -23.45 -37.70 -1.29
C LEU B 405 -24.55 -38.77 -1.30
N HIS B 406 -25.22 -38.92 -2.45
CA HIS B 406 -26.22 -39.99 -2.59
C HIS B 406 -25.57 -41.38 -2.55
N LYS B 407 -24.43 -41.54 -3.21
CA LYS B 407 -23.70 -42.81 -3.17
C LYS B 407 -23.29 -43.22 -1.75
N ILE B 408 -23.02 -42.24 -0.89
CA ILE B 408 -22.57 -42.55 0.46
C ILE B 408 -23.70 -42.44 1.50
N GLY B 409 -24.95 -42.43 1.03
CA GLY B 409 -26.13 -42.50 1.90
C GLY B 409 -26.46 -41.24 2.69
N LEU B 410 -26.02 -40.09 2.20
CA LEU B 410 -26.24 -38.82 2.90
C LEU B 410 -27.27 -37.92 2.21
N LEU B 411 -27.83 -38.36 1.09
CA LEU B 411 -28.74 -37.53 0.33
C LEU B 411 -29.65 -38.40 -0.53
N ASP B 412 -30.94 -38.06 -0.57
CA ASP B 412 -31.86 -38.66 -1.52
C ASP B 412 -31.52 -38.10 -2.89
N ARG B 413 -31.57 -38.94 -3.94
CA ARG B 413 -31.26 -38.51 -5.31
C ARG B 413 -31.97 -37.19 -5.61
N VAL B 414 -31.24 -36.22 -6.11
CA VAL B 414 -31.79 -34.90 -6.41
C VAL B 414 -32.14 -34.81 -7.88
N THR B 415 -33.18 -34.03 -8.21
CA THR B 415 -33.59 -33.87 -9.60
C THR B 415 -32.57 -32.98 -10.29
N ASN B 416 -32.09 -33.43 -11.44
CA ASN B 416 -31.11 -32.69 -12.21
C ASN B 416 -31.80 -31.59 -13.03
N ASP B 417 -31.99 -30.43 -12.40
CA ASP B 417 -32.62 -29.28 -13.04
C ASP B 417 -31.79 -27.99 -12.82
N THR B 418 -32.36 -26.86 -13.19
CA THR B 418 -31.68 -25.57 -13.08
C THR B 418 -31.51 -25.14 -11.63
N GLU B 419 -32.55 -25.34 -10.82
CA GLU B 419 -32.59 -24.82 -9.46
C GLU B 419 -31.72 -25.59 -8.48
N SER B 420 -31.56 -26.89 -8.71
CA SER B 420 -30.66 -27.70 -7.90
C SER B 420 -29.21 -27.32 -8.21
N ASP B 421 -28.91 -27.08 -9.47
CA ASP B 421 -27.58 -26.58 -9.84
C ASP B 421 -27.22 -25.28 -9.10
N ILE B 422 -28.13 -24.31 -9.15
CA ILE B 422 -27.95 -23.01 -8.53
C ILE B 422 -27.76 -23.15 -7.02
N ASN B 423 -28.64 -23.90 -6.37
CA ASN B 423 -28.49 -24.19 -4.94
C ASN B 423 -27.10 -24.77 -4.62
N TYR B 424 -26.66 -25.76 -5.38
CA TYR B 424 -25.34 -26.39 -5.15
C TYR B 424 -24.20 -25.43 -5.45
N LEU B 425 -24.25 -24.73 -6.58
CA LEU B 425 -23.14 -23.87 -6.96
C LEU B 425 -23.01 -22.67 -6.02
N LEU B 426 -24.12 -22.21 -5.44
CA LEU B 426 -24.06 -21.12 -4.47
C LEU B 426 -23.38 -21.57 -3.18
N LYS B 427 -23.76 -22.74 -2.68
CA LYS B 427 -23.14 -23.30 -1.50
C LYS B 427 -21.63 -23.41 -1.68
N MET B 428 -21.20 -23.81 -2.87
CA MET B 428 -19.78 -23.99 -3.13
C MET B 428 -19.10 -22.63 -3.24
N ALA B 429 -19.84 -21.63 -3.70
CA ALA B 429 -19.30 -20.27 -3.81
C ALA B 429 -19.05 -19.67 -2.43
N LEU B 430 -19.95 -19.95 -1.49
CA LEU B 430 -19.82 -19.52 -0.11
C LEU B 430 -18.56 -20.09 0.50
N GLU B 431 -18.23 -21.32 0.13
CA GLU B 431 -17.04 -22.00 0.63
C GLU B 431 -15.78 -21.53 -0.09
N LYS B 432 -15.84 -21.41 -1.41
CA LYS B 432 -14.63 -21.26 -2.22
C LYS B 432 -14.35 -19.82 -2.63
N ILE B 433 -15.37 -19.15 -3.17
CA ILE B 433 -15.23 -17.80 -3.70
C ILE B 433 -14.99 -16.83 -2.55
N ALA B 434 -15.81 -16.95 -1.51
CA ALA B 434 -15.71 -16.09 -0.34
C ALA B 434 -14.32 -16.09 0.30
N PHE B 435 -13.60 -17.21 0.15
CA PHE B 435 -12.27 -17.33 0.72
C PHE B 435 -11.22 -16.50 -0.01
N LEU B 436 -11.39 -16.34 -1.32
CA LEU B 436 -10.33 -15.77 -2.17
C LEU B 436 -9.71 -14.46 -1.64
N PRO B 437 -10.55 -13.48 -1.25
CA PRO B 437 -9.95 -12.25 -0.74
C PRO B 437 -9.11 -12.42 0.51
N PHE B 438 -9.54 -13.29 1.41
CA PHE B 438 -8.85 -13.52 2.67
C PHE B 438 -7.54 -14.26 2.45
N GLY B 439 -7.61 -15.32 1.66
CA GLY B 439 -6.42 -16.07 1.28
C GLY B 439 -5.33 -15.17 0.75
N TYR B 440 -5.73 -14.19 -0.07
CA TYR B 440 -4.80 -13.24 -0.68
C TYR B 440 -4.26 -12.21 0.32
N LEU B 441 -5.12 -11.67 1.20
CA LEU B 441 -4.73 -10.51 2.04
C LEU B 441 -3.81 -10.80 3.23
N VAL B 442 -3.93 -11.98 3.84
CA VAL B 442 -3.23 -12.28 5.12
C VAL B 442 -1.72 -12.10 4.99
N ASP B 443 -1.16 -12.59 3.88
CA ASP B 443 0.27 -12.46 3.70
C ASP B 443 0.66 -11.11 3.14
N GLN B 444 -0.25 -10.42 2.46
CA GLN B 444 0.01 -9.03 2.10
C GLN B 444 0.24 -8.21 3.37
N TRP B 445 -0.57 -8.44 4.39
CA TRP B 445 -0.33 -7.79 5.66
C TRP B 445 1.07 -8.18 6.19
N ARG B 446 1.35 -9.48 6.20
CA ARG B 446 2.56 -10.01 6.81
C ARG B 446 3.84 -9.59 6.05
N TRP B 447 3.82 -9.67 4.72
CA TRP B 447 4.91 -9.13 3.91
C TRP B 447 5.22 -7.67 4.27
N GLY B 448 4.18 -6.86 4.45
CA GLY B 448 4.35 -5.45 4.84
C GLY B 448 4.96 -5.27 6.23
N VAL B 449 4.58 -6.14 7.16
CA VAL B 449 5.16 -6.11 8.48
C VAL B 449 6.64 -6.44 8.42
N PHE B 450 6.97 -7.54 7.73
CA PHE B 450 8.37 -7.98 7.61
C PHE B 450 9.24 -6.96 6.86
N SER B 451 8.68 -6.32 5.85
CA SER B 451 9.43 -5.36 5.04
C SER B 451 9.67 -4.07 5.80
N GLY B 452 8.93 -3.85 6.87
CA GLY B 452 9.02 -2.62 7.63
C GLY B 452 8.02 -1.56 7.17
N ARG B 453 7.26 -1.84 6.12
CA ARG B 453 6.21 -0.90 5.69
C ARG B 453 5.11 -0.77 6.76
N THR B 454 4.86 -1.84 7.52
CA THR B 454 3.88 -1.82 8.60
C THR B 454 4.57 -2.05 9.96
N PRO B 455 4.87 -0.97 10.71
CA PRO B 455 5.46 -1.11 12.04
C PRO B 455 4.40 -1.34 13.11
N PRO B 456 4.81 -1.72 14.34
CA PRO B 456 3.86 -1.99 15.43
C PRO B 456 2.76 -0.93 15.60
N SER B 457 3.09 0.33 15.34
CA SER B 457 2.14 1.43 15.45
C SER B 457 1.05 1.42 14.39
N ARG B 458 1.20 0.58 13.36
CA ARG B 458 0.18 0.45 12.33
C ARG B 458 -0.27 -0.99 12.03
N TYR B 459 -0.01 -1.95 12.93
CA TYR B 459 -0.46 -3.34 12.73
C TYR B 459 -1.93 -3.47 12.39
N ASN B 460 -2.78 -2.81 13.18
CA ASN B 460 -4.23 -2.99 13.08
C ASN B 460 -4.87 -2.09 12.04
N PHE B 461 -4.39 -0.85 11.95
CA PHE B 461 -4.70 0.07 10.85
C PHE B 461 -4.53 -0.61 9.51
N ASP B 462 -3.38 -1.24 9.31
CA ASP B 462 -3.07 -1.88 8.04
C ASP B 462 -3.84 -3.19 7.86
N TRP B 463 -4.11 -3.90 8.95
CA TRP B 463 -4.90 -5.12 8.88
C TRP B 463 -6.31 -4.80 8.38
N TRP B 464 -6.96 -3.80 8.99
CA TRP B 464 -8.33 -3.48 8.64
C TRP B 464 -8.49 -2.80 7.29
N TYR B 465 -7.43 -2.12 6.83
CA TYR B 465 -7.40 -1.57 5.48
C TYR B 465 -7.53 -2.70 4.47
N LEU B 466 -6.72 -3.75 4.64
CA LEU B 466 -6.73 -4.86 3.71
C LEU B 466 -8.04 -5.67 3.81
N ARG B 467 -8.54 -5.83 5.03
CA ARG B 467 -9.78 -6.56 5.22
C ARG B 467 -10.94 -5.87 4.53
N THR B 468 -10.99 -4.55 4.65
CA THR B 468 -12.01 -3.76 3.98
C THR B 468 -11.74 -3.72 2.46
N LYS B 469 -10.51 -3.45 2.05
CA LYS B 469 -10.17 -3.40 0.63
C LYS B 469 -10.61 -4.66 -0.09
N TYR B 470 -10.20 -5.81 0.43
CA TYR B 470 -10.41 -7.08 -0.24
C TYR B 470 -11.74 -7.75 0.09
N GLN B 471 -12.01 -8.00 1.37
CA GLN B 471 -13.22 -8.72 1.76
C GLN B 471 -14.48 -7.85 1.81
N GLY B 472 -14.32 -6.54 1.86
CA GLY B 472 -15.47 -5.66 2.05
C GLY B 472 -16.19 -5.85 3.38
N ILE B 473 -15.41 -6.04 4.44
CA ILE B 473 -15.97 -6.12 5.79
C ILE B 473 -15.45 -4.98 6.66
N CYS B 474 -16.13 -4.75 7.77
CA CYS B 474 -15.72 -3.78 8.78
C CYS B 474 -15.87 -4.40 10.17
N PRO B 475 -15.06 -3.94 11.13
CA PRO B 475 -15.18 -4.44 12.50
C PRO B 475 -16.49 -3.97 13.14
N PRO B 476 -17.15 -4.86 13.90
CA PRO B 476 -18.47 -4.52 14.44
C PRO B 476 -18.38 -3.70 15.73
N VAL B 477 -17.14 -3.53 16.22
CA VAL B 477 -16.86 -2.61 17.31
C VAL B 477 -15.60 -1.86 16.97
N THR B 478 -15.48 -0.66 17.55
CA THR B 478 -14.31 0.17 17.40
C THR B 478 -13.04 -0.56 17.81
N ARG B 479 -12.01 -0.49 16.98
CA ARG B 479 -10.67 -1.01 17.29
C ARG B 479 -9.64 0.14 17.25
N ASN B 480 -8.62 0.04 18.10
CA ASN B 480 -7.50 0.98 18.20
C ASN B 480 -6.22 0.15 18.10
N GLU B 481 -5.04 0.77 18.22
CA GLU B 481 -3.80 0.02 18.06
C GLU B 481 -3.37 -0.85 19.26
N THR B 482 -4.12 -0.82 20.35
CA THR B 482 -3.89 -1.79 21.45
C THR B 482 -4.38 -3.18 21.02
N HIS B 483 -5.38 -3.21 20.15
CA HIS B 483 -5.85 -4.45 19.57
C HIS B 483 -4.90 -4.93 18.47
N PHE B 484 -4.84 -6.25 18.30
CA PHE B 484 -3.99 -6.88 17.32
C PHE B 484 -4.78 -8.03 16.71
N ASP B 485 -5.65 -7.67 15.79
CA ASP B 485 -6.68 -8.60 15.26
C ASP B 485 -6.14 -9.65 14.31
N ALA B 486 -5.02 -9.38 13.67
CA ALA B 486 -4.37 -10.38 12.84
C ALA B 486 -3.89 -11.53 13.71
N GLY B 487 -3.54 -11.21 14.95
CA GLY B 487 -3.04 -12.23 15.88
C GLY B 487 -4.10 -13.18 16.36
N ALA B 488 -5.37 -12.83 16.17
CA ALA B 488 -6.50 -13.72 16.52
C ALA B 488 -6.80 -14.75 15.44
N LYS B 489 -5.97 -14.76 14.39
CA LYS B 489 -6.02 -15.78 13.35
C LYS B 489 -4.84 -16.73 13.56
N PHE B 490 -5.10 -18.03 13.60
CA PHE B 490 -4.10 -19.06 14.03
C PHE B 490 -2.72 -18.92 13.42
N HIS B 491 -2.67 -18.78 12.11
CA HIS B 491 -1.42 -18.83 11.36
C HIS B 491 -0.47 -17.69 11.69
N VAL B 492 -0.97 -16.59 12.24
CA VAL B 492 -0.10 -15.46 12.61
C VAL B 492 0.78 -15.77 13.83
N PRO B 493 0.18 -16.02 15.02
CA PRO B 493 1.04 -16.43 16.15
C PRO B 493 1.82 -17.73 15.94
N ASN B 494 1.29 -18.66 15.14
CA ASN B 494 1.99 -19.93 14.83
C ASN B 494 2.94 -19.82 13.63
N VAL B 495 3.21 -18.58 13.22
CA VAL B 495 4.29 -18.24 12.32
C VAL B 495 4.39 -19.14 11.08
N THR B 496 3.26 -19.35 10.40
CA THR B 496 3.24 -20.21 9.21
C THR B 496 2.52 -19.52 8.03
N PRO B 497 3.06 -19.63 6.81
CA PRO B 497 2.54 -18.76 5.74
C PRO B 497 1.13 -19.10 5.28
N TYR B 498 0.53 -18.15 4.56
CA TYR B 498 -0.88 -18.23 4.17
C TYR B 498 -1.16 -18.16 2.66
N ILE B 499 -0.23 -17.59 1.89
CA ILE B 499 -0.47 -17.40 0.45
C ILE B 499 -0.70 -18.74 -0.29
N ARG B 500 -0.17 -19.83 0.29
CA ARG B 500 -0.44 -21.20 -0.16
C ARG B 500 -1.92 -21.55 -0.30
N TYR B 501 -2.77 -20.90 0.49
CA TYR B 501 -4.19 -21.17 0.43
C TYR B 501 -4.86 -20.46 -0.74
N PHE B 502 -4.47 -19.22 -1.03
CA PHE B 502 -4.96 -18.56 -2.25
C PHE B 502 -4.52 -19.34 -3.52
N VAL B 503 -3.26 -19.76 -3.55
CA VAL B 503 -2.73 -20.56 -4.66
C VAL B 503 -3.50 -21.87 -4.81
N SER B 504 -3.67 -22.57 -3.69
CA SER B 504 -4.42 -23.81 -3.61
C SER B 504 -5.86 -23.72 -4.10
N PHE B 505 -6.52 -22.61 -3.80
CA PHE B 505 -7.94 -22.46 -4.13
C PHE B 505 -8.12 -22.24 -5.62
N VAL B 506 -7.09 -21.70 -6.28
CA VAL B 506 -7.08 -21.61 -7.74
C VAL B 506 -6.63 -22.94 -8.34
N LEU B 507 -5.58 -23.51 -7.77
CA LEU B 507 -4.97 -24.73 -8.27
C LEU B 507 -5.93 -25.93 -8.29
N GLN B 508 -6.74 -26.05 -7.25
CA GLN B 508 -7.61 -27.22 -7.10
C GLN B 508 -8.63 -27.37 -8.24
N PHE B 509 -9.04 -26.26 -8.83
CA PHE B 509 -9.96 -26.33 -9.98
C PHE B 509 -9.25 -26.70 -11.28
N GLN B 510 -7.98 -26.31 -11.40
CA GLN B 510 -7.12 -26.78 -12.50
C GLN B 510 -6.95 -28.29 -12.37
N PHE B 511 -6.66 -28.77 -11.16
CA PHE B 511 -6.51 -30.20 -10.91
C PHE B 511 -7.81 -30.94 -11.20
N HIS B 512 -8.90 -30.33 -10.77
CA HIS B 512 -10.20 -30.96 -10.92
C HIS B 512 -10.54 -31.19 -12.39
N GLU B 513 -10.46 -30.12 -13.20
CA GLU B 513 -10.70 -30.23 -14.63
C GLU B 513 -9.81 -31.30 -15.28
N ALA B 514 -8.53 -31.32 -14.95
CA ALA B 514 -7.60 -32.28 -15.53
C ALA B 514 -7.95 -33.73 -15.16
N LEU B 515 -8.29 -33.95 -13.90
CA LEU B 515 -8.60 -35.30 -13.43
C LEU B 515 -9.94 -35.79 -13.95
N CYS B 516 -10.91 -34.87 -14.05
CA CYS B 516 -12.20 -35.17 -14.63
C CYS B 516 -12.09 -35.57 -16.11
N LYS B 517 -11.27 -34.85 -16.87
CA LYS B 517 -11.04 -35.20 -18.28
C LYS B 517 -10.38 -36.58 -18.40
N GLU B 518 -9.41 -36.84 -17.54
CA GLU B 518 -8.68 -38.10 -17.54
C GLU B 518 -9.54 -39.28 -17.10
N ALA B 519 -10.58 -39.00 -16.33
CA ALA B 519 -11.55 -40.03 -15.96
C ALA B 519 -12.53 -40.34 -17.11
N GLY B 520 -12.41 -39.61 -18.23
CA GLY B 520 -13.30 -39.78 -19.36
C GLY B 520 -14.66 -39.18 -19.10
N TYR B 521 -14.72 -38.24 -18.15
CA TYR B 521 -15.99 -37.60 -17.82
C TYR B 521 -16.33 -36.53 -18.84
N GLU B 522 -17.61 -36.39 -19.13
CA GLU B 522 -18.09 -35.67 -20.31
C GLU B 522 -18.99 -34.49 -20.00
N GLY B 523 -19.70 -34.53 -18.88
CA GLY B 523 -20.70 -33.51 -18.52
C GLY B 523 -20.16 -32.23 -17.88
N PRO B 524 -21.06 -31.46 -17.24
CA PRO B 524 -20.69 -30.24 -16.53
C PRO B 524 -19.60 -30.47 -15.48
N LEU B 525 -18.69 -29.53 -15.38
CA LEU B 525 -17.50 -29.69 -14.54
C LEU B 525 -17.86 -29.75 -13.06
N HIS B 526 -18.84 -28.96 -12.65
CA HIS B 526 -19.29 -28.95 -11.27
C HIS B 526 -20.14 -30.17 -10.89
N GLN B 527 -20.33 -31.10 -11.82
CA GLN B 527 -21.08 -32.34 -11.56
C GLN B 527 -20.21 -33.59 -11.60
N CYS B 528 -18.92 -33.41 -11.88
CA CYS B 528 -17.97 -34.51 -12.00
C CYS B 528 -17.61 -35.15 -10.65
N ASP B 529 -17.45 -36.47 -10.64
CA ASP B 529 -17.00 -37.24 -9.45
C ASP B 529 -15.94 -38.22 -9.96
N ILE B 530 -14.69 -38.06 -9.53
CA ILE B 530 -13.60 -38.96 -9.95
C ILE B 530 -13.47 -40.23 -9.10
N TYR B 531 -14.43 -40.48 -8.23
CA TYR B 531 -14.50 -41.70 -7.43
C TYR B 531 -14.33 -42.94 -8.30
N ARG B 532 -13.36 -43.78 -7.95
CA ARG B 532 -13.10 -45.05 -8.63
C ARG B 532 -12.43 -44.94 -10.00
N SER B 533 -12.06 -43.73 -10.41
CA SER B 533 -11.25 -43.58 -11.61
C SER B 533 -9.79 -43.88 -11.28
N THR B 534 -9.33 -45.05 -11.70
CA THR B 534 -7.93 -45.44 -11.50
C THR B 534 -7.00 -44.61 -12.38
N LYS B 535 -7.48 -44.20 -13.56
CA LYS B 535 -6.72 -43.31 -14.44
C LYS B 535 -6.53 -41.93 -13.82
N ALA B 536 -7.59 -41.36 -13.25
CA ALA B 536 -7.46 -40.08 -12.53
C ALA B 536 -6.45 -40.23 -11.39
N GLY B 537 -6.54 -41.34 -10.66
CA GLY B 537 -5.65 -41.63 -9.53
C GLY B 537 -4.19 -41.78 -9.92
N ALA B 538 -3.95 -42.41 -11.08
CA ALA B 538 -2.60 -42.57 -11.60
C ALA B 538 -1.98 -41.21 -11.97
N LYS B 539 -2.79 -40.37 -12.62
CA LYS B 539 -2.36 -39.03 -13.00
C LYS B 539 -2.02 -38.20 -11.76
N LEU B 540 -2.78 -38.40 -10.69
CA LEU B 540 -2.55 -37.71 -9.43
C LEU B 540 -1.35 -38.29 -8.69
N ARG B 541 -1.15 -39.60 -8.80
CA ARG B 541 -0.04 -40.27 -8.13
C ARG B 541 1.31 -39.76 -8.64
N LYS B 542 1.41 -39.48 -9.94
CA LYS B 542 2.64 -38.97 -10.55
C LYS B 542 3.03 -37.62 -9.94
N VAL B 543 2.04 -36.77 -9.70
CA VAL B 543 2.28 -35.49 -9.02
C VAL B 543 2.79 -35.71 -7.59
N LEU B 544 2.15 -36.61 -6.85
CA LEU B 544 2.50 -36.79 -5.43
C LEU B 544 3.89 -37.39 -5.24
N ARG B 545 4.21 -38.40 -6.03
CA ARG B 545 5.53 -39.04 -5.94
C ARG B 545 6.68 -38.12 -6.32
N ALA B 546 6.41 -37.12 -7.16
CA ALA B 546 7.42 -36.17 -7.61
C ALA B 546 8.04 -35.35 -6.48
N GLY B 547 7.29 -35.19 -5.37
CA GLY B 547 7.71 -34.31 -4.29
C GLY B 547 8.12 -32.93 -4.81
N SER B 548 9.24 -32.43 -4.30
CA SER B 548 9.85 -31.19 -4.81
C SER B 548 11.12 -31.49 -5.61
N SER B 549 11.13 -32.61 -6.35
CA SER B 549 12.29 -32.98 -7.15
C SER B 549 12.33 -32.19 -8.47
N ARG B 550 11.16 -31.91 -9.03
CA ARG B 550 11.03 -31.15 -10.28
C ARG B 550 10.34 -29.80 -10.08
N PRO B 551 10.70 -28.79 -10.91
CA PRO B 551 10.04 -27.50 -10.73
C PRO B 551 8.52 -27.59 -10.94
N TRP B 552 7.77 -26.85 -10.13
CA TRP B 552 6.31 -26.96 -10.10
C TRP B 552 5.66 -26.65 -11.43
N GLN B 553 6.28 -25.76 -12.20
CA GLN B 553 5.77 -25.37 -13.52
C GLN B 553 5.80 -26.55 -14.50
N GLU B 554 6.83 -27.39 -14.38
CA GLU B 554 6.93 -28.64 -15.17
C GLU B 554 5.93 -29.70 -14.72
N VAL B 555 5.88 -29.92 -13.41
CA VAL B 555 4.91 -30.86 -12.82
C VAL B 555 3.50 -30.48 -13.25
N LEU B 556 3.17 -29.19 -13.14
CA LEU B 556 1.84 -28.70 -13.47
C LEU B 556 1.55 -28.92 -14.95
N LYS B 557 2.47 -28.50 -15.82
CA LYS B 557 2.36 -28.71 -17.28
C LYS B 557 2.08 -30.18 -17.62
N ASP B 558 2.83 -31.10 -17.03
CA ASP B 558 2.63 -32.53 -17.25
C ASP B 558 1.21 -32.97 -16.92
N MET B 559 0.69 -32.45 -15.83
CA MET B 559 -0.60 -32.87 -15.32
C MET B 559 -1.78 -32.16 -15.99
N VAL B 560 -1.68 -30.85 -16.14
CA VAL B 560 -2.85 -30.06 -16.54
C VAL B 560 -2.76 -29.52 -17.98
N GLY B 561 -1.59 -29.59 -18.60
CA GLY B 561 -1.41 -29.13 -19.98
C GLY B 561 -0.87 -27.70 -20.12
N LEU B 562 -0.97 -26.94 -19.03
CA LEU B 562 -0.53 -25.57 -18.98
C LEU B 562 0.52 -25.49 -17.87
N ASP B 563 1.47 -24.57 -18.02
CA ASP B 563 2.62 -24.50 -17.10
C ASP B 563 2.50 -23.38 -16.06
N ALA B 564 1.28 -22.91 -15.80
CA ALA B 564 1.11 -21.78 -14.88
C ALA B 564 -0.23 -21.81 -14.17
N LEU B 565 -0.36 -20.97 -13.14
CA LEU B 565 -1.63 -20.79 -12.45
C LEU B 565 -2.62 -20.11 -13.38
N ASP B 566 -3.86 -20.56 -13.34
CA ASP B 566 -4.88 -20.13 -14.30
C ASP B 566 -6.26 -20.16 -13.62
N ALA B 567 -6.99 -19.06 -13.76
CA ALA B 567 -8.30 -18.91 -13.14
C ALA B 567 -9.45 -19.51 -13.96
N GLN B 568 -9.16 -19.91 -15.19
CA GLN B 568 -10.20 -20.29 -16.15
C GLN B 568 -11.01 -21.49 -15.65
N PRO B 569 -10.33 -22.57 -15.21
CA PRO B 569 -11.05 -23.73 -14.64
C PRO B 569 -12.04 -23.36 -13.55
N LEU B 570 -11.62 -22.47 -12.64
CA LEU B 570 -12.48 -21.98 -11.57
C LEU B 570 -13.68 -21.20 -12.09
N LEU B 571 -13.43 -20.27 -13.01
CA LEU B 571 -14.53 -19.51 -13.62
C LEU B 571 -15.52 -20.44 -14.35
N LYS B 572 -14.97 -21.42 -15.05
CA LYS B 572 -15.77 -22.39 -15.79
C LYS B 572 -16.62 -23.26 -14.85
N TYR B 573 -16.04 -23.66 -13.73
CA TYR B 573 -16.77 -24.41 -12.70
C TYR B 573 -17.99 -23.63 -12.20
N PHE B 574 -17.82 -22.35 -11.91
CA PHE B 574 -18.87 -21.52 -11.30
C PHE B 574 -19.75 -20.73 -12.30
N GLN B 575 -19.38 -20.79 -13.58
CA GLN B 575 -20.04 -20.06 -14.69
C GLN B 575 -21.53 -19.74 -14.53
N LEU B 576 -22.34 -20.76 -14.27
CA LEU B 576 -23.78 -20.59 -14.16
C LEU B 576 -24.20 -19.69 -12.99
N VAL B 577 -23.54 -19.86 -11.85
CA VAL B 577 -23.97 -19.13 -10.66
C VAL B 577 -23.47 -17.69 -10.71
N THR B 578 -22.36 -17.48 -11.43
CA THR B 578 -21.87 -16.14 -11.73
C THR B 578 -22.93 -15.33 -12.48
N GLN B 579 -23.42 -15.90 -13.59
CA GLN B 579 -24.48 -15.30 -14.39
C GLN B 579 -25.73 -15.05 -13.53
N TRP B 580 -26.15 -16.07 -12.80
CA TRP B 580 -27.34 -15.97 -11.97
C TRP B 580 -27.24 -14.85 -10.93
N LEU B 581 -26.09 -14.76 -10.25
CA LEU B 581 -25.90 -13.76 -9.19
C LEU B 581 -25.98 -12.33 -9.71
N GLN B 582 -25.35 -12.07 -10.86
CA GLN B 582 -25.46 -10.77 -11.52
C GLN B 582 -26.91 -10.39 -11.75
N GLU B 583 -27.67 -11.35 -12.29
CA GLU B 583 -29.06 -11.12 -12.61
C GLU B 583 -29.84 -10.76 -11.36
N GLN B 584 -29.65 -11.52 -10.27
CA GLN B 584 -30.30 -11.19 -9.00
C GLN B 584 -29.94 -9.79 -8.48
N ASN B 585 -28.67 -9.41 -8.64
CA ASN B 585 -28.18 -8.13 -8.17
C ASN B 585 -28.70 -6.96 -9.01
N GLN B 586 -28.79 -7.14 -10.32
CA GLN B 586 -29.35 -6.12 -11.23
C GLN B 586 -30.83 -5.92 -10.96
N GLN B 587 -31.59 -7.02 -10.93
CA GLN B 587 -33.01 -6.97 -10.55
C GLN B 587 -33.28 -6.33 -9.17
N ASN B 588 -32.39 -6.56 -8.21
CA ASN B 588 -32.56 -5.96 -6.89
C ASN B 588 -31.99 -4.54 -6.81
N GLY B 589 -31.29 -4.12 -7.86
CA GLY B 589 -30.71 -2.78 -7.93
C GLY B 589 -29.52 -2.60 -7.00
N GLU B 590 -28.75 -3.66 -6.81
CA GLU B 590 -27.61 -3.65 -5.88
C GLU B 590 -26.50 -2.77 -6.41
N VAL B 591 -25.74 -2.18 -5.49
CA VAL B 591 -24.48 -1.54 -5.83
C VAL B 591 -23.36 -2.56 -5.57
N LEU B 592 -22.59 -2.89 -6.59
CA LEU B 592 -21.45 -3.79 -6.43
C LEU B 592 -20.29 -3.04 -5.80
N GLY B 593 -19.93 -3.46 -4.59
CA GLY B 593 -18.86 -2.84 -3.84
C GLY B 593 -19.39 -2.26 -2.54
N TRP B 594 -18.53 -1.48 -1.89
CA TRP B 594 -18.86 -0.83 -0.64
C TRP B 594 -18.33 0.62 -0.68
N PRO B 595 -18.96 1.46 -1.54
CA PRO B 595 -18.54 2.86 -1.67
C PRO B 595 -18.59 3.67 -0.37
N GLU B 596 -19.46 3.27 0.57
CA GLU B 596 -19.44 3.84 1.92
C GLU B 596 -18.42 3.11 2.80
N TYR B 597 -17.15 3.24 2.40
CA TYR B 597 -16.02 2.54 3.02
C TYR B 597 -15.81 2.86 4.50
N GLN B 598 -16.28 4.02 4.94
CA GLN B 598 -16.06 4.49 6.33
C GLN B 598 -17.09 3.96 7.33
N TRP B 599 -18.16 3.33 6.84
CA TRP B 599 -19.28 2.95 7.68
C TRP B 599 -18.95 1.79 8.65
N HIS B 600 -19.41 1.94 9.89
CA HIS B 600 -19.39 0.87 10.89
C HIS B 600 -20.77 0.81 11.52
N PRO B 601 -21.20 -0.39 11.94
CA PRO B 601 -22.51 -0.44 12.57
C PRO B 601 -22.47 0.12 14.00
N PRO B 602 -23.62 0.52 14.54
CA PRO B 602 -23.66 0.94 15.94
C PRO B 602 -23.65 -0.25 16.89
N LEU B 603 -23.52 0.01 18.18
CA LEU B 603 -23.62 -1.07 19.17
C LEU B 603 -25.08 -1.40 19.44
N PRO B 604 -25.37 -2.66 19.80
CA PRO B 604 -26.72 -2.96 20.30
C PRO B 604 -26.94 -2.31 21.67
N ASP B 605 -28.19 -2.09 22.03
CA ASP B 605 -28.53 -1.19 23.14
C ASP B 605 -27.91 -1.53 24.51
N ASN B 606 -28.12 -2.75 25.01
CA ASN B 606 -27.70 -3.07 26.37
C ASN B 606 -26.41 -3.87 26.46
N TYR B 607 -25.54 -3.70 25.47
CA TYR B 607 -24.32 -4.49 25.33
C TYR B 607 -23.27 -4.12 26.39
N PRO B 608 -22.68 -5.12 27.09
CA PRO B 608 -22.83 -6.59 26.99
C PRO B 608 -24.06 -7.24 27.64
N GLU B 609 -24.49 -6.77 28.81
CA GLU B 609 -25.58 -7.45 29.57
C GLU B 609 -26.88 -7.69 28.78
N GLY B 610 -27.61 -8.74 29.16
CA GLY B 610 -28.85 -9.10 28.49
C GLY B 610 -28.65 -9.63 27.08
C1 NAG C . -22.23 9.75 0.05
C2 NAG C . -23.40 8.86 -0.38
C3 NAG C . -24.64 9.65 -0.80
C4 NAG C . -24.90 10.86 0.09
C5 NAG C . -23.61 11.63 0.31
C6 NAG C . -23.85 12.88 1.16
C7 NAG C . -23.22 6.80 -1.64
C8 NAG C . -22.72 6.09 -2.86
N2 NAG C . -22.96 8.09 -1.53
O3 NAG C . -25.81 8.84 -0.78
O4 NAG C . -25.90 11.67 -0.51
O5 NAG C . -22.65 10.75 0.92
O6 NAG C . -23.23 12.74 2.42
O7 NAG C . -23.83 6.19 -0.77
C1 FUC C . -24.16 12.23 3.39
C2 FUC C . -23.36 11.45 4.44
C3 FUC C . -23.08 12.16 5.77
C4 FUC C . -23.64 13.60 5.93
C5 FUC C . -24.23 14.21 4.66
C6 FUC C . -25.13 15.42 4.94
O2 FUC C . -22.12 11.10 3.84
O3 FUC C . -23.50 11.32 6.84
O4 FUC C . -24.55 13.70 7.03
O5 FUC C . -24.98 13.23 3.95
C1 NAG D . -11.50 38.33 -21.81
C2 NAG D . -10.98 39.72 -22.21
C3 NAG D . -11.80 40.34 -23.34
C4 NAG D . -12.04 39.37 -24.50
C5 NAG D . -12.42 37.98 -23.99
C6 NAG D . -12.45 36.91 -25.07
C7 NAG D . -9.74 41.14 -20.63
C8 NAG D . -9.80 42.05 -19.44
N2 NAG D . -10.90 40.62 -21.07
O3 NAG D . -11.14 41.49 -23.82
O4 NAG D . -13.11 39.87 -25.27
O5 NAG D . -11.54 37.53 -22.98
O6 NAG D . -12.93 35.72 -24.49
O7 NAG D . -8.66 40.91 -21.15
C1 NAG D . -12.73 40.38 -26.58
C2 NAG D . -13.97 40.30 -27.45
C3 NAG D . -13.69 40.83 -28.85
C4 NAG D . -13.13 42.24 -28.76
C5 NAG D . -11.92 42.25 -27.82
C6 NAG D . -11.29 43.65 -27.67
C7 NAG D . -15.66 38.59 -26.93
C8 NAG D . -16.12 37.17 -27.07
N2 NAG D . -14.51 38.95 -27.52
O3 NAG D . -14.88 40.85 -29.61
O4 NAG D . -12.82 42.70 -30.07
O5 NAG D . -12.26 41.72 -26.54
O6 NAG D . -11.76 44.34 -26.53
O7 NAG D . -16.35 39.39 -26.30
C1 NAG E . 23.05 34.74 19.19
C2 NAG E . 23.88 35.30 18.05
C3 NAG E . 24.81 34.25 17.45
C4 NAG E . 25.62 33.54 18.51
C5 NAG E . 24.67 33.07 19.62
C6 NAG E . 25.49 32.47 20.75
C7 NAG E . 22.89 37.00 16.59
C8 NAG E . 21.90 37.26 15.50
N2 NAG E . 22.99 35.73 17.00
O3 NAG E . 25.69 34.87 16.55
O4 NAG E . 26.26 32.40 17.96
O5 NAG E . 23.90 34.15 20.14
O6 NAG E . 26.53 33.38 21.06
O7 NAG E . 23.57 37.92 17.06
C1 NAG E . 27.70 32.42 18.05
C2 NAG E . 28.24 31.00 17.80
C3 NAG E . 29.76 30.98 17.80
C4 NAG E . 30.36 32.10 16.95
C5 NAG E . 29.68 33.44 17.25
C6 NAG E . 30.17 34.55 16.32
C7 NAG E . 27.07 28.96 18.51
C8 NAG E . 26.59 28.14 19.67
N2 NAG E . 27.72 30.09 18.80
O3 NAG E . 30.21 29.74 17.29
O4 NAG E . 31.76 32.20 17.17
O5 NAG E . 28.28 33.31 17.13
O6 NAG E . 29.42 34.52 15.15
O7 NAG E . 26.84 28.57 17.36
C1 BMA E . 32.54 31.79 16.03
C2 BMA E . 33.75 32.72 15.85
C3 BMA E . 34.75 32.22 14.79
C4 BMA E . 34.91 30.70 14.75
C5 BMA E . 33.60 29.95 14.97
C6 BMA E . 33.80 28.45 15.08
O2 BMA E . 34.44 32.88 17.10
O3 BMA E . 36.04 32.82 15.03
O4 BMA E . 35.41 30.35 13.46
O5 BMA E . 32.98 30.43 16.16
O6 BMA E . 32.61 27.78 14.62
C1 FUC E . 27.48 32.78 21.96
C2 FUC E . 28.58 33.81 22.23
C3 FUC E . 27.97 34.99 22.96
C4 FUC E . 27.17 34.57 24.20
C5 FUC E . 26.22 33.41 23.87
C6 FUC E . 25.60 32.77 25.11
O2 FUC E . 29.14 34.21 20.99
O3 FUC E . 28.99 35.91 23.31
O4 FUC E . 28.05 34.21 25.25
O5 FUC E . 26.93 32.39 23.19
C1 NAG F . 1.25 -34.36 29.53
C2 NAG F . 1.13 -35.85 29.89
C3 NAG F . 1.85 -36.23 31.18
C4 NAG F . 3.15 -35.45 31.43
C5 NAG F . 3.05 -34.00 30.98
C6 NAG F . 4.38 -33.25 31.07
C7 NAG F . -0.82 -37.09 29.07
C8 NAG F . -2.27 -37.46 29.26
N2 NAG F . -0.27 -36.27 29.96
O3 NAG F . 2.15 -37.61 31.15
O4 NAG F . 3.40 -35.44 32.82
O5 NAG F . 2.60 -33.99 29.65
O6 NAG F . 4.12 -31.88 31.22
O7 NAG F . -0.22 -37.55 28.10
C1 NAG F . 4.45 -36.35 33.19
C2 NAG F . 4.81 -36.02 34.62
C3 NAG F . 5.77 -37.03 35.27
C4 NAG F . 5.45 -38.47 34.89
C5 NAG F . 5.10 -38.62 33.40
C6 NAG F . 4.66 -40.03 33.04
C7 NAG F . 4.75 -33.62 35.12
C8 NAG F . 5.45 -32.29 35.06
N2 NAG F . 5.39 -34.69 34.63
O3 NAG F . 5.68 -36.89 36.67
O4 NAG F . 6.57 -39.28 35.14
O5 NAG F . 4.06 -37.72 33.07
O6 NAG F . 3.62 -40.47 33.90
O7 NAG F . 3.64 -33.68 35.62
C1 NAG G . -27.90 -32.91 -15.93
C2 NAG G . -26.90 -33.95 -16.47
C3 NAG G . -25.92 -33.33 -17.45
C4 NAG G . -26.62 -32.48 -18.51
C5 NAG G . -27.57 -31.48 -17.83
C6 NAG G . -28.40 -30.63 -18.78
C7 NAG G . -26.54 -35.46 -14.55
C8 NAG G . -25.56 -36.00 -13.55
N2 NAG G . -26.09 -34.56 -15.42
O3 NAG G . -25.15 -34.37 -18.01
O4 NAG G . -25.63 -31.81 -19.27
O5 NAG G . -28.47 -32.17 -16.99
O6 NAG G . -28.94 -29.51 -18.09
O7 NAG G . -27.70 -35.87 -14.52
C1 NAG G . -25.29 -32.53 -20.48
C2 NAG G . -24.27 -31.73 -21.30
C3 NAG G . -23.75 -32.51 -22.51
C4 NAG G . -23.34 -33.94 -22.14
C5 NAG G . -24.52 -34.58 -21.40
C6 NAG G . -24.29 -36.05 -21.02
C7 NAG G . -24.84 -29.35 -21.04
C8 NAG G . -25.48 -28.13 -21.64
N2 NAG G . -24.85 -30.47 -21.76
O3 NAG G . -22.65 -31.84 -23.09
O4 NAG G . -23.05 -34.69 -23.32
O5 NAG G . -24.77 -33.83 -20.22
O6 NAG G . -22.96 -36.28 -20.59
O7 NAG G . -24.33 -29.28 -19.92
C1 BMA G . -21.66 -34.81 -23.66
C2 BMA G . -21.47 -36.20 -24.28
C3 BMA G . -20.32 -36.31 -25.27
C4 BMA G . -20.26 -35.09 -26.17
C5 BMA G . -20.07 -33.86 -25.28
C6 BMA G . -19.87 -32.60 -26.12
O2 BMA G . -22.68 -36.60 -24.95
O3 BMA G . -20.45 -37.51 -26.08
O4 BMA G . -19.20 -35.23 -27.11
O5 BMA G . -21.23 -33.69 -24.46
O6 BMA G . -19.54 -31.49 -25.27
C1 PEG H . 3.11 26.23 -15.69
O1 PEG H . 2.59 25.07 -16.34
C2 PEG H . 2.38 27.49 -16.14
O2 PEG H . 2.42 27.59 -17.56
C3 PEG H . 1.19 27.34 -18.26
C4 PEG H . 1.25 26.02 -19.03
O4 PEG H . 0.37 25.07 -18.42
C1 PEG I . 2.95 38.09 -24.75
O1 PEG I . 2.96 39.48 -25.08
C2 PEG I . 1.54 37.55 -24.90
O2 PEG I . 0.84 37.63 -23.65
C3 PEG I . -0.47 38.20 -23.73
C4 PEG I . -0.39 39.72 -23.80
O4 PEG I . -0.89 40.32 -22.59
C1 PEG J . 13.51 5.76 -23.22
O1 PEG J . 13.32 7.07 -22.68
C2 PEG J . 12.31 4.89 -22.91
O2 PEG J . 12.09 4.85 -21.49
C3 PEG J . 10.92 4.09 -21.15
C4 PEG J . 11.16 3.37 -19.84
O4 PEG J . 12.20 2.41 -20.04
O1 P6G K . -0.46 23.30 29.38
C2 P6G K . 0.73 22.59 28.99
C3 P6G K . 0.44 21.66 27.81
O4 P6G K . 0.23 22.45 26.64
C5 P6G K . 1.23 22.30 25.62
C6 P6G K . 0.77 22.98 24.33
O7 P6G K . 1.60 24.12 24.09
C8 P6G K . 0.96 25.28 23.57
C9 P6G K . 1.78 26.51 23.96
O10 P6G K . 1.12 27.27 24.98
C11 P6G K . 2.03 27.98 25.81
C12 P6G K . 1.32 29.16 26.47
O13 P6G K . 0.16 28.70 27.15
NAS 1IU L . 8.55 26.72 -13.60
NAR 1IU L . 9.54 26.19 -14.09
NAW 1IU L . 9.76 25.05 -13.54
NAT 1IU L . 8.92 24.81 -12.69
CBB 1IU L . 8.12 25.86 -12.68
CAP 1IU L . 6.89 26.01 -11.78
CBE 1IU L . 5.96 27.07 -12.32
NAD 1IU L . 5.48 26.80 -13.67
CAZ 1IU L . 4.71 27.30 -11.43
OAG 1IU L . 4.06 28.30 -11.67
NAV 1IU L . 4.40 26.43 -10.44
CBF 1IU L . 3.29 26.73 -9.52
CAO 1IU L . 2.27 25.61 -9.41
CBA 1IU L . 1.64 25.44 -10.67
CAM 1IU L . 1.93 24.33 -11.48
CAK 1IU L . 1.29 24.18 -12.71
CAJ 1IU L . 0.34 25.10 -13.16
CAL 1IU L . 0.05 26.19 -12.35
CAN 1IU L . 0.68 26.35 -11.12
PBG 1IU L . 4.11 27.08 -7.87
OAI 1IU L . 5.05 28.32 -8.11
OAH 1IU L . 4.94 25.93 -7.43
CAQ 1IU L . 2.80 27.63 -6.83
CBC 1IU L . 3.16 27.29 -5.36
CAA 1IU L . 2.49 28.32 -4.41
CAY 1IU L . 2.65 25.89 -4.93
OAF 1IU L . 1.77 25.29 -5.54
N 1IU L . 3.22 25.47 -3.78
CA 1IU L . 2.90 24.18 -3.15
CB 1IU L . 3.89 23.89 -2.01
C 1IU L . 1.46 24.16 -2.60
O 1IU L . 0.83 23.10 -2.57
NAC 1IU L . 0.94 25.33 -2.20
ZN ZN M . 6.75 26.72 -7.22
CL CL N . 8.16 16.34 -9.91
C1 PEG O . 4.26 -29.88 12.73
O1 PEG O . 2.99 -29.20 12.62
C2 PEG O . 5.39 -28.89 12.92
O2 PEG O . 5.79 -28.39 11.64
C3 PEG O . 5.07 -27.24 11.16
C4 PEG O . 3.93 -27.70 10.24
O4 PEG O . 4.06 -27.08 8.96
O1 PG4 P . -0.18 -3.46 4.00
C1 PG4 P . -1.45 -2.80 3.93
C2 PG4 P . -1.26 -1.33 3.63
O2 PG4 P . -1.66 -1.05 2.29
C3 PG4 P . -1.20 0.22 1.83
C4 PG4 P . -2.30 0.86 1.01
O3 PG4 P . -1.73 1.83 0.12
C5 PG4 P . -2.73 2.57 -0.56
C6 PG4 P . -2.13 3.88 -1.06
O4 PG4 P . -1.56 3.70 -2.35
O1 P6G Q . -20.36 -44.96 7.27
C2 P6G Q . -21.70 -44.62 7.65
C3 P6G Q . -21.76 -44.12 9.10
O4 P6G Q . -22.94 -44.63 9.71
C5 P6G Q . -23.23 -44.18 11.04
C6 P6G Q . -22.37 -44.89 12.09
O7 P6G Q . -23.03 -46.01 12.69
C8 P6G Q . -22.30 -46.61 13.77
C9 P6G Q . -21.40 -47.74 13.28
O10 P6G Q . -20.50 -48.17 14.29
C11 P6G Q . -19.08 -48.15 14.05
C12 P6G Q . -18.62 -48.92 12.81
O13 P6G Q . -17.59 -48.18 12.14
C14 P6G Q . -16.80 -48.95 11.20
C15 P6G Q . -16.56 -48.21 9.88
O16 P6G Q . -15.75 -49.01 9.00
C17 P6G Q . -14.32 -48.84 9.13
C18 P6G Q . -13.55 -50.16 9.05
O19 P6G Q . -12.69 -50.34 10.21
C1 PEG R . -16.94 -45.96 3.54
O1 PEG R . -16.09 -47.01 3.97
C2 PEG R . -17.58 -46.34 2.21
O2 PEG R . -18.74 -45.52 2.02
C3 PEG R . -19.93 -46.10 2.54
C4 PEG R . -20.96 -45.02 2.81
O4 PEG R . -21.30 -45.00 4.20
NAS 1IU S . 2.41 -28.82 4.09
NAR 1IU S . 3.41 -29.55 3.78
NAW 1IU S . 3.51 -30.54 4.63
NAT 1IU S . 2.60 -30.47 5.50
CBB 1IU S . 1.88 -29.38 5.18
CAP 1IU S . 0.68 -28.86 5.94
CBE 1IU S . 0.72 -29.35 7.40
NAD 1IU S . 2.01 -29.15 8.03
CAZ 1IU S . -0.39 -28.74 8.28
OAG 1IU S . -0.73 -29.40 9.26
NAV 1IU S . -0.95 -27.56 7.93
CBF 1IU S . -2.11 -27.04 8.69
CAO 1IU S . -1.88 -25.60 9.14
CBA 1IU S . -0.85 -25.63 10.12
CAM 1IU S . 0.45 -25.23 9.80
CAK 1IU S . 1.44 -25.27 10.77
CAJ 1IU S . 1.16 -25.66 12.08
CAL 1IU S . -0.14 -26.04 12.40
CAN 1IU S . -1.13 -26.03 11.42
PBG 1IU S . -3.62 -27.19 7.55
OAI 1IU S . -3.71 -28.67 7.06
OAH 1IU S . -3.54 -26.30 6.32
CAQ 1IU S . -5.09 -26.89 8.55
CBC 1IU S . -6.16 -26.25 7.62
CAA 1IU S . -7.56 -26.55 8.22
CAY 1IU S . -6.04 -24.71 7.43
OAF 1IU S . -5.33 -24.01 8.15
N 1IU S . -6.82 -24.19 6.50
CA 1IU S . -6.89 -22.74 6.25
CB 1IU S . -7.74 -22.45 5.01
C 1IU S . -7.52 -22.01 7.45
O 1IU S . -7.16 -20.88 7.78
NAC 1IU S . -8.50 -22.67 8.06
C1 NAG T . -8.79 0.56 22.88
C2 NAG T . -8.33 1.95 23.16
C3 NAG T . -8.59 2.11 24.66
C4 NAG T . -9.93 1.61 25.24
C5 NAG T . -10.43 0.32 24.58
C6 NAG T . -11.92 0.08 24.88
C7 NAG T . -6.27 3.25 23.20
C8 NAG T . -4.76 3.25 23.21
N2 NAG T . -6.88 2.07 23.15
O3 NAG T . -8.43 3.44 25.09
O4 NAG T . -9.72 1.37 26.63
O5 NAG T . -10.17 0.39 23.19
O6 NAG T . -12.76 0.46 23.82
O7 NAG T . -6.88 4.31 23.19
ZN ZN U . -3.51 -27.77 4.81
CL CL V . 3.33 -20.52 1.27
#